data_2AF0
# 
_entry.id   2AF0 
# 
_audit_conform.dict_name       mmcif_pdbx.dic 
_audit_conform.dict_version    5.388 
_audit_conform.dict_location   http://mmcif.pdb.org/dictionaries/ascii/mmcif_pdbx.dic 
# 
loop_
_database_2.database_id 
_database_2.database_code 
_database_2.pdbx_database_accession 
_database_2.pdbx_DOI 
PDB   2AF0         pdb_00002af0 10.2210/pdb2af0/pdb 
RCSB  RCSB033815   ?            ?                   
WWPDB D_1000033815 ?            ?                   
# 
loop_
_pdbx_audit_revision_history.ordinal 
_pdbx_audit_revision_history.data_content_type 
_pdbx_audit_revision_history.major_revision 
_pdbx_audit_revision_history.minor_revision 
_pdbx_audit_revision_history.revision_date 
1 'Structure model' 1 0 2005-08-02 
2 'Structure model' 1 1 2008-04-30 
3 'Structure model' 1 2 2011-07-13 
4 'Structure model' 1 3 2024-03-13 
# 
_pdbx_audit_revision_details.ordinal             1 
_pdbx_audit_revision_details.revision_ordinal    1 
_pdbx_audit_revision_details.data_content_type   'Structure model' 
_pdbx_audit_revision_details.provider            repository 
_pdbx_audit_revision_details.type                'Initial release' 
_pdbx_audit_revision_details.description         ? 
_pdbx_audit_revision_details.details             ? 
# 
loop_
_pdbx_audit_revision_group.ordinal 
_pdbx_audit_revision_group.revision_ordinal 
_pdbx_audit_revision_group.data_content_type 
_pdbx_audit_revision_group.group 
1 2 'Structure model' 'Version format compliance' 
2 3 'Structure model' 'Version format compliance' 
3 4 'Structure model' 'Data collection'           
4 4 'Structure model' 'Database references'       
# 
loop_
_pdbx_audit_revision_category.ordinal 
_pdbx_audit_revision_category.revision_ordinal 
_pdbx_audit_revision_category.data_content_type 
_pdbx_audit_revision_category.category 
1 4 'Structure model' chem_comp_atom     
2 4 'Structure model' chem_comp_bond     
3 4 'Structure model' database_2         
4 4 'Structure model' struct_ref_seq_dif 
# 
loop_
_pdbx_audit_revision_item.ordinal 
_pdbx_audit_revision_item.revision_ordinal 
_pdbx_audit_revision_item.data_content_type 
_pdbx_audit_revision_item.item 
1 4 'Structure model' '_database_2.pdbx_DOI'                
2 4 'Structure model' '_database_2.pdbx_database_accession' 
3 4 'Structure model' '_struct_ref_seq_dif.details'         
# 
_pdbx_database_status.status_code                     REL 
_pdbx_database_status.entry_id                        2AF0 
_pdbx_database_status.recvd_initial_deposition_date   2005-07-25 
_pdbx_database_status.deposit_site                    RCSB 
_pdbx_database_status.process_site                    PDBJ 
_pdbx_database_status.status_code_sf                  REL 
_pdbx_database_status.status_code_mr                  ? 
_pdbx_database_status.SG_entry                        Y 
_pdbx_database_status.pdb_format_compatible           Y 
_pdbx_database_status.status_code_cs                  ? 
_pdbx_database_status.status_code_nmr_data            ? 
_pdbx_database_status.methods_development_category    ? 
# 
loop_
_audit_author.name 
_audit_author.pdbx_ordinal 
'Papagrigoriou, E.'                    1  
'Johannson, C.'                        2  
'Phillips, C.'                         3  
'Smee, C.'                             4  
'Elkins, J.M.'                         5  
'Weigelt, J.'                          6  
'Arrowsmith, C.'                       7  
'Edwards, A.'                          8  
'Sundstrom, M.'                        9  
'Von Delft, F.'                        10 
'Doyle, D.A.'                          11 
'Structural Genomics Consortium (SGC)' 12 
# 
_citation.id                        primary 
_citation.title                     
'Structural diversity in the RGS domain and its interaction with heterotrimeric G protein alpha-subunits.' 
_citation.journal_abbrev            Proc.Natl.Acad.Sci.Usa 
_citation.journal_volume            105 
_citation.page_first                6457 
_citation.page_last                 6462 
_citation.year                      2008 
_citation.journal_id_ASTM           PNASA6 
_citation.country                   US 
_citation.journal_id_ISSN           0027-8424 
_citation.journal_id_CSD            0040 
_citation.book_publisher            ? 
_citation.pdbx_database_id_PubMed   18434541 
_citation.pdbx_database_id_DOI      10.1073/pnas.0801508105 
# 
loop_
_citation_author.citation_id 
_citation_author.name 
_citation_author.ordinal 
_citation_author.identifier_ORCID 
primary 'Soundararajan, M.' 1  ? 
primary 'Willard, F.S.'     2  ? 
primary 'Kimple, A.J.'      3  ? 
primary 'Turnbull, A.P.'    4  ? 
primary 'Ball, L.J.'        5  ? 
primary 'Schoch, G.A.'      6  ? 
primary 'Gileadi, C.'       7  ? 
primary 'Fedorov, O.Y.'     8  ? 
primary 'Dowler, E.F.'      9  ? 
primary 'Higman, V.A.'      10 ? 
primary 'Hutsell, S.Q.'     11 ? 
primary 'Sundstrom, M.'     12 ? 
primary 'Doyle, D.A.'       13 ? 
primary 'Siderovski, D.P.'  14 ? 
# 
loop_
_entity.id 
_entity.type 
_entity.src_method 
_entity.pdbx_description 
_entity.formula_weight 
_entity.pdbx_number_of_molecules 
_entity.pdbx_ec 
_entity.pdbx_mutation 
_entity.pdbx_fragment 
_entity.details 
1 polymer man 'Regulator of G-protein signaling 2' 16994.148 1  ? ? 'residues 71-203' ? 
2 water   nat water                                18.015    17 ? ? ?                 ? 
# 
_entity_name_com.entity_id   1 
_entity_name_com.name        'RGS2, G0/G1 switch regulatory protein 8' 
# 
_entity_poly.entity_id                      1 
_entity_poly.type                           'polypeptide(L)' 
_entity_poly.nstd_linkage                   no 
_entity_poly.nstd_monomer                   no 
_entity_poly.pdbx_seq_one_letter_code       
;ADLGTENLYFQSMKPSPEEAQLWSEAFDELLASKYGLAAFRAFLKSEFCEENIEFWLACEDFKKTKSPQKLSSKARKIYT
DFIEKEAPKEINIDFQTKTLIAQNIQEATSGCFTTAQKRVYSLMENNSYPRFLESEFYQDLCKKPQ
;
_entity_poly.pdbx_seq_one_letter_code_can   
;ADLGTENLYFQSMKPSPEEAQLWSEAFDELLASKYGLAAFRAFLKSEFCEENIEFWLACEDFKKTKSPQKLSSKARKIYT
DFIEKEAPKEINIDFQTKTLIAQNIQEATSGCFTTAQKRVYSLMENNSYPRFLESEFYQDLCKKPQ
;
_entity_poly.pdbx_strand_id                 A 
_entity_poly.pdbx_target_identifier         ? 
# 
_pdbx_entity_nonpoly.entity_id   2 
_pdbx_entity_nonpoly.name        water 
_pdbx_entity_nonpoly.comp_id     HOH 
# 
loop_
_entity_poly_seq.entity_id 
_entity_poly_seq.num 
_entity_poly_seq.mon_id 
_entity_poly_seq.hetero 
1 1   ALA n 
1 2   ASP n 
1 3   LEU n 
1 4   GLY n 
1 5   THR n 
1 6   GLU n 
1 7   ASN n 
1 8   LEU n 
1 9   TYR n 
1 10  PHE n 
1 11  GLN n 
1 12  SER n 
1 13  MET n 
1 14  LYS n 
1 15  PRO n 
1 16  SER n 
1 17  PRO n 
1 18  GLU n 
1 19  GLU n 
1 20  ALA n 
1 21  GLN n 
1 22  LEU n 
1 23  TRP n 
1 24  SER n 
1 25  GLU n 
1 26  ALA n 
1 27  PHE n 
1 28  ASP n 
1 29  GLU n 
1 30  LEU n 
1 31  LEU n 
1 32  ALA n 
1 33  SER n 
1 34  LYS n 
1 35  TYR n 
1 36  GLY n 
1 37  LEU n 
1 38  ALA n 
1 39  ALA n 
1 40  PHE n 
1 41  ARG n 
1 42  ALA n 
1 43  PHE n 
1 44  LEU n 
1 45  LYS n 
1 46  SER n 
1 47  GLU n 
1 48  PHE n 
1 49  CYS n 
1 50  GLU n 
1 51  GLU n 
1 52  ASN n 
1 53  ILE n 
1 54  GLU n 
1 55  PHE n 
1 56  TRP n 
1 57  LEU n 
1 58  ALA n 
1 59  CYS n 
1 60  GLU n 
1 61  ASP n 
1 62  PHE n 
1 63  LYS n 
1 64  LYS n 
1 65  THR n 
1 66  LYS n 
1 67  SER n 
1 68  PRO n 
1 69  GLN n 
1 70  LYS n 
1 71  LEU n 
1 72  SER n 
1 73  SER n 
1 74  LYS n 
1 75  ALA n 
1 76  ARG n 
1 77  LYS n 
1 78  ILE n 
1 79  TYR n 
1 80  THR n 
1 81  ASP n 
1 82  PHE n 
1 83  ILE n 
1 84  GLU n 
1 85  LYS n 
1 86  GLU n 
1 87  ALA n 
1 88  PRO n 
1 89  LYS n 
1 90  GLU n 
1 91  ILE n 
1 92  ASN n 
1 93  ILE n 
1 94  ASP n 
1 95  PHE n 
1 96  GLN n 
1 97  THR n 
1 98  LYS n 
1 99  THR n 
1 100 LEU n 
1 101 ILE n 
1 102 ALA n 
1 103 GLN n 
1 104 ASN n 
1 105 ILE n 
1 106 GLN n 
1 107 GLU n 
1 108 ALA n 
1 109 THR n 
1 110 SER n 
1 111 GLY n 
1 112 CYS n 
1 113 PHE n 
1 114 THR n 
1 115 THR n 
1 116 ALA n 
1 117 GLN n 
1 118 LYS n 
1 119 ARG n 
1 120 VAL n 
1 121 TYR n 
1 122 SER n 
1 123 LEU n 
1 124 MET n 
1 125 GLU n 
1 126 ASN n 
1 127 ASN n 
1 128 SER n 
1 129 TYR n 
1 130 PRO n 
1 131 ARG n 
1 132 PHE n 
1 133 LEU n 
1 134 GLU n 
1 135 SER n 
1 136 GLU n 
1 137 PHE n 
1 138 TYR n 
1 139 GLN n 
1 140 ASP n 
1 141 LEU n 
1 142 CYS n 
1 143 LYS n 
1 144 LYS n 
1 145 PRO n 
1 146 GLN n 
# 
_entity_src_gen.entity_id                          1 
_entity_src_gen.pdbx_src_id                        1 
_entity_src_gen.pdbx_alt_source_flag               sample 
_entity_src_gen.pdbx_seq_type                      ? 
_entity_src_gen.pdbx_beg_seq_num                   ? 
_entity_src_gen.pdbx_end_seq_num                   ? 
_entity_src_gen.gene_src_common_name               human 
_entity_src_gen.gene_src_genus                     Homo 
_entity_src_gen.pdbx_gene_src_gene                 ? 
_entity_src_gen.gene_src_species                   ? 
_entity_src_gen.gene_src_strain                    ? 
_entity_src_gen.gene_src_tissue                    ? 
_entity_src_gen.gene_src_tissue_fraction           ? 
_entity_src_gen.gene_src_details                   ? 
_entity_src_gen.pdbx_gene_src_fragment             ? 
_entity_src_gen.pdbx_gene_src_scientific_name      'Homo sapiens' 
_entity_src_gen.pdbx_gene_src_ncbi_taxonomy_id     9606 
_entity_src_gen.pdbx_gene_src_variant              ? 
_entity_src_gen.pdbx_gene_src_cell_line            ? 
_entity_src_gen.pdbx_gene_src_atcc                 ? 
_entity_src_gen.pdbx_gene_src_organ                ? 
_entity_src_gen.pdbx_gene_src_organelle            ? 
_entity_src_gen.pdbx_gene_src_cell                 ? 
_entity_src_gen.pdbx_gene_src_cellular_location    ? 
_entity_src_gen.host_org_common_name               ? 
_entity_src_gen.pdbx_host_org_scientific_name      'Escherichia coli' 
_entity_src_gen.pdbx_host_org_ncbi_taxonomy_id     562 
_entity_src_gen.host_org_genus                     Escherichia 
_entity_src_gen.pdbx_host_org_gene                 ? 
_entity_src_gen.pdbx_host_org_organ                ? 
_entity_src_gen.host_org_species                   ? 
_entity_src_gen.pdbx_host_org_tissue               ? 
_entity_src_gen.pdbx_host_org_tissue_fraction      ? 
_entity_src_gen.pdbx_host_org_strain               ? 
_entity_src_gen.pdbx_host_org_variant              ? 
_entity_src_gen.pdbx_host_org_cell_line            ? 
_entity_src_gen.pdbx_host_org_atcc                 ? 
_entity_src_gen.pdbx_host_org_culture_collection   ? 
_entity_src_gen.pdbx_host_org_cell                 ? 
_entity_src_gen.pdbx_host_org_organelle            ? 
_entity_src_gen.pdbx_host_org_cellular_location    ? 
_entity_src_gen.pdbx_host_org_vector_type          ? 
_entity_src_gen.pdbx_host_org_vector               ? 
_entity_src_gen.host_org_details                   ? 
_entity_src_gen.expression_system_id               ? 
_entity_src_gen.plasmid_name                       ? 
_entity_src_gen.plasmid_details                    ? 
_entity_src_gen.pdbx_description                   ? 
# 
loop_
_chem_comp.id 
_chem_comp.type 
_chem_comp.mon_nstd_flag 
_chem_comp.name 
_chem_comp.pdbx_synonyms 
_chem_comp.formula 
_chem_comp.formula_weight 
ALA 'L-peptide linking' y ALANINE         ? 'C3 H7 N O2'     89.093  
ARG 'L-peptide linking' y ARGININE        ? 'C6 H15 N4 O2 1' 175.209 
ASN 'L-peptide linking' y ASPARAGINE      ? 'C4 H8 N2 O3'    132.118 
ASP 'L-peptide linking' y 'ASPARTIC ACID' ? 'C4 H7 N O4'     133.103 
CYS 'L-peptide linking' y CYSTEINE        ? 'C3 H7 N O2 S'   121.158 
GLN 'L-peptide linking' y GLUTAMINE       ? 'C5 H10 N2 O3'   146.144 
GLU 'L-peptide linking' y 'GLUTAMIC ACID' ? 'C5 H9 N O4'     147.129 
GLY 'peptide linking'   y GLYCINE         ? 'C2 H5 N O2'     75.067  
HOH non-polymer         . WATER           ? 'H2 O'           18.015  
ILE 'L-peptide linking' y ISOLEUCINE      ? 'C6 H13 N O2'    131.173 
LEU 'L-peptide linking' y LEUCINE         ? 'C6 H13 N O2'    131.173 
LYS 'L-peptide linking' y LYSINE          ? 'C6 H15 N2 O2 1' 147.195 
MET 'L-peptide linking' y METHIONINE      ? 'C5 H11 N O2 S'  149.211 
PHE 'L-peptide linking' y PHENYLALANINE   ? 'C9 H11 N O2'    165.189 
PRO 'L-peptide linking' y PROLINE         ? 'C5 H9 N O2'     115.130 
SER 'L-peptide linking' y SERINE          ? 'C3 H7 N O3'     105.093 
THR 'L-peptide linking' y THREONINE       ? 'C4 H9 N O3'     119.119 
TRP 'L-peptide linking' y TRYPTOPHAN      ? 'C11 H12 N2 O2'  204.225 
TYR 'L-peptide linking' y TYROSINE        ? 'C9 H11 N O3'    181.189 
VAL 'L-peptide linking' y VALINE          ? 'C5 H11 N O2'    117.146 
# 
loop_
_pdbx_poly_seq_scheme.asym_id 
_pdbx_poly_seq_scheme.entity_id 
_pdbx_poly_seq_scheme.seq_id 
_pdbx_poly_seq_scheme.mon_id 
_pdbx_poly_seq_scheme.ndb_seq_num 
_pdbx_poly_seq_scheme.pdb_seq_num 
_pdbx_poly_seq_scheme.auth_seq_num 
_pdbx_poly_seq_scheme.pdb_mon_id 
_pdbx_poly_seq_scheme.auth_mon_id 
_pdbx_poly_seq_scheme.pdb_strand_id 
_pdbx_poly_seq_scheme.pdb_ins_code 
_pdbx_poly_seq_scheme.hetero 
A 1 1   ALA 1   58  58  ALA ALA A . n 
A 1 2   ASP 2   59  59  ASP ASP A . n 
A 1 3   LEU 3   60  60  LEU LEU A . n 
A 1 4   GLY 4   61  61  GLY GLY A . n 
A 1 5   THR 5   62  62  THR THR A . n 
A 1 6   GLU 6   63  63  GLU GLU A . n 
A 1 7   ASN 7   64  64  ASN ASN A . n 
A 1 8   LEU 8   65  65  LEU LEU A . n 
A 1 9   TYR 9   66  66  TYR TYR A . n 
A 1 10  PHE 10  67  67  PHE PHE A . n 
A 1 11  GLN 11  68  68  GLN GLN A . n 
A 1 12  SER 12  69  69  SER SER A . n 
A 1 13  MET 13  70  70  MET MET A . n 
A 1 14  LYS 14  71  71  LYS LYS A . n 
A 1 15  PRO 15  72  72  PRO PRO A . n 
A 1 16  SER 16  73  73  SER SER A . n 
A 1 17  PRO 17  74  74  PRO PRO A . n 
A 1 18  GLU 18  75  75  GLU GLU A . n 
A 1 19  GLU 19  76  76  GLU GLU A . n 
A 1 20  ALA 20  77  77  ALA ALA A . n 
A 1 21  GLN 21  78  78  GLN GLN A . n 
A 1 22  LEU 22  79  79  LEU LEU A . n 
A 1 23  TRP 23  80  80  TRP TRP A . n 
A 1 24  SER 24  81  81  SER SER A . n 
A 1 25  GLU 25  82  82  GLU GLU A . n 
A 1 26  ALA 26  83  83  ALA ALA A . n 
A 1 27  PHE 27  84  84  PHE PHE A . n 
A 1 28  ASP 28  85  85  ASP ASP A . n 
A 1 29  GLU 29  86  86  GLU GLU A . n 
A 1 30  LEU 30  87  87  LEU LEU A . n 
A 1 31  LEU 31  88  88  LEU LEU A . n 
A 1 32  ALA 32  89  89  ALA ALA A . n 
A 1 33  SER 33  90  90  SER SER A . n 
A 1 34  LYS 34  91  91  LYS LYS A . n 
A 1 35  TYR 35  92  92  TYR TYR A . n 
A 1 36  GLY 36  93  93  GLY GLY A . n 
A 1 37  LEU 37  94  94  LEU LEU A . n 
A 1 38  ALA 38  95  95  ALA ALA A . n 
A 1 39  ALA 39  96  96  ALA ALA A . n 
A 1 40  PHE 40  97  97  PHE PHE A . n 
A 1 41  ARG 41  98  98  ARG ARG A . n 
A 1 42  ALA 42  99  99  ALA ALA A . n 
A 1 43  PHE 43  100 100 PHE PHE A . n 
A 1 44  LEU 44  101 101 LEU LEU A . n 
A 1 45  LYS 45  102 102 LYS LYS A . n 
A 1 46  SER 46  103 103 SER SER A . n 
A 1 47  GLU 47  104 104 GLU GLU A . n 
A 1 48  PHE 48  105 105 PHE PHE A . n 
A 1 49  CYS 49  106 106 CYS CYS A . n 
A 1 50  GLU 50  107 107 GLU GLU A . n 
A 1 51  GLU 51  108 108 GLU GLU A . n 
A 1 52  ASN 52  109 109 ASN ASN A . n 
A 1 53  ILE 53  110 110 ILE ILE A . n 
A 1 54  GLU 54  111 111 GLU GLU A . n 
A 1 55  PHE 55  112 112 PHE PHE A . n 
A 1 56  TRP 56  113 113 TRP TRP A . n 
A 1 57  LEU 57  114 114 LEU LEU A . n 
A 1 58  ALA 58  115 115 ALA ALA A . n 
A 1 59  CYS 59  116 116 CYS CYS A . n 
A 1 60  GLU 60  117 117 GLU GLU A . n 
A 1 61  ASP 61  118 118 ASP ASP A . n 
A 1 62  PHE 62  119 119 PHE PHE A . n 
A 1 63  LYS 63  120 120 LYS LYS A . n 
A 1 64  LYS 64  121 121 LYS LYS A . n 
A 1 65  THR 65  122 122 THR THR A . n 
A 1 66  LYS 66  123 123 LYS LYS A . n 
A 1 67  SER 67  124 124 SER SER A . n 
A 1 68  PRO 68  125 125 PRO PRO A . n 
A 1 69  GLN 69  126 126 GLN GLN A . n 
A 1 70  LYS 70  127 127 LYS LYS A . n 
A 1 71  LEU 71  128 128 LEU LEU A . n 
A 1 72  SER 72  129 129 SER SER A . n 
A 1 73  SER 73  130 130 SER SER A . n 
A 1 74  LYS 74  131 131 LYS LYS A . n 
A 1 75  ALA 75  132 132 ALA ALA A . n 
A 1 76  ARG 76  133 133 ARG ARG A . n 
A 1 77  LYS 77  134 134 LYS LYS A . n 
A 1 78  ILE 78  135 135 ILE ILE A . n 
A 1 79  TYR 79  136 136 TYR TYR A . n 
A 1 80  THR 80  137 137 THR THR A . n 
A 1 81  ASP 81  138 138 ASP ASP A . n 
A 1 82  PHE 82  139 139 PHE PHE A . n 
A 1 83  ILE 83  140 140 ILE ILE A . n 
A 1 84  GLU 84  141 141 GLU GLU A . n 
A 1 85  LYS 85  142 142 LYS LYS A . n 
A 1 86  GLU 86  143 143 GLU GLU A . n 
A 1 87  ALA 87  144 144 ALA ALA A . n 
A 1 88  PRO 88  145 145 PRO PRO A . n 
A 1 89  LYS 89  146 146 LYS LYS A . n 
A 1 90  GLU 90  147 147 GLU GLU A . n 
A 1 91  ILE 91  148 148 ILE ILE A . n 
A 1 92  ASN 92  149 149 ASN ASN A . n 
A 1 93  ILE 93  150 150 ILE ILE A . n 
A 1 94  ASP 94  151 151 ASP ASP A . n 
A 1 95  PHE 95  152 152 PHE PHE A . n 
A 1 96  GLN 96  153 153 GLN GLN A . n 
A 1 97  THR 97  154 154 THR THR A . n 
A 1 98  LYS 98  155 155 LYS LYS A . n 
A 1 99  THR 99  156 156 THR THR A . n 
A 1 100 LEU 100 157 157 LEU LEU A . n 
A 1 101 ILE 101 158 158 ILE ILE A . n 
A 1 102 ALA 102 159 159 ALA ALA A . n 
A 1 103 GLN 103 160 160 GLN GLN A . n 
A 1 104 ASN 104 161 161 ASN ASN A . n 
A 1 105 ILE 105 162 162 ILE ILE A . n 
A 1 106 GLN 106 163 163 GLN GLN A . n 
A 1 107 GLU 107 164 164 GLU GLU A . n 
A 1 108 ALA 108 165 165 ALA ALA A . n 
A 1 109 THR 109 166 166 THR THR A . n 
A 1 110 SER 110 167 167 SER SER A . n 
A 1 111 GLY 111 168 168 GLY GLY A . n 
A 1 112 CYS 112 169 169 CYS CYS A . n 
A 1 113 PHE 113 170 170 PHE PHE A . n 
A 1 114 THR 114 171 171 THR THR A . n 
A 1 115 THR 115 172 172 THR THR A . n 
A 1 116 ALA 116 173 173 ALA ALA A . n 
A 1 117 GLN 117 174 174 GLN GLN A . n 
A 1 118 LYS 118 175 175 LYS LYS A . n 
A 1 119 ARG 119 176 176 ARG ARG A . n 
A 1 120 VAL 120 177 177 VAL VAL A . n 
A 1 121 TYR 121 178 178 TYR TYR A . n 
A 1 122 SER 122 179 179 SER SER A . n 
A 1 123 LEU 123 180 180 LEU LEU A . n 
A 1 124 MET 124 181 181 MET MET A . n 
A 1 125 GLU 125 182 182 GLU GLU A . n 
A 1 126 ASN 126 183 183 ASN ASN A . n 
A 1 127 ASN 127 184 184 ASN ASN A . n 
A 1 128 SER 128 185 185 SER SER A . n 
A 1 129 TYR 129 186 186 TYR TYR A . n 
A 1 130 PRO 130 187 187 PRO PRO A . n 
A 1 131 ARG 131 188 188 ARG ARG A . n 
A 1 132 PHE 132 189 189 PHE PHE A . n 
A 1 133 LEU 133 190 190 LEU LEU A . n 
A 1 134 GLU 134 191 191 GLU GLU A . n 
A 1 135 SER 135 192 192 SER SER A . n 
A 1 136 GLU 136 193 193 GLU GLU A . n 
A 1 137 PHE 137 194 194 PHE PHE A . n 
A 1 138 TYR 138 195 195 TYR TYR A . n 
A 1 139 GLN 139 196 196 GLN GLN A . n 
A 1 140 ASP 140 197 197 ASP ASP A . n 
A 1 141 LEU 141 198 198 LEU LEU A . n 
A 1 142 CYS 142 199 199 CYS CYS A . n 
A 1 143 LYS 143 200 200 LYS LYS A . n 
A 1 144 LYS 144 201 201 LYS LYS A . n 
A 1 145 PRO 145 202 202 PRO PRO A . n 
A 1 146 GLN 146 203 203 GLN GLN A . n 
# 
loop_
_pdbx_nonpoly_scheme.asym_id 
_pdbx_nonpoly_scheme.entity_id 
_pdbx_nonpoly_scheme.mon_id 
_pdbx_nonpoly_scheme.ndb_seq_num 
_pdbx_nonpoly_scheme.pdb_seq_num 
_pdbx_nonpoly_scheme.auth_seq_num 
_pdbx_nonpoly_scheme.pdb_mon_id 
_pdbx_nonpoly_scheme.auth_mon_id 
_pdbx_nonpoly_scheme.pdb_strand_id 
_pdbx_nonpoly_scheme.pdb_ins_code 
B 2 HOH 1  1  1  HOH HOH A . 
B 2 HOH 2  2  2  HOH HOH A . 
B 2 HOH 3  3  3  HOH HOH A . 
B 2 HOH 4  4  4  HOH HOH A . 
B 2 HOH 5  5  5  HOH HOH A . 
B 2 HOH 6  6  6  HOH HOH A . 
B 2 HOH 7  7  7  HOH HOH A . 
B 2 HOH 8  8  8  HOH HOH A . 
B 2 HOH 9  9  9  HOH HOH A . 
B 2 HOH 10 10 10 HOH HOH A . 
B 2 HOH 11 11 11 HOH HOH A . 
B 2 HOH 12 12 12 HOH HOH A . 
B 2 HOH 13 13 13 HOH HOH A . 
B 2 HOH 14 14 14 HOH HOH A . 
B 2 HOH 15 15 15 HOH HOH A . 
B 2 HOH 16 16 16 HOH HOH A . 
B 2 HOH 17 17 17 HOH HOH A . 
# 
loop_
_pdbx_unobs_or_zero_occ_atoms.id 
_pdbx_unobs_or_zero_occ_atoms.PDB_model_num 
_pdbx_unobs_or_zero_occ_atoms.polymer_flag 
_pdbx_unobs_or_zero_occ_atoms.occupancy_flag 
_pdbx_unobs_or_zero_occ_atoms.auth_asym_id 
_pdbx_unobs_or_zero_occ_atoms.auth_comp_id 
_pdbx_unobs_or_zero_occ_atoms.auth_seq_id 
_pdbx_unobs_or_zero_occ_atoms.PDB_ins_code 
_pdbx_unobs_or_zero_occ_atoms.auth_atom_id 
_pdbx_unobs_or_zero_occ_atoms.label_alt_id 
_pdbx_unobs_or_zero_occ_atoms.label_asym_id 
_pdbx_unobs_or_zero_occ_atoms.label_comp_id 
_pdbx_unobs_or_zero_occ_atoms.label_seq_id 
_pdbx_unobs_or_zero_occ_atoms.label_atom_id 
1  1 Y 1 A LEU 60  ? CG  ? A LEU 3   CG  
2  1 Y 1 A LEU 60  ? CD1 ? A LEU 3   CD1 
3  1 Y 1 A LEU 60  ? CD2 ? A LEU 3   CD2 
4  1 Y 1 A MET 70  ? CG  ? A MET 13  CG  
5  1 Y 1 A MET 70  ? SD  ? A MET 13  SD  
6  1 Y 1 A MET 70  ? CE  ? A MET 13  CE  
7  1 Y 1 A LYS 71  ? CE  ? A LYS 14  CE  
8  1 Y 1 A LYS 71  ? NZ  ? A LYS 14  NZ  
9  1 Y 1 A LYS 91  ? CD  ? A LYS 34  CD  
10 1 Y 1 A LYS 91  ? CE  ? A LYS 34  CE  
11 1 Y 1 A LYS 91  ? NZ  ? A LYS 34  NZ  
12 1 Y 1 A LYS 121 ? CG  ? A LYS 64  CG  
13 1 Y 1 A LYS 121 ? CD  ? A LYS 64  CD  
14 1 Y 1 A LYS 121 ? CE  ? A LYS 64  CE  
15 1 Y 1 A LYS 121 ? NZ  ? A LYS 64  NZ  
16 1 Y 1 A LYS 123 ? CG  ? A LYS 66  CG  
17 1 Y 1 A LYS 123 ? CD  ? A LYS 66  CD  
18 1 Y 1 A LYS 123 ? CE  ? A LYS 66  CE  
19 1 Y 1 A LYS 123 ? NZ  ? A LYS 66  NZ  
20 1 Y 1 A GLN 126 ? CG  ? A GLN 69  CG  
21 1 Y 1 A GLN 126 ? CD  ? A GLN 69  CD  
22 1 Y 1 A GLN 126 ? OE1 ? A GLN 69  OE1 
23 1 Y 1 A GLN 126 ? NE2 ? A GLN 69  NE2 
24 1 Y 1 A LYS 142 ? CG  ? A LYS 85  CG  
25 1 Y 1 A LYS 142 ? CD  ? A LYS 85  CD  
26 1 Y 1 A LYS 142 ? CE  ? A LYS 85  CE  
27 1 Y 1 A LYS 142 ? NZ  ? A LYS 85  NZ  
28 1 Y 1 A GLU 143 ? CG  ? A GLU 86  CG  
29 1 Y 1 A GLU 143 ? CD  ? A GLU 86  CD  
30 1 Y 1 A GLU 143 ? OE1 ? A GLU 86  OE1 
31 1 Y 1 A GLU 143 ? OE2 ? A GLU 86  OE2 
32 1 Y 1 A ASN 149 ? OD1 ? A ASN 92  OD1 
33 1 Y 1 A ASN 149 ? ND2 ? A ASN 92  ND2 
34 1 Y 1 A THR 154 ? CG2 ? A THR 97  CG2 
35 1 Y 1 A GLN 163 ? CG  ? A GLN 106 CG  
36 1 Y 1 A GLN 163 ? CD  ? A GLN 106 CD  
37 1 Y 1 A GLN 163 ? OE1 ? A GLN 106 OE1 
38 1 Y 1 A GLN 163 ? NE2 ? A GLN 106 NE2 
39 1 Y 1 A GLU 164 ? CG  ? A GLU 107 CG  
40 1 Y 1 A GLU 164 ? CD  ? A GLU 107 CD  
41 1 Y 1 A GLU 164 ? OE1 ? A GLU 107 OE1 
42 1 Y 1 A GLU 164 ? OE2 ? A GLU 107 OE2 
43 1 Y 1 A LYS 175 ? CD  ? A LYS 118 CD  
44 1 Y 1 A LYS 175 ? CE  ? A LYS 118 CE  
45 1 Y 1 A LYS 175 ? NZ  ? A LYS 118 NZ  
46 1 Y 1 A ASP 197 ? CG  ? A ASP 140 CG  
47 1 Y 1 A ASP 197 ? OD1 ? A ASP 140 OD1 
48 1 Y 1 A ASP 197 ? OD2 ? A ASP 140 OD2 
49 1 Y 1 A LYS 200 ? CD  ? A LYS 143 CD  
50 1 Y 1 A LYS 200 ? CE  ? A LYS 143 CE  
51 1 Y 1 A LYS 200 ? NZ  ? A LYS 143 NZ  
# 
loop_
_software.name 
_software.classification 
_software.version 
_software.citation_id 
_software.pdbx_ordinal 
REFMAC refinement       5.2.0005 ? 1 
MOSFLM 'data reduction' .        ? 2 
XDS    'data scaling'   .        ? 3 
PHASER phasing          .        ? 4 
# 
_cell.entry_id           2AF0 
_cell.length_a           43.754 
_cell.length_b           43.754 
_cell.length_c           158.451 
_cell.angle_alpha        90.00 
_cell.angle_beta         90.00 
_cell.angle_gamma        90.00 
_cell.Z_PDB              8 
_cell.pdbx_unique_axis   ? 
# 
_symmetry.entry_id                         2AF0 
_symmetry.space_group_name_H-M             'P 43 21 2' 
_symmetry.pdbx_full_space_group_name_H-M   ? 
_symmetry.cell_setting                     ? 
_symmetry.Int_Tables_number                96 
_symmetry.space_group_name_Hall            ? 
# 
_exptl.entry_id          2AF0 
_exptl.method            'X-RAY DIFFRACTION' 
_exptl.crystals_number   1 
# 
_exptl_crystal.id                    1 
_exptl_crystal.density_meas          ? 
_exptl_crystal.density_Matthews      2.0 
_exptl_crystal.density_percent_sol   37.9 
_exptl_crystal.description           ? 
_exptl_crystal.F_000                 ? 
_exptl_crystal.preparation           ? 
# 
_exptl_crystal_grow.crystal_id      1 
_exptl_crystal_grow.method          'VAPOR DIFFUSION, SITTING DROP' 
_exptl_crystal_grow.temp            298 
_exptl_crystal_grow.temp_details    ? 
_exptl_crystal_grow.pH              6.5 
_exptl_crystal_grow.pdbx_details    '(NH4)2SO4,  NaCl, cacodylate, pH 6.5, VAPOR DIFFUSION, SITTING DROP, temperature 298K' 
_exptl_crystal_grow.pdbx_pH_range   . 
# 
_diffrn.id                     1 
_diffrn.ambient_temp           100 
_diffrn.ambient_temp_details   ? 
_diffrn.crystal_id             1 
# 
_diffrn_detector.diffrn_id              1 
_diffrn_detector.detector               CCD 
_diffrn_detector.type                   MARRESEARCH 
_diffrn_detector.pdbx_collection_date   2005-06-10 
_diffrn_detector.details                ? 
# 
_diffrn_radiation.diffrn_id                        1 
_diffrn_radiation.wavelength_id                    1 
_diffrn_radiation.pdbx_monochromatic_or_laue_m_l   M 
_diffrn_radiation.monochromator                    ? 
_diffrn_radiation.pdbx_diffrn_protocol             'SINGLE WAVELENGTH' 
_diffrn_radiation.pdbx_scattering_type             x-ray 
# 
_diffrn_radiation_wavelength.id           1 
_diffrn_radiation_wavelength.wavelength   0.97730 
_diffrn_radiation_wavelength.wt           1.0 
# 
_diffrn_source.diffrn_id                   1 
_diffrn_source.source                      SYNCHROTRON 
_diffrn_source.type                        'SLS BEAMLINE X10SA' 
_diffrn_source.pdbx_synchrotron_site       SLS 
_diffrn_source.pdbx_synchrotron_beamline   X10SA 
_diffrn_source.pdbx_wavelength             ? 
_diffrn_source.pdbx_wavelength_list        0.97730 
# 
_reflns.entry_id                     2AF0 
_reflns.observed_criterion_sigma_F   ? 
_reflns.observed_criterion_sigma_I   ? 
_reflns.d_resolution_high            2.3 
_reflns.d_resolution_low             36.9 
_reflns.number_all                   7531 
_reflns.number_obs                   7422 
_reflns.percent_possible_obs         98.6 
_reflns.pdbx_Rmerge_I_obs            ? 
_reflns.pdbx_Rsym_value              ? 
_reflns.pdbx_netI_over_sigmaI        ? 
_reflns.B_iso_Wilson_estimate        ? 
_reflns.pdbx_redundancy              ? 
_reflns.R_free_details               ? 
_reflns.limit_h_max                  ? 
_reflns.limit_h_min                  ? 
_reflns.limit_k_max                  ? 
_reflns.limit_k_min                  ? 
_reflns.limit_l_max                  ? 
_reflns.limit_l_min                  ? 
_reflns.observed_criterion_F_max     ? 
_reflns.observed_criterion_F_min     ? 
_reflns.pdbx_chi_squared             ? 
_reflns.pdbx_scaling_rejects         ? 
_reflns.pdbx_diffrn_id               1 
_reflns.pdbx_ordinal                 1 
# 
_reflns_shell.d_res_high             2.3 
_reflns_shell.d_res_low              2.38 
_reflns_shell.percent_possible_all   99.7 
_reflns_shell.Rmerge_I_obs           ? 
_reflns_shell.pdbx_Rsym_value        ? 
_reflns_shell.meanI_over_sigI_obs    ? 
_reflns_shell.pdbx_redundancy        ? 
_reflns_shell.percent_possible_obs   ? 
_reflns_shell.number_unique_all      ? 
_reflns_shell.number_measured_all    ? 
_reflns_shell.number_measured_obs    ? 
_reflns_shell.number_unique_obs      ? 
_reflns_shell.pdbx_chi_squared       ? 
_reflns_shell.pdbx_diffrn_id         ? 
_reflns_shell.pdbx_ordinal           1 
# 
_refine.entry_id                                 2AF0 
_refine.ls_number_reflns_obs                     6833 
_refine.ls_number_reflns_all                     ? 
_refine.pdbx_ls_sigma_I                          ? 
_refine.pdbx_ls_sigma_F                          ? 
_refine.pdbx_data_cutoff_high_absF               ? 
_refine.pdbx_data_cutoff_low_absF                ? 
_refine.pdbx_data_cutoff_high_rms_absF           ? 
_refine.ls_d_res_low                             33.69 
_refine.ls_d_res_high                            2.30 
_refine.ls_percent_reflns_obs                    96.54 
_refine.ls_R_factor_obs                          0.22721 
_refine.ls_R_factor_all                          0.2721 
_refine.ls_R_factor_R_work                       0.22575 
_refine.ls_R_factor_R_free                       0.2561 
_refine.ls_R_factor_R_free_error                 ? 
_refine.ls_R_factor_R_free_error_details         ? 
_refine.ls_percent_reflns_R_free                 4.8 
_refine.ls_number_reflns_R_free                  345 
_refine.ls_number_parameters                     ? 
_refine.ls_number_restraints                     ? 
_refine.occupancy_min                            ? 
_refine.occupancy_max                            ? 
_refine.correlation_coeff_Fo_to_Fc               0.948 
_refine.correlation_coeff_Fo_to_Fc_free          0.946 
_refine.B_iso_mean                               55.407 
_refine.aniso_B[1][1]                            3.24 
_refine.aniso_B[2][2]                            3.24 
_refine.aniso_B[3][3]                            -6.47 
_refine.aniso_B[1][2]                            0.00 
_refine.aniso_B[1][3]                            0.00 
_refine.aniso_B[2][3]                            0.00 
_refine.solvent_model_details                    'BABINET MODEL WITH MASK' 
_refine.solvent_model_param_ksol                 ? 
_refine.solvent_model_param_bsol                 ? 
_refine.pdbx_solvent_vdw_probe_radii             1.20 
_refine.pdbx_solvent_ion_probe_radii             0.80 
_refine.pdbx_solvent_shrinkage_radii             0.80 
_refine.pdbx_ls_cross_valid_method               THROUGHOUT 
_refine.details                                  'HYDROGENS HAVE BEEN ADDED IN THE RIDING POSITIONS' 
_refine.pdbx_starting_model                      ? 
_refine.pdbx_method_to_determine_struct          'MOLECULAR REPLACEMENT' 
_refine.pdbx_isotropic_thermal_model             ? 
_refine.pdbx_stereochemistry_target_values       'MAXIMUM LIKELIHOOD' 
_refine.pdbx_stereochem_target_val_spec_case     ? 
_refine.pdbx_R_Free_selection_details            RANDOM 
_refine.pdbx_overall_ESU_R                       0.394 
_refine.pdbx_overall_ESU_R_Free                  0.251 
_refine.overall_SU_ML                            0.233 
_refine.overall_SU_B                             22.428 
_refine.ls_redundancy_reflns_obs                 ? 
_refine.B_iso_min                                ? 
_refine.B_iso_max                                ? 
_refine.overall_SU_R_Cruickshank_DPI             ? 
_refine.overall_SU_R_free                        ? 
_refine.ls_wR_factor_R_free                      ? 
_refine.ls_wR_factor_R_work                      ? 
_refine.overall_FOM_free_R_set                   ? 
_refine.overall_FOM_work_R_set                   ? 
_refine.pdbx_refine_id                           'X-RAY DIFFRACTION' 
_refine.pdbx_diffrn_id                           1 
_refine.pdbx_TLS_residual_ADP_flag               ? 
_refine.pdbx_overall_phase_error                 ? 
_refine.pdbx_overall_SU_R_free_Cruickshank_DPI   ? 
_refine.pdbx_overall_SU_R_Blow_DPI               ? 
_refine.pdbx_overall_SU_R_free_Blow_DPI          ? 
# 
_refine_hist.pdbx_refine_id                   'X-RAY DIFFRACTION' 
_refine_hist.cycle_id                         LAST 
_refine_hist.pdbx_number_atoms_protein        1149 
_refine_hist.pdbx_number_atoms_nucleic_acid   0 
_refine_hist.pdbx_number_atoms_ligand         0 
_refine_hist.number_atoms_solvent             17 
_refine_hist.number_atoms_total               1166 
_refine_hist.d_res_high                       2.30 
_refine_hist.d_res_low                        33.69 
# 
loop_
_refine_ls_restr.type 
_refine_ls_restr.dev_ideal 
_refine_ls_restr.dev_ideal_target 
_refine_ls_restr.weight 
_refine_ls_restr.number 
_refine_ls_restr.pdbx_refine_id 
_refine_ls_restr.pdbx_restraint_function 
r_bond_refined_d             0.012  0.022  ? 1176 'X-RAY DIFFRACTION' ? 
r_bond_other_d               0.001  0.020  ? 1008 'X-RAY DIFFRACTION' ? 
r_angle_refined_deg          1.248  1.952  ? 1592 'X-RAY DIFFRACTION' ? 
r_angle_other_deg            0.829  3.000  ? 2349 'X-RAY DIFFRACTION' ? 
r_dihedral_angle_1_deg       5.543  5.000  ? 145  'X-RAY DIFFRACTION' ? 
r_dihedral_angle_2_deg       41.306 25.088 ? 57   'X-RAY DIFFRACTION' ? 
r_dihedral_angle_3_deg       16.832 15.000 ? 191  'X-RAY DIFFRACTION' ? 
r_dihedral_angle_4_deg       11.876 15.000 ? 4    'X-RAY DIFFRACTION' ? 
r_chiral_restr               0.068  0.200  ? 171  'X-RAY DIFFRACTION' ? 
r_gen_planes_refined         0.004  0.020  ? 1325 'X-RAY DIFFRACTION' ? 
r_gen_planes_other           0.001  0.020  ? 249  'X-RAY DIFFRACTION' ? 
r_nbd_refined                0.217  0.200  ? 274  'X-RAY DIFFRACTION' ? 
r_nbd_other                  0.174  0.200  ? 937  'X-RAY DIFFRACTION' ? 
r_nbtor_refined              0.189  0.200  ? 594  'X-RAY DIFFRACTION' ? 
r_nbtor_other                0.087  0.200  ? 590  'X-RAY DIFFRACTION' ? 
r_xyhbond_nbd_refined        0.154  0.200  ? 25   'X-RAY DIFFRACTION' ? 
r_xyhbond_nbd_other          ?      ?      ? ?    'X-RAY DIFFRACTION' ? 
r_metal_ion_refined          ?      ?      ? ?    'X-RAY DIFFRACTION' ? 
r_metal_ion_other            ?      ?      ? ?    'X-RAY DIFFRACTION' ? 
r_symmetry_vdw_refined       0.270  0.200  ? 9    'X-RAY DIFFRACTION' ? 
r_symmetry_vdw_other         0.197  0.200  ? 37   'X-RAY DIFFRACTION' ? 
r_symmetry_hbond_refined     0.080  0.200  ? 3    'X-RAY DIFFRACTION' ? 
r_symmetry_hbond_other       ?      ?      ? ?    'X-RAY DIFFRACTION' ? 
r_symmetry_metal_ion_refined ?      ?      ? ?    'X-RAY DIFFRACTION' ? 
r_symmetry_metal_ion_other   ?      ?      ? ?    'X-RAY DIFFRACTION' ? 
r_mcbond_it                  0.533  1.500  ? 755  'X-RAY DIFFRACTION' ? 
r_mcbond_other               0.105  1.500  ? 291  'X-RAY DIFFRACTION' ? 
r_mcangle_it                 0.937  2.000  ? 1169 'X-RAY DIFFRACTION' ? 
r_scbond_it                  1.331  3.000  ? 489  'X-RAY DIFFRACTION' ? 
r_scangle_it                 2.103  4.500  ? 423  'X-RAY DIFFRACTION' ? 
r_rigid_bond_restr           ?      ?      ? ?    'X-RAY DIFFRACTION' ? 
r_sphericity_free            ?      ?      ? ?    'X-RAY DIFFRACTION' ? 
r_sphericity_bonded          ?      ?      ? ?    'X-RAY DIFFRACTION' ? 
# 
_refine_ls_shell.pdbx_total_number_of_bins_used   20 
_refine_ls_shell.d_res_high                       2.300 
_refine_ls_shell.d_res_low                        2.359 
_refine_ls_shell.number_reflns_R_work             478 
_refine_ls_shell.R_factor_R_work                  0.294 
_refine_ls_shell.percent_reflns_obs               100.00 
_refine_ls_shell.R_factor_R_free                  0.287 
_refine_ls_shell.R_factor_R_free_error            ? 
_refine_ls_shell.percent_reflns_R_free            ? 
_refine_ls_shell.number_reflns_R_free             31 
_refine_ls_shell.number_reflns_obs                ? 
_refine_ls_shell.redundancy_reflns_obs            ? 
_refine_ls_shell.number_reflns_all                ? 
_refine_ls_shell.pdbx_refine_id                   'X-RAY DIFFRACTION' 
_refine_ls_shell.R_factor_all                     ? 
# 
_struct.entry_id                  2AF0 
_struct.title                     'Structure of the Regulator of G-Protein Signaling Domain of RGS2' 
_struct.pdbx_model_details        ? 
_struct.pdbx_CASP_flag            ? 
_struct.pdbx_model_type_details   ? 
# 
_struct_keywords.entry_id        2AF0 
_struct_keywords.pdbx_keywords   'SIGNALING PROTEIN' 
_struct_keywords.text            'HELIX, Structural Genomics, Structural Genomics Consortium, SGC, SIGNALING PROTEIN' 
# 
loop_
_struct_asym.id 
_struct_asym.pdbx_blank_PDB_chainid_flag 
_struct_asym.pdbx_modified 
_struct_asym.entity_id 
_struct_asym.details 
A N N 1 ? 
B N N 2 ? 
# 
_struct_ref.id                         1 
_struct_ref.db_name                    UNP 
_struct_ref.db_code                    RGS2_HUMAN 
_struct_ref.pdbx_db_accession          P41220 
_struct_ref.entity_id                  1 
_struct_ref.pdbx_seq_one_letter_code   
;KPSPEEAQLWSEAFDELLASKYGLAAFRAFLKSEFCEENIEFWLACEDFKKTKSPQKLSSKARKIYTDFIEKEAPKEINI
DFQTKTLIAQNIQEATSGCFTTAQKRVYSLMENNSYPRFLESEFYQDLCKKPQ
;
_struct_ref.pdbx_align_begin           71 
_struct_ref.pdbx_db_isoform            ? 
# 
_struct_ref_seq.align_id                      1 
_struct_ref_seq.ref_id                        1 
_struct_ref_seq.pdbx_PDB_id_code              2AF0 
_struct_ref_seq.pdbx_strand_id                A 
_struct_ref_seq.seq_align_beg                 14 
_struct_ref_seq.pdbx_seq_align_beg_ins_code   ? 
_struct_ref_seq.seq_align_end                 146 
_struct_ref_seq.pdbx_seq_align_end_ins_code   ? 
_struct_ref_seq.pdbx_db_accession             P41220 
_struct_ref_seq.db_align_beg                  71 
_struct_ref_seq.pdbx_db_align_beg_ins_code    ? 
_struct_ref_seq.db_align_end                  203 
_struct_ref_seq.pdbx_db_align_end_ins_code    ? 
_struct_ref_seq.pdbx_auth_seq_align_beg       71 
_struct_ref_seq.pdbx_auth_seq_align_end       203 
# 
loop_
_struct_ref_seq_dif.align_id 
_struct_ref_seq_dif.pdbx_pdb_id_code 
_struct_ref_seq_dif.mon_id 
_struct_ref_seq_dif.pdbx_pdb_strand_id 
_struct_ref_seq_dif.seq_num 
_struct_ref_seq_dif.pdbx_pdb_ins_code 
_struct_ref_seq_dif.pdbx_seq_db_name 
_struct_ref_seq_dif.pdbx_seq_db_accession_code 
_struct_ref_seq_dif.db_mon_id 
_struct_ref_seq_dif.pdbx_seq_db_seq_num 
_struct_ref_seq_dif.details 
_struct_ref_seq_dif.pdbx_auth_seq_num 
_struct_ref_seq_dif.pdbx_ordinal 
1 2AF0 ALA A 1  ? UNP P41220 ? ? 'cloning artifact' 58 1  
1 2AF0 ASP A 2  ? UNP P41220 ? ? 'cloning artifact' 59 2  
1 2AF0 LEU A 3  ? UNP P41220 ? ? 'cloning artifact' 60 3  
1 2AF0 GLY A 4  ? UNP P41220 ? ? 'cloning artifact' 61 4  
1 2AF0 THR A 5  ? UNP P41220 ? ? 'cloning artifact' 62 5  
1 2AF0 GLU A 6  ? UNP P41220 ? ? 'cloning artifact' 63 6  
1 2AF0 ASN A 7  ? UNP P41220 ? ? 'cloning artifact' 64 7  
1 2AF0 LEU A 8  ? UNP P41220 ? ? 'cloning artifact' 65 8  
1 2AF0 TYR A 9  ? UNP P41220 ? ? 'cloning artifact' 66 9  
1 2AF0 PHE A 10 ? UNP P41220 ? ? 'cloning artifact' 67 10 
1 2AF0 GLN A 11 ? UNP P41220 ? ? 'cloning artifact' 68 11 
1 2AF0 SER A 12 ? UNP P41220 ? ? 'cloning artifact' 69 12 
1 2AF0 MET A 13 ? UNP P41220 ? ? 'cloning artifact' 70 13 
# 
_pdbx_struct_assembly.id                   1 
_pdbx_struct_assembly.details              author_defined_assembly 
_pdbx_struct_assembly.method_details       ? 
_pdbx_struct_assembly.oligomeric_details   monomeric 
_pdbx_struct_assembly.oligomeric_count     1 
# 
_pdbx_struct_assembly_gen.assembly_id       1 
_pdbx_struct_assembly_gen.oper_expression   1 
_pdbx_struct_assembly_gen.asym_id_list      A,B 
# 
_pdbx_struct_oper_list.id                   1 
_pdbx_struct_oper_list.type                 'identity operation' 
_pdbx_struct_oper_list.name                 1_555 
_pdbx_struct_oper_list.symmetry_operation   x,y,z 
_pdbx_struct_oper_list.matrix[1][1]         1.0000000000 
_pdbx_struct_oper_list.matrix[1][2]         0.0000000000 
_pdbx_struct_oper_list.matrix[1][3]         0.0000000000 
_pdbx_struct_oper_list.vector[1]            0.0000000000 
_pdbx_struct_oper_list.matrix[2][1]         0.0000000000 
_pdbx_struct_oper_list.matrix[2][2]         1.0000000000 
_pdbx_struct_oper_list.matrix[2][3]         0.0000000000 
_pdbx_struct_oper_list.vector[2]            0.0000000000 
_pdbx_struct_oper_list.matrix[3][1]         0.0000000000 
_pdbx_struct_oper_list.matrix[3][2]         0.0000000000 
_pdbx_struct_oper_list.matrix[3][3]         1.0000000000 
_pdbx_struct_oper_list.vector[3]            0.0000000000 
# 
_struct_biol.id                    1 
_struct_biol.pdbx_parent_biol_id   ? 
_struct_biol.details               ? 
# 
loop_
_struct_conf.conf_type_id 
_struct_conf.id 
_struct_conf.pdbx_PDB_helix_id 
_struct_conf.beg_label_comp_id 
_struct_conf.beg_label_asym_id 
_struct_conf.beg_label_seq_id 
_struct_conf.pdbx_beg_PDB_ins_code 
_struct_conf.end_label_comp_id 
_struct_conf.end_label_asym_id 
_struct_conf.end_label_seq_id 
_struct_conf.pdbx_end_PDB_ins_code 
_struct_conf.beg_auth_comp_id 
_struct_conf.beg_auth_asym_id 
_struct_conf.beg_auth_seq_id 
_struct_conf.end_auth_comp_id 
_struct_conf.end_auth_asym_id 
_struct_conf.end_auth_seq_id 
_struct_conf.pdbx_PDB_helix_class 
_struct_conf.details 
_struct_conf.pdbx_PDB_helix_length 
HELX_P HELX_P1  1  GLY A 4   ? MET A 13  ? GLY A 61  MET A 70  1 ? 10 
HELX_P HELX_P2  2  SER A 16  ? TRP A 23  ? SER A 73  TRP A 80  1 ? 8  
HELX_P HELX_P3  3  ALA A 26  ? SER A 33  ? ALA A 83  SER A 90  1 ? 8  
HELX_P HELX_P4  4  SER A 33  ? GLU A 47  ? SER A 90  GLU A 104 1 ? 15 
HELX_P HELX_P5  5  GLU A 50  ? LYS A 64  ? GLU A 107 LYS A 121 1 ? 15 
HELX_P HELX_P6  6  SER A 67  ? ILE A 83  ? SER A 124 ILE A 140 1 ? 17 
HELX_P HELX_P7  7  ASP A 94  ? ILE A 105 ? ASP A 151 ILE A 162 1 ? 12 
HELX_P HELX_P8  8  GLN A 106 ? ALA A 108 ? GLN A 163 ALA A 165 5 ? 3  
HELX_P HELX_P9  9  PHE A 113 ? ASN A 127 ? PHE A 170 ASN A 184 1 ? 15 
HELX_P HELX_P10 10 ASN A 127 ? SER A 135 ? ASN A 184 SER A 192 1 ? 9  
HELX_P HELX_P11 11 SER A 135 ? LYS A 143 ? SER A 192 LYS A 200 1 ? 9  
# 
_struct_conf_type.id          HELX_P 
_struct_conf_type.criteria    ? 
_struct_conf_type.reference   ? 
# 
loop_
_pdbx_validate_torsion.id 
_pdbx_validate_torsion.PDB_model_num 
_pdbx_validate_torsion.auth_comp_id 
_pdbx_validate_torsion.auth_asym_id 
_pdbx_validate_torsion.auth_seq_id 
_pdbx_validate_torsion.PDB_ins_code 
_pdbx_validate_torsion.label_alt_id 
_pdbx_validate_torsion.phi 
_pdbx_validate_torsion.psi 
1 1 CYS A 106 ? ? -142.58 38.33  
2 1 ASN A 184 ? ? -123.38 -74.89 
# 
_pdbx_SG_project.id                    1 
_pdbx_SG_project.project_name          ? 
_pdbx_SG_project.full_name_of_center   'Structural Genomics Consortium' 
_pdbx_SG_project.initial_of_center     SGC 
# 
loop_
_chem_comp_atom.comp_id 
_chem_comp_atom.atom_id 
_chem_comp_atom.type_symbol 
_chem_comp_atom.pdbx_aromatic_flag 
_chem_comp_atom.pdbx_stereo_config 
_chem_comp_atom.pdbx_ordinal 
ALA N    N N N 1   
ALA CA   C N S 2   
ALA C    C N N 3   
ALA O    O N N 4   
ALA CB   C N N 5   
ALA OXT  O N N 6   
ALA H    H N N 7   
ALA H2   H N N 8   
ALA HA   H N N 9   
ALA HB1  H N N 10  
ALA HB2  H N N 11  
ALA HB3  H N N 12  
ALA HXT  H N N 13  
ARG N    N N N 14  
ARG CA   C N S 15  
ARG C    C N N 16  
ARG O    O N N 17  
ARG CB   C N N 18  
ARG CG   C N N 19  
ARG CD   C N N 20  
ARG NE   N N N 21  
ARG CZ   C N N 22  
ARG NH1  N N N 23  
ARG NH2  N N N 24  
ARG OXT  O N N 25  
ARG H    H N N 26  
ARG H2   H N N 27  
ARG HA   H N N 28  
ARG HB2  H N N 29  
ARG HB3  H N N 30  
ARG HG2  H N N 31  
ARG HG3  H N N 32  
ARG HD2  H N N 33  
ARG HD3  H N N 34  
ARG HE   H N N 35  
ARG HH11 H N N 36  
ARG HH12 H N N 37  
ARG HH21 H N N 38  
ARG HH22 H N N 39  
ARG HXT  H N N 40  
ASN N    N N N 41  
ASN CA   C N S 42  
ASN C    C N N 43  
ASN O    O N N 44  
ASN CB   C N N 45  
ASN CG   C N N 46  
ASN OD1  O N N 47  
ASN ND2  N N N 48  
ASN OXT  O N N 49  
ASN H    H N N 50  
ASN H2   H N N 51  
ASN HA   H N N 52  
ASN HB2  H N N 53  
ASN HB3  H N N 54  
ASN HD21 H N N 55  
ASN HD22 H N N 56  
ASN HXT  H N N 57  
ASP N    N N N 58  
ASP CA   C N S 59  
ASP C    C N N 60  
ASP O    O N N 61  
ASP CB   C N N 62  
ASP CG   C N N 63  
ASP OD1  O N N 64  
ASP OD2  O N N 65  
ASP OXT  O N N 66  
ASP H    H N N 67  
ASP H2   H N N 68  
ASP HA   H N N 69  
ASP HB2  H N N 70  
ASP HB3  H N N 71  
ASP HD2  H N N 72  
ASP HXT  H N N 73  
CYS N    N N N 74  
CYS CA   C N R 75  
CYS C    C N N 76  
CYS O    O N N 77  
CYS CB   C N N 78  
CYS SG   S N N 79  
CYS OXT  O N N 80  
CYS H    H N N 81  
CYS H2   H N N 82  
CYS HA   H N N 83  
CYS HB2  H N N 84  
CYS HB3  H N N 85  
CYS HG   H N N 86  
CYS HXT  H N N 87  
GLN N    N N N 88  
GLN CA   C N S 89  
GLN C    C N N 90  
GLN O    O N N 91  
GLN CB   C N N 92  
GLN CG   C N N 93  
GLN CD   C N N 94  
GLN OE1  O N N 95  
GLN NE2  N N N 96  
GLN OXT  O N N 97  
GLN H    H N N 98  
GLN H2   H N N 99  
GLN HA   H N N 100 
GLN HB2  H N N 101 
GLN HB3  H N N 102 
GLN HG2  H N N 103 
GLN HG3  H N N 104 
GLN HE21 H N N 105 
GLN HE22 H N N 106 
GLN HXT  H N N 107 
GLU N    N N N 108 
GLU CA   C N S 109 
GLU C    C N N 110 
GLU O    O N N 111 
GLU CB   C N N 112 
GLU CG   C N N 113 
GLU CD   C N N 114 
GLU OE1  O N N 115 
GLU OE2  O N N 116 
GLU OXT  O N N 117 
GLU H    H N N 118 
GLU H2   H N N 119 
GLU HA   H N N 120 
GLU HB2  H N N 121 
GLU HB3  H N N 122 
GLU HG2  H N N 123 
GLU HG3  H N N 124 
GLU HE2  H N N 125 
GLU HXT  H N N 126 
GLY N    N N N 127 
GLY CA   C N N 128 
GLY C    C N N 129 
GLY O    O N N 130 
GLY OXT  O N N 131 
GLY H    H N N 132 
GLY H2   H N N 133 
GLY HA2  H N N 134 
GLY HA3  H N N 135 
GLY HXT  H N N 136 
HOH O    O N N 137 
HOH H1   H N N 138 
HOH H2   H N N 139 
ILE N    N N N 140 
ILE CA   C N S 141 
ILE C    C N N 142 
ILE O    O N N 143 
ILE CB   C N S 144 
ILE CG1  C N N 145 
ILE CG2  C N N 146 
ILE CD1  C N N 147 
ILE OXT  O N N 148 
ILE H    H N N 149 
ILE H2   H N N 150 
ILE HA   H N N 151 
ILE HB   H N N 152 
ILE HG12 H N N 153 
ILE HG13 H N N 154 
ILE HG21 H N N 155 
ILE HG22 H N N 156 
ILE HG23 H N N 157 
ILE HD11 H N N 158 
ILE HD12 H N N 159 
ILE HD13 H N N 160 
ILE HXT  H N N 161 
LEU N    N N N 162 
LEU CA   C N S 163 
LEU C    C N N 164 
LEU O    O N N 165 
LEU CB   C N N 166 
LEU CG   C N N 167 
LEU CD1  C N N 168 
LEU CD2  C N N 169 
LEU OXT  O N N 170 
LEU H    H N N 171 
LEU H2   H N N 172 
LEU HA   H N N 173 
LEU HB2  H N N 174 
LEU HB3  H N N 175 
LEU HG   H N N 176 
LEU HD11 H N N 177 
LEU HD12 H N N 178 
LEU HD13 H N N 179 
LEU HD21 H N N 180 
LEU HD22 H N N 181 
LEU HD23 H N N 182 
LEU HXT  H N N 183 
LYS N    N N N 184 
LYS CA   C N S 185 
LYS C    C N N 186 
LYS O    O N N 187 
LYS CB   C N N 188 
LYS CG   C N N 189 
LYS CD   C N N 190 
LYS CE   C N N 191 
LYS NZ   N N N 192 
LYS OXT  O N N 193 
LYS H    H N N 194 
LYS H2   H N N 195 
LYS HA   H N N 196 
LYS HB2  H N N 197 
LYS HB3  H N N 198 
LYS HG2  H N N 199 
LYS HG3  H N N 200 
LYS HD2  H N N 201 
LYS HD3  H N N 202 
LYS HE2  H N N 203 
LYS HE3  H N N 204 
LYS HZ1  H N N 205 
LYS HZ2  H N N 206 
LYS HZ3  H N N 207 
LYS HXT  H N N 208 
MET N    N N N 209 
MET CA   C N S 210 
MET C    C N N 211 
MET O    O N N 212 
MET CB   C N N 213 
MET CG   C N N 214 
MET SD   S N N 215 
MET CE   C N N 216 
MET OXT  O N N 217 
MET H    H N N 218 
MET H2   H N N 219 
MET HA   H N N 220 
MET HB2  H N N 221 
MET HB3  H N N 222 
MET HG2  H N N 223 
MET HG3  H N N 224 
MET HE1  H N N 225 
MET HE2  H N N 226 
MET HE3  H N N 227 
MET HXT  H N N 228 
PHE N    N N N 229 
PHE CA   C N S 230 
PHE C    C N N 231 
PHE O    O N N 232 
PHE CB   C N N 233 
PHE CG   C Y N 234 
PHE CD1  C Y N 235 
PHE CD2  C Y N 236 
PHE CE1  C Y N 237 
PHE CE2  C Y N 238 
PHE CZ   C Y N 239 
PHE OXT  O N N 240 
PHE H    H N N 241 
PHE H2   H N N 242 
PHE HA   H N N 243 
PHE HB2  H N N 244 
PHE HB3  H N N 245 
PHE HD1  H N N 246 
PHE HD2  H N N 247 
PHE HE1  H N N 248 
PHE HE2  H N N 249 
PHE HZ   H N N 250 
PHE HXT  H N N 251 
PRO N    N N N 252 
PRO CA   C N S 253 
PRO C    C N N 254 
PRO O    O N N 255 
PRO CB   C N N 256 
PRO CG   C N N 257 
PRO CD   C N N 258 
PRO OXT  O N N 259 
PRO H    H N N 260 
PRO HA   H N N 261 
PRO HB2  H N N 262 
PRO HB3  H N N 263 
PRO HG2  H N N 264 
PRO HG3  H N N 265 
PRO HD2  H N N 266 
PRO HD3  H N N 267 
PRO HXT  H N N 268 
SER N    N N N 269 
SER CA   C N S 270 
SER C    C N N 271 
SER O    O N N 272 
SER CB   C N N 273 
SER OG   O N N 274 
SER OXT  O N N 275 
SER H    H N N 276 
SER H2   H N N 277 
SER HA   H N N 278 
SER HB2  H N N 279 
SER HB3  H N N 280 
SER HG   H N N 281 
SER HXT  H N N 282 
THR N    N N N 283 
THR CA   C N S 284 
THR C    C N N 285 
THR O    O N N 286 
THR CB   C N R 287 
THR OG1  O N N 288 
THR CG2  C N N 289 
THR OXT  O N N 290 
THR H    H N N 291 
THR H2   H N N 292 
THR HA   H N N 293 
THR HB   H N N 294 
THR HG1  H N N 295 
THR HG21 H N N 296 
THR HG22 H N N 297 
THR HG23 H N N 298 
THR HXT  H N N 299 
TRP N    N N N 300 
TRP CA   C N S 301 
TRP C    C N N 302 
TRP O    O N N 303 
TRP CB   C N N 304 
TRP CG   C Y N 305 
TRP CD1  C Y N 306 
TRP CD2  C Y N 307 
TRP NE1  N Y N 308 
TRP CE2  C Y N 309 
TRP CE3  C Y N 310 
TRP CZ2  C Y N 311 
TRP CZ3  C Y N 312 
TRP CH2  C Y N 313 
TRP OXT  O N N 314 
TRP H    H N N 315 
TRP H2   H N N 316 
TRP HA   H N N 317 
TRP HB2  H N N 318 
TRP HB3  H N N 319 
TRP HD1  H N N 320 
TRP HE1  H N N 321 
TRP HE3  H N N 322 
TRP HZ2  H N N 323 
TRP HZ3  H N N 324 
TRP HH2  H N N 325 
TRP HXT  H N N 326 
TYR N    N N N 327 
TYR CA   C N S 328 
TYR C    C N N 329 
TYR O    O N N 330 
TYR CB   C N N 331 
TYR CG   C Y N 332 
TYR CD1  C Y N 333 
TYR CD2  C Y N 334 
TYR CE1  C Y N 335 
TYR CE2  C Y N 336 
TYR CZ   C Y N 337 
TYR OH   O N N 338 
TYR OXT  O N N 339 
TYR H    H N N 340 
TYR H2   H N N 341 
TYR HA   H N N 342 
TYR HB2  H N N 343 
TYR HB3  H N N 344 
TYR HD1  H N N 345 
TYR HD2  H N N 346 
TYR HE1  H N N 347 
TYR HE2  H N N 348 
TYR HH   H N N 349 
TYR HXT  H N N 350 
VAL N    N N N 351 
VAL CA   C N S 352 
VAL C    C N N 353 
VAL O    O N N 354 
VAL CB   C N N 355 
VAL CG1  C N N 356 
VAL CG2  C N N 357 
VAL OXT  O N N 358 
VAL H    H N N 359 
VAL H2   H N N 360 
VAL HA   H N N 361 
VAL HB   H N N 362 
VAL HG11 H N N 363 
VAL HG12 H N N 364 
VAL HG13 H N N 365 
VAL HG21 H N N 366 
VAL HG22 H N N 367 
VAL HG23 H N N 368 
VAL HXT  H N N 369 
# 
loop_
_chem_comp_bond.comp_id 
_chem_comp_bond.atom_id_1 
_chem_comp_bond.atom_id_2 
_chem_comp_bond.value_order 
_chem_comp_bond.pdbx_aromatic_flag 
_chem_comp_bond.pdbx_stereo_config 
_chem_comp_bond.pdbx_ordinal 
ALA N   CA   sing N N 1   
ALA N   H    sing N N 2   
ALA N   H2   sing N N 3   
ALA CA  C    sing N N 4   
ALA CA  CB   sing N N 5   
ALA CA  HA   sing N N 6   
ALA C   O    doub N N 7   
ALA C   OXT  sing N N 8   
ALA CB  HB1  sing N N 9   
ALA CB  HB2  sing N N 10  
ALA CB  HB3  sing N N 11  
ALA OXT HXT  sing N N 12  
ARG N   CA   sing N N 13  
ARG N   H    sing N N 14  
ARG N   H2   sing N N 15  
ARG CA  C    sing N N 16  
ARG CA  CB   sing N N 17  
ARG CA  HA   sing N N 18  
ARG C   O    doub N N 19  
ARG C   OXT  sing N N 20  
ARG CB  CG   sing N N 21  
ARG CB  HB2  sing N N 22  
ARG CB  HB3  sing N N 23  
ARG CG  CD   sing N N 24  
ARG CG  HG2  sing N N 25  
ARG CG  HG3  sing N N 26  
ARG CD  NE   sing N N 27  
ARG CD  HD2  sing N N 28  
ARG CD  HD3  sing N N 29  
ARG NE  CZ   sing N N 30  
ARG NE  HE   sing N N 31  
ARG CZ  NH1  sing N N 32  
ARG CZ  NH2  doub N N 33  
ARG NH1 HH11 sing N N 34  
ARG NH1 HH12 sing N N 35  
ARG NH2 HH21 sing N N 36  
ARG NH2 HH22 sing N N 37  
ARG OXT HXT  sing N N 38  
ASN N   CA   sing N N 39  
ASN N   H    sing N N 40  
ASN N   H2   sing N N 41  
ASN CA  C    sing N N 42  
ASN CA  CB   sing N N 43  
ASN CA  HA   sing N N 44  
ASN C   O    doub N N 45  
ASN C   OXT  sing N N 46  
ASN CB  CG   sing N N 47  
ASN CB  HB2  sing N N 48  
ASN CB  HB3  sing N N 49  
ASN CG  OD1  doub N N 50  
ASN CG  ND2  sing N N 51  
ASN ND2 HD21 sing N N 52  
ASN ND2 HD22 sing N N 53  
ASN OXT HXT  sing N N 54  
ASP N   CA   sing N N 55  
ASP N   H    sing N N 56  
ASP N   H2   sing N N 57  
ASP CA  C    sing N N 58  
ASP CA  CB   sing N N 59  
ASP CA  HA   sing N N 60  
ASP C   O    doub N N 61  
ASP C   OXT  sing N N 62  
ASP CB  CG   sing N N 63  
ASP CB  HB2  sing N N 64  
ASP CB  HB3  sing N N 65  
ASP CG  OD1  doub N N 66  
ASP CG  OD2  sing N N 67  
ASP OD2 HD2  sing N N 68  
ASP OXT HXT  sing N N 69  
CYS N   CA   sing N N 70  
CYS N   H    sing N N 71  
CYS N   H2   sing N N 72  
CYS CA  C    sing N N 73  
CYS CA  CB   sing N N 74  
CYS CA  HA   sing N N 75  
CYS C   O    doub N N 76  
CYS C   OXT  sing N N 77  
CYS CB  SG   sing N N 78  
CYS CB  HB2  sing N N 79  
CYS CB  HB3  sing N N 80  
CYS SG  HG   sing N N 81  
CYS OXT HXT  sing N N 82  
GLN N   CA   sing N N 83  
GLN N   H    sing N N 84  
GLN N   H2   sing N N 85  
GLN CA  C    sing N N 86  
GLN CA  CB   sing N N 87  
GLN CA  HA   sing N N 88  
GLN C   O    doub N N 89  
GLN C   OXT  sing N N 90  
GLN CB  CG   sing N N 91  
GLN CB  HB2  sing N N 92  
GLN CB  HB3  sing N N 93  
GLN CG  CD   sing N N 94  
GLN CG  HG2  sing N N 95  
GLN CG  HG3  sing N N 96  
GLN CD  OE1  doub N N 97  
GLN CD  NE2  sing N N 98  
GLN NE2 HE21 sing N N 99  
GLN NE2 HE22 sing N N 100 
GLN OXT HXT  sing N N 101 
GLU N   CA   sing N N 102 
GLU N   H    sing N N 103 
GLU N   H2   sing N N 104 
GLU CA  C    sing N N 105 
GLU CA  CB   sing N N 106 
GLU CA  HA   sing N N 107 
GLU C   O    doub N N 108 
GLU C   OXT  sing N N 109 
GLU CB  CG   sing N N 110 
GLU CB  HB2  sing N N 111 
GLU CB  HB3  sing N N 112 
GLU CG  CD   sing N N 113 
GLU CG  HG2  sing N N 114 
GLU CG  HG3  sing N N 115 
GLU CD  OE1  doub N N 116 
GLU CD  OE2  sing N N 117 
GLU OE2 HE2  sing N N 118 
GLU OXT HXT  sing N N 119 
GLY N   CA   sing N N 120 
GLY N   H    sing N N 121 
GLY N   H2   sing N N 122 
GLY CA  C    sing N N 123 
GLY CA  HA2  sing N N 124 
GLY CA  HA3  sing N N 125 
GLY C   O    doub N N 126 
GLY C   OXT  sing N N 127 
GLY OXT HXT  sing N N 128 
HOH O   H1   sing N N 129 
HOH O   H2   sing N N 130 
ILE N   CA   sing N N 131 
ILE N   H    sing N N 132 
ILE N   H2   sing N N 133 
ILE CA  C    sing N N 134 
ILE CA  CB   sing N N 135 
ILE CA  HA   sing N N 136 
ILE C   O    doub N N 137 
ILE C   OXT  sing N N 138 
ILE CB  CG1  sing N N 139 
ILE CB  CG2  sing N N 140 
ILE CB  HB   sing N N 141 
ILE CG1 CD1  sing N N 142 
ILE CG1 HG12 sing N N 143 
ILE CG1 HG13 sing N N 144 
ILE CG2 HG21 sing N N 145 
ILE CG2 HG22 sing N N 146 
ILE CG2 HG23 sing N N 147 
ILE CD1 HD11 sing N N 148 
ILE CD1 HD12 sing N N 149 
ILE CD1 HD13 sing N N 150 
ILE OXT HXT  sing N N 151 
LEU N   CA   sing N N 152 
LEU N   H    sing N N 153 
LEU N   H2   sing N N 154 
LEU CA  C    sing N N 155 
LEU CA  CB   sing N N 156 
LEU CA  HA   sing N N 157 
LEU C   O    doub N N 158 
LEU C   OXT  sing N N 159 
LEU CB  CG   sing N N 160 
LEU CB  HB2  sing N N 161 
LEU CB  HB3  sing N N 162 
LEU CG  CD1  sing N N 163 
LEU CG  CD2  sing N N 164 
LEU CG  HG   sing N N 165 
LEU CD1 HD11 sing N N 166 
LEU CD1 HD12 sing N N 167 
LEU CD1 HD13 sing N N 168 
LEU CD2 HD21 sing N N 169 
LEU CD2 HD22 sing N N 170 
LEU CD2 HD23 sing N N 171 
LEU OXT HXT  sing N N 172 
LYS N   CA   sing N N 173 
LYS N   H    sing N N 174 
LYS N   H2   sing N N 175 
LYS CA  C    sing N N 176 
LYS CA  CB   sing N N 177 
LYS CA  HA   sing N N 178 
LYS C   O    doub N N 179 
LYS C   OXT  sing N N 180 
LYS CB  CG   sing N N 181 
LYS CB  HB2  sing N N 182 
LYS CB  HB3  sing N N 183 
LYS CG  CD   sing N N 184 
LYS CG  HG2  sing N N 185 
LYS CG  HG3  sing N N 186 
LYS CD  CE   sing N N 187 
LYS CD  HD2  sing N N 188 
LYS CD  HD3  sing N N 189 
LYS CE  NZ   sing N N 190 
LYS CE  HE2  sing N N 191 
LYS CE  HE3  sing N N 192 
LYS NZ  HZ1  sing N N 193 
LYS NZ  HZ2  sing N N 194 
LYS NZ  HZ3  sing N N 195 
LYS OXT HXT  sing N N 196 
MET N   CA   sing N N 197 
MET N   H    sing N N 198 
MET N   H2   sing N N 199 
MET CA  C    sing N N 200 
MET CA  CB   sing N N 201 
MET CA  HA   sing N N 202 
MET C   O    doub N N 203 
MET C   OXT  sing N N 204 
MET CB  CG   sing N N 205 
MET CB  HB2  sing N N 206 
MET CB  HB3  sing N N 207 
MET CG  SD   sing N N 208 
MET CG  HG2  sing N N 209 
MET CG  HG3  sing N N 210 
MET SD  CE   sing N N 211 
MET CE  HE1  sing N N 212 
MET CE  HE2  sing N N 213 
MET CE  HE3  sing N N 214 
MET OXT HXT  sing N N 215 
PHE N   CA   sing N N 216 
PHE N   H    sing N N 217 
PHE N   H2   sing N N 218 
PHE CA  C    sing N N 219 
PHE CA  CB   sing N N 220 
PHE CA  HA   sing N N 221 
PHE C   O    doub N N 222 
PHE C   OXT  sing N N 223 
PHE CB  CG   sing N N 224 
PHE CB  HB2  sing N N 225 
PHE CB  HB3  sing N N 226 
PHE CG  CD1  doub Y N 227 
PHE CG  CD2  sing Y N 228 
PHE CD1 CE1  sing Y N 229 
PHE CD1 HD1  sing N N 230 
PHE CD2 CE2  doub Y N 231 
PHE CD2 HD2  sing N N 232 
PHE CE1 CZ   doub Y N 233 
PHE CE1 HE1  sing N N 234 
PHE CE2 CZ   sing Y N 235 
PHE CE2 HE2  sing N N 236 
PHE CZ  HZ   sing N N 237 
PHE OXT HXT  sing N N 238 
PRO N   CA   sing N N 239 
PRO N   CD   sing N N 240 
PRO N   H    sing N N 241 
PRO CA  C    sing N N 242 
PRO CA  CB   sing N N 243 
PRO CA  HA   sing N N 244 
PRO C   O    doub N N 245 
PRO C   OXT  sing N N 246 
PRO CB  CG   sing N N 247 
PRO CB  HB2  sing N N 248 
PRO CB  HB3  sing N N 249 
PRO CG  CD   sing N N 250 
PRO CG  HG2  sing N N 251 
PRO CG  HG3  sing N N 252 
PRO CD  HD2  sing N N 253 
PRO CD  HD3  sing N N 254 
PRO OXT HXT  sing N N 255 
SER N   CA   sing N N 256 
SER N   H    sing N N 257 
SER N   H2   sing N N 258 
SER CA  C    sing N N 259 
SER CA  CB   sing N N 260 
SER CA  HA   sing N N 261 
SER C   O    doub N N 262 
SER C   OXT  sing N N 263 
SER CB  OG   sing N N 264 
SER CB  HB2  sing N N 265 
SER CB  HB3  sing N N 266 
SER OG  HG   sing N N 267 
SER OXT HXT  sing N N 268 
THR N   CA   sing N N 269 
THR N   H    sing N N 270 
THR N   H2   sing N N 271 
THR CA  C    sing N N 272 
THR CA  CB   sing N N 273 
THR CA  HA   sing N N 274 
THR C   O    doub N N 275 
THR C   OXT  sing N N 276 
THR CB  OG1  sing N N 277 
THR CB  CG2  sing N N 278 
THR CB  HB   sing N N 279 
THR OG1 HG1  sing N N 280 
THR CG2 HG21 sing N N 281 
THR CG2 HG22 sing N N 282 
THR CG2 HG23 sing N N 283 
THR OXT HXT  sing N N 284 
TRP N   CA   sing N N 285 
TRP N   H    sing N N 286 
TRP N   H2   sing N N 287 
TRP CA  C    sing N N 288 
TRP CA  CB   sing N N 289 
TRP CA  HA   sing N N 290 
TRP C   O    doub N N 291 
TRP C   OXT  sing N N 292 
TRP CB  CG   sing N N 293 
TRP CB  HB2  sing N N 294 
TRP CB  HB3  sing N N 295 
TRP CG  CD1  doub Y N 296 
TRP CG  CD2  sing Y N 297 
TRP CD1 NE1  sing Y N 298 
TRP CD1 HD1  sing N N 299 
TRP CD2 CE2  doub Y N 300 
TRP CD2 CE3  sing Y N 301 
TRP NE1 CE2  sing Y N 302 
TRP NE1 HE1  sing N N 303 
TRP CE2 CZ2  sing Y N 304 
TRP CE3 CZ3  doub Y N 305 
TRP CE3 HE3  sing N N 306 
TRP CZ2 CH2  doub Y N 307 
TRP CZ2 HZ2  sing N N 308 
TRP CZ3 CH2  sing Y N 309 
TRP CZ3 HZ3  sing N N 310 
TRP CH2 HH2  sing N N 311 
TRP OXT HXT  sing N N 312 
TYR N   CA   sing N N 313 
TYR N   H    sing N N 314 
TYR N   H2   sing N N 315 
TYR CA  C    sing N N 316 
TYR CA  CB   sing N N 317 
TYR CA  HA   sing N N 318 
TYR C   O    doub N N 319 
TYR C   OXT  sing N N 320 
TYR CB  CG   sing N N 321 
TYR CB  HB2  sing N N 322 
TYR CB  HB3  sing N N 323 
TYR CG  CD1  doub Y N 324 
TYR CG  CD2  sing Y N 325 
TYR CD1 CE1  sing Y N 326 
TYR CD1 HD1  sing N N 327 
TYR CD2 CE2  doub Y N 328 
TYR CD2 HD2  sing N N 329 
TYR CE1 CZ   doub Y N 330 
TYR CE1 HE1  sing N N 331 
TYR CE2 CZ   sing Y N 332 
TYR CE2 HE2  sing N N 333 
TYR CZ  OH   sing N N 334 
TYR OH  HH   sing N N 335 
TYR OXT HXT  sing N N 336 
VAL N   CA   sing N N 337 
VAL N   H    sing N N 338 
VAL N   H2   sing N N 339 
VAL CA  C    sing N N 340 
VAL CA  CB   sing N N 341 
VAL CA  HA   sing N N 342 
VAL C   O    doub N N 343 
VAL C   OXT  sing N N 344 
VAL CB  CG1  sing N N 345 
VAL CB  CG2  sing N N 346 
VAL CB  HB   sing N N 347 
VAL CG1 HG11 sing N N 348 
VAL CG1 HG12 sing N N 349 
VAL CG1 HG13 sing N N 350 
VAL CG2 HG21 sing N N 351 
VAL CG2 HG22 sing N N 352 
VAL CG2 HG23 sing N N 353 
VAL OXT HXT  sing N N 354 
# 
_atom_sites.entry_id                    2AF0 
_atom_sites.fract_transf_matrix[1][1]   -0.01557454 
_atom_sites.fract_transf_matrix[1][2]   0.01543967 
_atom_sites.fract_transf_matrix[1][3]   0.00643438 
_atom_sites.fract_transf_matrix[2][1]   0.00926089 
_atom_sites.fract_transf_matrix[2][2]   0.00063813 
_atom_sites.fract_transf_matrix[2][3]   0.02088492 
_atom_sites.fract_transf_matrix[3][1]   0.00384628 
_atom_sites.fract_transf_matrix[3][2]   0.00464986 
_atom_sites.fract_transf_matrix[3][3]   -0.00184761 
_atom_sites.fract_transf_vector[1]      0.037813 
_atom_sites.fract_transf_vector[2]      -0.207665 
_atom_sites.fract_transf_vector[3]      -0.077621 
# 
loop_
_atom_type.symbol 
C 
N 
O 
S 
# 
loop_
_atom_site.group_PDB 
_atom_site.id 
_atom_site.type_symbol 
_atom_site.label_atom_id 
_atom_site.label_alt_id 
_atom_site.label_comp_id 
_atom_site.label_asym_id 
_atom_site.label_entity_id 
_atom_site.label_seq_id 
_atom_site.pdbx_PDB_ins_code 
_atom_site.Cartn_x 
_atom_site.Cartn_y 
_atom_site.Cartn_z 
_atom_site.occupancy 
_atom_site.B_iso_or_equiv 
_atom_site.pdbx_formal_charge 
_atom_site.auth_seq_id 
_atom_site.auth_comp_id 
_atom_site.auth_asym_id 
_atom_site.auth_atom_id 
_atom_site.pdbx_PDB_model_num 
ATOM   1    N N   . ALA A 1 1   ? 15.244  28.949  13.771  1.00 74.75 ? 58  ALA A N   1 
ATOM   2    C CA  . ALA A 1 1   ? 14.813  27.533  13.952  1.00 74.79 ? 58  ALA A CA  1 
ATOM   3    C C   . ALA A 1 1   ? 16.017  26.606  14.224  1.00 74.64 ? 58  ALA A C   1 
ATOM   4    O O   . ALA A 1 1   ? 17.099  27.082  14.580  1.00 74.75 ? 58  ALA A O   1 
ATOM   5    C CB  . ALA A 1 1   ? 14.001  27.070  12.723  1.00 74.97 ? 58  ALA A CB  1 
ATOM   6    N N   . ASP A 1 2   ? 15.821  25.293  14.065  1.00 74.27 ? 59  ASP A N   1 
ATOM   7    C CA  . ASP A 1 2   ? 16.819  24.274  14.413  1.00 73.75 ? 59  ASP A CA  1 
ATOM   8    C C   . ASP A 1 2   ? 17.471  23.719  13.139  1.00 72.99 ? 59  ASP A C   1 
ATOM   9    O O   . ASP A 1 2   ? 16.777  23.265  12.232  1.00 72.76 ? 59  ASP A O   1 
ATOM   10   C CB  . ASP A 1 2   ? 16.119  23.145  15.201  1.00 73.86 ? 59  ASP A CB  1 
ATOM   11   C CG  . ASP A 1 2   ? 17.085  22.246  15.969  1.00 74.37 ? 59  ASP A CG  1 
ATOM   12   O OD1 . ASP A 1 2   ? 17.055  21.019  15.744  1.00 75.26 ? 59  ASP A OD1 1 
ATOM   13   O OD2 . ASP A 1 2   ? 17.858  22.746  16.813  1.00 75.10 ? 59  ASP A OD2 1 
ATOM   14   N N   . LEU A 1 3   ? 18.801  23.799  13.064  1.00 72.15 ? 60  LEU A N   1 
ATOM   15   C CA  . LEU A 1 3   ? 19.593  23.048  12.074  1.00 71.40 ? 60  LEU A CA  1 
ATOM   16   C C   . LEU A 1 3   ? 20.357  21.899  12.756  1.00 70.59 ? 60  LEU A C   1 
ATOM   17   O O   . LEU A 1 3   ? 21.492  21.577  12.371  1.00 70.82 ? 60  LEU A O   1 
ATOM   18   C CB  . LEU A 1 3   ? 20.573  23.975  11.339  1.00 71.33 ? 60  LEU A CB  1 
ATOM   19   N N   . GLY A 1 4   ? 19.734  21.298  13.775  1.00 69.34 ? 61  GLY A N   1 
ATOM   20   C CA  . GLY A 1 4   ? 20.320  20.178  14.517  1.00 68.15 ? 61  GLY A CA  1 
ATOM   21   C C   . GLY A 1 4   ? 20.164  18.890  13.730  1.00 66.90 ? 61  GLY A C   1 
ATOM   22   O O   . GLY A 1 4   ? 19.251  18.764  12.909  1.00 66.72 ? 61  GLY A O   1 
ATOM   23   N N   . THR A 1 5   ? 21.044  17.925  13.983  1.00 65.29 ? 62  THR A N   1 
ATOM   24   C CA  . THR A 1 5   ? 21.098  16.728  13.153  1.00 63.97 ? 62  THR A CA  1 
ATOM   25   C C   . THR A 1 5   ? 19.765  15.990  13.157  1.00 63.37 ? 62  THR A C   1 
ATOM   26   O O   . THR A 1 5   ? 19.273  15.588  12.102  1.00 62.73 ? 62  THR A O   1 
ATOM   27   C CB  . THR A 1 5   ? 22.233  15.789  13.562  1.00 63.52 ? 62  THR A CB  1 
ATOM   28   O OG1 . THR A 1 5   ? 23.446  16.528  13.680  1.00 62.16 ? 62  THR A OG1 1 
ATOM   29   C CG2 . THR A 1 5   ? 22.436  14.725  12.509  1.00 63.27 ? 62  THR A CG2 1 
ATOM   30   N N   . GLU A 1 6   ? 19.176  15.858  14.345  1.00 62.89 ? 63  GLU A N   1 
ATOM   31   C CA  . GLU A 1 6   ? 17.912  15.140  14.534  1.00 62.64 ? 63  GLU A CA  1 
ATOM   32   C C   . GLU A 1 6   ? 16.810  15.748  13.664  1.00 61.99 ? 63  GLU A C   1 
ATOM   33   O O   . GLU A 1 6   ? 16.167  15.053  12.882  1.00 61.42 ? 63  GLU A O   1 
ATOM   34   C CB  . GLU A 1 6   ? 17.488  15.180  16.011  1.00 62.73 ? 63  GLU A CB  1 
ATOM   35   C CG  . GLU A 1 6   ? 18.410  14.415  16.986  1.00 63.93 ? 63  GLU A CG  1 
ATOM   36   C CD  . GLU A 1 6   ? 19.521  15.269  17.659  1.00 65.15 ? 63  GLU A CD  1 
ATOM   37   O OE1 . GLU A 1 6   ? 19.955  16.302  17.091  1.00 64.43 ? 63  GLU A OE1 1 
ATOM   38   O OE2 . GLU A 1 6   ? 19.981  14.876  18.766  1.00 65.59 ? 63  GLU A OE2 1 
ATOM   39   N N   . ASN A 1 7   ? 16.620  17.057  13.803  1.00 61.61 ? 64  ASN A N   1 
ATOM   40   C CA  . ASN A 1 7   ? 15.594  17.796  13.067  1.00 61.23 ? 64  ASN A CA  1 
ATOM   41   C C   . ASN A 1 7   ? 15.814  17.758  11.571  1.00 60.69 ? 64  ASN A C   1 
ATOM   42   O O   . ASN A 1 7   ? 14.869  17.584  10.822  1.00 60.46 ? 64  ASN A O   1 
ATOM   43   C CB  . ASN A 1 7   ? 15.541  19.256  13.533  1.00 61.35 ? 64  ASN A CB  1 
ATOM   44   C CG  . ASN A 1 7   ? 14.469  20.066  12.816  1.00 62.39 ? 64  ASN A CG  1 
ATOM   45   O OD1 . ASN A 1 7   ? 14.714  21.191  12.371  1.00 64.16 ? 64  ASN A OD1 1 
ATOM   46   N ND2 . ASN A 1 7   ? 13.277  19.488  12.688  1.00 62.97 ? 64  ASN A ND2 1 
ATOM   47   N N   . LEU A 1 8   ? 17.055  17.928  11.125  1.00 60.37 ? 65  LEU A N   1 
ATOM   48   C CA  . LEU A 1 8   ? 17.335  17.850  9.686   1.00 60.30 ? 65  LEU A CA  1 
ATOM   49   C C   . LEU A 1 8   ? 16.976  16.476  9.123   1.00 59.73 ? 65  LEU A C   1 
ATOM   50   O O   . LEU A 1 8   ? 16.313  16.388  8.099   1.00 59.24 ? 65  LEU A O   1 
ATOM   51   C CB  . LEU A 1 8   ? 18.799  18.192  9.368   1.00 60.38 ? 65  LEU A CB  1 
ATOM   52   C CG  . LEU A 1 8   ? 19.187  19.637  9.641   1.00 60.95 ? 65  LEU A CG  1 
ATOM   53   C CD1 . LEU A 1 8   ? 20.679  19.859  9.472   1.00 61.52 ? 65  LEU A CD1 1 
ATOM   54   C CD2 . LEU A 1 8   ? 18.406  20.578  8.743   1.00 62.88 ? 65  LEU A CD2 1 
ATOM   55   N N   . TYR A 1 9   ? 17.399  15.414  9.805   1.00 59.20 ? 66  TYR A N   1 
ATOM   56   C CA  . TYR A 1 9   ? 17.003  14.060  9.426   1.00 59.27 ? 66  TYR A CA  1 
ATOM   57   C C   . TYR A 1 9   ? 15.474  13.983  9.184   1.00 58.91 ? 66  TYR A C   1 
ATOM   58   O O   . TYR A 1 9   ? 15.016  13.570  8.107   1.00 58.52 ? 66  TYR A O   1 
ATOM   59   C CB  . TYR A 1 9   ? 17.454  13.052  10.498  1.00 59.48 ? 66  TYR A CB  1 
ATOM   60   C CG  . TYR A 1 9   ? 17.264  11.587  10.143  1.00 59.79 ? 66  TYR A CG  1 
ATOM   61   C CD1 . TYR A 1 9   ? 17.912  11.031  9.052   1.00 60.00 ? 66  TYR A CD1 1 
ATOM   62   C CD2 . TYR A 1 9   ? 16.462  10.746  10.930  1.00 60.70 ? 66  TYR A CD2 1 
ATOM   63   C CE1 . TYR A 1 9   ? 17.756  9.680   8.726   1.00 60.96 ? 66  TYR A CE1 1 
ATOM   64   C CE2 . TYR A 1 9   ? 16.297  9.392   10.615  1.00 60.99 ? 66  TYR A CE2 1 
ATOM   65   C CZ  . TYR A 1 9   ? 16.950  8.862   9.505   1.00 61.49 ? 66  TYR A CZ  1 
ATOM   66   O OH  . TYR A 1 9   ? 16.827  7.520   9.166   1.00 60.76 ? 66  TYR A OH  1 
ATOM   67   N N   . PHE A 1 10  ? 14.702  14.409  10.176  1.00 58.52 ? 67  PHE A N   1 
ATOM   68   C CA  . PHE A 1 10  ? 13.244  14.379  10.072  1.00 58.69 ? 67  PHE A CA  1 
ATOM   69   C C   . PHE A 1 10  ? 12.696  15.240  8.921   1.00 58.70 ? 67  PHE A C   1 
ATOM   70   O O   . PHE A 1 10  ? 11.779  14.808  8.217   1.00 58.77 ? 67  PHE A O   1 
ATOM   71   C CB  . PHE A 1 10  ? 12.590  14.725  11.418  1.00 58.83 ? 67  PHE A CB  1 
ATOM   72   C CG  . PHE A 1 10  ? 12.798  13.660  12.481  1.00 58.79 ? 67  PHE A CG  1 
ATOM   73   C CD1 . PHE A 1 10  ? 13.428  13.959  13.686  1.00 59.13 ? 67  PHE A CD1 1 
ATOM   74   C CD2 . PHE A 1 10  ? 12.381  12.354  12.262  1.00 59.10 ? 67  PHE A CD2 1 
ATOM   75   C CE1 . PHE A 1 10  ? 13.621  12.979  14.660  1.00 59.26 ? 67  PHE A CE1 1 
ATOM   76   C CE2 . PHE A 1 10  ? 12.563  11.368  13.234  1.00 59.47 ? 67  PHE A CE2 1 
ATOM   77   C CZ  . PHE A 1 10  ? 13.190  11.682  14.431  1.00 59.41 ? 67  PHE A CZ  1 
ATOM   78   N N   . GLN A 1 11  ? 13.291  16.411  8.693   1.00 58.72 ? 68  GLN A N   1 
ATOM   79   C CA  . GLN A 1 11  ? 12.910  17.274  7.570   1.00 58.80 ? 68  GLN A CA  1 
ATOM   80   C C   . GLN A 1 11  ? 13.233  16.667  6.208   1.00 58.79 ? 68  GLN A C   1 
ATOM   81   O O   . GLN A 1 11  ? 12.546  16.953  5.202   1.00 59.46 ? 68  GLN A O   1 
ATOM   82   C CB  . GLN A 1 11  ? 13.615  18.626  7.686   1.00 58.98 ? 68  GLN A CB  1 
ATOM   83   C CG  . GLN A 1 11  ? 13.208  19.412  8.908   1.00 60.74 ? 68  GLN A CG  1 
ATOM   84   C CD  . GLN A 1 11  ? 11.697  19.423  9.112   1.00 62.96 ? 68  GLN A CD  1 
ATOM   85   O OE1 . GLN A 1 11  ? 10.955  19.956  8.281   1.00 65.67 ? 68  GLN A OE1 1 
ATOM   86   N NE2 . GLN A 1 11  ? 11.238  18.815  10.202  1.00 63.04 ? 68  GLN A NE2 1 
ATOM   87   N N   . SER A 1 12  ? 14.273  15.835  6.179   1.00 58.19 ? 69  SER A N   1 
ATOM   88   C CA  . SER A 1 12  ? 14.743  15.204  4.952   1.00 57.84 ? 69  SER A CA  1 
ATOM   89   C C   . SER A 1 12  ? 13.764  14.164  4.451   1.00 57.88 ? 69  SER A C   1 
ATOM   90   O O   . SER A 1 12  ? 13.810  13.783  3.271   1.00 58.34 ? 69  SER A O   1 
ATOM   91   C CB  . SER A 1 12  ? 16.124  14.544  5.150   1.00 57.80 ? 69  SER A CB  1 
ATOM   92   O OG  . SER A 1 12  ? 16.053  13.237  5.736   1.00 56.50 ? 69  SER A OG  1 
ATOM   93   N N   . MET A 1 13  ? 12.921  13.665  5.350   1.00 57.86 ? 70  MET A N   1 
ATOM   94   C CA  . MET A 1 13  ? 11.916  12.671  4.990   1.00 57.89 ? 70  MET A CA  1 
ATOM   95   C C   . MET A 1 13  ? 10.522  13.283  4.817   1.00 57.80 ? 70  MET A C   1 
ATOM   96   O O   . MET A 1 13  ? 9.582   12.578  4.466   1.00 57.95 ? 70  MET A O   1 
ATOM   97   C CB  . MET A 1 13  ? 11.885  11.523  6.004   1.00 58.05 ? 70  MET A CB  1 
ATOM   98   N N   . LYS A 1 14  ? 10.385  14.586  5.043   1.00 57.48 ? 71  LYS A N   1 
ATOM   99   C CA  . LYS A 1 14  ? 9.142   15.255  4.701   1.00 57.33 ? 71  LYS A CA  1 
ATOM   100  C C   . LYS A 1 14  ? 9.167   15.626  3.217   1.00 56.64 ? 71  LYS A C   1 
ATOM   101  O O   . LYS A 1 14  ? 10.175  16.107  2.709   1.00 56.89 ? 71  LYS A O   1 
ATOM   102  C CB  . LYS A 1 14  ? 8.894   16.513  5.558   1.00 57.19 ? 71  LYS A CB  1 
ATOM   103  C CG  . LYS A 1 14  ? 8.351   16.219  6.946   1.00 57.45 ? 71  LYS A CG  1 
ATOM   104  C CD  . LYS A 1 14  ? 7.694   17.447  7.602   1.00 57.67 ? 71  LYS A CD  1 
ATOM   105  N N   . PRO A 1 15  ? 8.036   15.437  2.521   1.00 55.88 ? 72  PRO A N   1 
ATOM   106  C CA  . PRO A 1 15  ? 7.926   15.953  1.160   1.00 54.84 ? 72  PRO A CA  1 
ATOM   107  C C   . PRO A 1 15  ? 7.876   17.463  1.238   1.00 54.06 ? 72  PRO A C   1 
ATOM   108  O O   . PRO A 1 15  ? 7.656   18.009  2.317   1.00 53.31 ? 72  PRO A O   1 
ATOM   109  C CB  . PRO A 1 15  ? 6.570   15.410  0.708   1.00 55.06 ? 72  PRO A CB  1 
ATOM   110  C CG  . PRO A 1 15  ? 5.777   15.293  1.968   1.00 54.79 ? 72  PRO A CG  1 
ATOM   111  C CD  . PRO A 1 15  ? 6.778   14.807  2.969   1.00 55.73 ? 72  PRO A CD  1 
ATOM   112  N N   . SER A 1 16  ? 8.101   18.143  0.123   1.00 53.35 ? 73  SER A N   1 
ATOM   113  C CA  . SER A 1 16  ? 7.776   19.564  0.059   1.00 53.16 ? 73  SER A CA  1 
ATOM   114  C C   . SER A 1 16  ? 6.242   19.727  0.041   1.00 51.93 ? 73  SER A C   1 
ATOM   115  O O   . SER A 1 16  ? 5.535   18.842  -0.398  1.00 51.05 ? 73  SER A O   1 
ATOM   116  C CB  . SER A 1 16  ? 8.424   20.216  -1.171  1.00 53.36 ? 73  SER A CB  1 
ATOM   117  O OG  . SER A 1 16  ? 7.934   19.648  -2.378  1.00 55.24 ? 73  SER A OG  1 
ATOM   118  N N   . PRO A 1 17  ? 5.722   20.851  0.546   1.00 51.43 ? 74  PRO A N   1 
ATOM   119  C CA  . PRO A 1 17  ? 4.297   21.159  0.365   1.00 51.19 ? 74  PRO A CA  1 
ATOM   120  C C   . PRO A 1 17  ? 3.815   20.980  -1.068  1.00 50.92 ? 74  PRO A C   1 
ATOM   121  O O   . PRO A 1 17  ? 2.735   20.437  -1.313  1.00 50.90 ? 74  PRO A O   1 
ATOM   122  C CB  . PRO A 1 17  ? 4.220   22.631  0.754   1.00 51.15 ? 74  PRO A CB  1 
ATOM   123  C CG  . PRO A 1 17  ? 5.238   22.765  1.796   1.00 51.68 ? 74  PRO A CG  1 
ATOM   124  C CD  . PRO A 1 17  ? 6.388   21.866  1.374   1.00 51.21 ? 74  PRO A CD  1 
ATOM   125  N N   . GLU A 1 18  ? 4.651   21.435  -1.995  1.00 50.88 ? 75  GLU A N   1 
ATOM   126  C CA  . GLU A 1 18  ? 4.377   21.411  -3.434  1.00 50.45 ? 75  GLU A CA  1 
ATOM   127  C C   . GLU A 1 18  ? 4.082   20.022  -3.923  1.00 50.38 ? 75  GLU A C   1 
ATOM   128  O O   . GLU A 1 18  ? 3.051   19.790  -4.532  1.00 50.42 ? 75  GLU A O   1 
ATOM   129  C CB  . GLU A 1 18  ? 5.576   21.996  -4.196  1.00 50.71 ? 75  GLU A CB  1 
ATOM   130  C CG  . GLU A 1 18  ? 5.654   23.529  -4.122  1.00 50.57 ? 75  GLU A CG  1 
ATOM   131  C CD  . GLU A 1 18  ? 6.233   24.062  -2.809  1.00 51.58 ? 75  GLU A CD  1 
ATOM   132  O OE1 . GLU A 1 18  ? 6.144   25.283  -2.596  1.00 51.97 ? 75  GLU A OE1 1 
ATOM   133  O OE2 . GLU A 1 18  ? 6.767   23.270  -1.996  1.00 52.36 ? 75  GLU A OE2 1 
ATOM   134  N N   . GLU A 1 19  ? 4.965   19.079  -3.601  1.00 50.62 ? 76  GLU A N   1 
ATOM   135  C CA  . GLU A 1 19  ? 4.782   17.704  -4.047  1.00 50.31 ? 76  GLU A CA  1 
ATOM   136  C C   . GLU A 1 19  ? 3.612   16.994  -3.372  1.00 49.84 ? 76  GLU A C   1 
ATOM   137  O O   . GLU A 1 19  ? 2.841   16.332  -4.046  1.00 48.91 ? 76  GLU A O   1 
ATOM   138  C CB  . GLU A 1 19  ? 6.084   16.911  -3.945  1.00 50.58 ? 76  GLU A CB  1 
ATOM   139  C CG  . GLU A 1 19  ? 6.516   16.456  -2.565  1.00 51.15 ? 76  GLU A CG  1 
ATOM   140  C CD  . GLU A 1 19  ? 7.838   15.674  -2.637  1.00 51.29 ? 76  GLU A CD  1 
ATOM   141  O OE1 . GLU A 1 19  ? 7.831   14.592  -3.268  1.00 52.76 ? 76  GLU A OE1 1 
ATOM   142  O OE2 . GLU A 1 19  ? 8.861   16.130  -2.078  1.00 50.04 ? 76  GLU A OE2 1 
ATOM   143  N N   . ALA A 1 20  ? 3.440   17.180  -2.061  1.00 50.21 ? 77  ALA A N   1 
ATOM   144  C CA  . ALA A 1 20  ? 2.241   16.680  -1.372  1.00 50.48 ? 77  ALA A CA  1 
ATOM   145  C C   . ALA A 1 20  ? 0.937   17.149  -2.025  1.00 51.45 ? 77  ALA A C   1 
ATOM   146  O O   . ALA A 1 20  ? 0.041   16.332  -2.240  1.00 52.36 ? 77  ALA A O   1 
ATOM   147  C CB  . ALA A 1 20  ? 2.256   17.061  0.094   1.00 50.51 ? 77  ALA A CB  1 
ATOM   148  N N   . GLN A 1 21  ? 0.814   18.441  -2.350  1.00 51.71 ? 78  GLN A N   1 
ATOM   149  C CA  . GLN A 1 21  ? -0.408  18.931  -3.049  1.00 51.93 ? 78  GLN A CA  1 
ATOM   150  C C   . GLN A 1 21  ? -0.761  18.100  -4.301  1.00 52.10 ? 78  GLN A C   1 
ATOM   151  O O   . GLN A 1 21  ? -1.928  17.807  -4.540  1.00 52.30 ? 78  GLN A O   1 
ATOM   152  C CB  . GLN A 1 21  ? -0.306  20.421  -3.393  1.00 51.55 ? 78  GLN A CB  1 
ATOM   153  C CG  . GLN A 1 21  ? -0.757  21.331  -2.249  1.00 52.03 ? 78  GLN A CG  1 
ATOM   154  C CD  . GLN A 1 21  ? -0.275  22.771  -2.383  1.00 51.92 ? 78  GLN A CD  1 
ATOM   155  O OE1 . GLN A 1 21  ? -0.464  23.412  -3.428  1.00 51.74 ? 78  GLN A OE1 1 
ATOM   156  N NE2 . GLN A 1 21  ? 0.347   23.285  -1.326  1.00 49.24 ? 78  GLN A NE2 1 
ATOM   157  N N   . LEU A 1 22  ? 0.244   17.673  -5.053  1.00 51.83 ? 79  LEU A N   1 
ATOM   158  C CA  . LEU A 1 22  ? 0.017   16.918  -6.286  1.00 51.95 ? 79  LEU A CA  1 
ATOM   159  C C   . LEU A 1 22  ? -0.653  15.527  -6.097  1.00 52.30 ? 79  LEU A C   1 
ATOM   160  O O   . LEU A 1 22  ? -1.214  14.950  -7.044  1.00 51.81 ? 79  LEU A O   1 
ATOM   161  C CB  . LEU A 1 22  ? 1.344   16.742  -7.043  1.00 51.60 ? 79  LEU A CB  1 
ATOM   162  C CG  . LEU A 1 22  ? 2.113   17.980  -7.518  1.00 50.99 ? 79  LEU A CG  1 
ATOM   163  C CD1 . LEU A 1 22  ? 3.484   17.585  -8.098  1.00 49.11 ? 79  LEU A CD1 1 
ATOM   164  C CD2 . LEU A 1 22  ? 1.299   18.798  -8.525  1.00 50.21 ? 79  LEU A CD2 1 
ATOM   165  N N   . TRP A 1 23  ? -0.600  14.997  -4.875  1.00 52.62 ? 80  TRP A N   1 
ATOM   166  C CA  . TRP A 1 23  ? -1.158  13.688  -4.571  1.00 52.38 ? 80  TRP A CA  1 
ATOM   167  C C   . TRP A 1 23  ? -2.688  13.663  -4.652  1.00 53.13 ? 80  TRP A C   1 
ATOM   168  O O   . TRP A 1 23  ? -3.296  12.592  -4.644  1.00 52.90 ? 80  TRP A O   1 
ATOM   169  C CB  . TRP A 1 23  ? -0.687  13.227  -3.183  1.00 51.91 ? 80  TRP A CB  1 
ATOM   170  C CG  . TRP A 1 23  ? 0.812   13.151  -3.034  1.00 51.59 ? 80  TRP A CG  1 
ATOM   171  C CD1 . TRP A 1 23  ? 1.735   13.039  -4.031  1.00 51.05 ? 80  TRP A CD1 1 
ATOM   172  C CD2 . TRP A 1 23  ? 1.558   13.150  -1.803  1.00 51.59 ? 80  TRP A CD2 1 
ATOM   173  N NE1 . TRP A 1 23  ? 3.005   12.978  -3.500  1.00 50.40 ? 80  TRP A NE1 1 
ATOM   174  C CE2 . TRP A 1 23  ? 2.922   13.046  -2.140  1.00 50.61 ? 80  TRP A CE2 1 
ATOM   175  C CE3 . TRP A 1 23  ? 1.205   13.240  -0.450  1.00 51.14 ? 80  TRP A CE3 1 
ATOM   176  C CZ2 . TRP A 1 23  ? 3.927   13.047  -1.180  1.00 51.34 ? 80  TRP A CZ2 1 
ATOM   177  C CZ3 . TRP A 1 23  ? 2.218   13.216  0.509   1.00 51.01 ? 80  TRP A CZ3 1 
ATOM   178  C CH2 . TRP A 1 23  ? 3.553   13.130  0.138   1.00 50.76 ? 80  TRP A CH2 1 
ATOM   179  N N   . SER A 1 24  ? -3.294  14.846  -4.708  1.00 54.47 ? 81  SER A N   1 
ATOM   180  C CA  . SER A 1 24  ? -4.744  15.016  -4.882  1.00 55.73 ? 81  SER A CA  1 
ATOM   181  C C   . SER A 1 24  ? -5.224  14.759  -6.324  1.00 56.48 ? 81  SER A C   1 
ATOM   182  O O   . SER A 1 24  ? -6.360  14.342  -6.537  1.00 56.83 ? 81  SER A O   1 
ATOM   183  C CB  . SER A 1 24  ? -5.142  16.435  -4.434  1.00 55.83 ? 81  SER A CB  1 
ATOM   184  O OG  . SER A 1 24  ? -4.682  16.648  -3.101  1.00 56.37 ? 81  SER A OG  1 
ATOM   185  N N   . GLU A 1 25  ? -4.355  15.008  -7.299  1.00 57.22 ? 82  GLU A N   1 
ATOM   186  C CA  . GLU A 1 25  ? -4.651  14.729  -8.710  1.00 58.18 ? 82  GLU A CA  1 
ATOM   187  C C   . GLU A 1 25  ? -5.174  13.310  -8.996  1.00 58.28 ? 82  GLU A C   1 
ATOM   188  O O   . GLU A 1 25  ? -6.228  13.159  -9.611  1.00 59.08 ? 82  GLU A O   1 
ATOM   189  C CB  . GLU A 1 25  ? -3.408  14.984  -9.582  1.00 58.48 ? 82  GLU A CB  1 
ATOM   190  C CG  . GLU A 1 25  ? -3.409  16.368  -10.236 1.00 60.87 ? 82  GLU A CG  1 
ATOM   191  C CD  . GLU A 1 25  ? -4.119  16.388  -11.597 1.00 62.46 ? 82  GLU A CD  1 
ATOM   192  O OE1 . GLU A 1 25  ? -4.048  15.358  -12.324 1.00 62.72 ? 82  GLU A OE1 1 
ATOM   193  O OE2 . GLU A 1 25  ? -4.734  17.438  -11.931 1.00 62.69 ? 82  GLU A OE2 1 
ATOM   194  N N   . ALA A 1 26  ? -4.427  12.290  -8.580  1.00 57.76 ? 83  ALA A N   1 
ATOM   195  C CA  . ALA A 1 26  ? -4.802  10.892  -8.813  1.00 57.72 ? 83  ALA A CA  1 
ATOM   196  C C   . ALA A 1 26  ? -4.139  9.979   -7.797  1.00 57.37 ? 83  ALA A C   1 
ATOM   197  O O   . ALA A 1 26  ? -3.035  10.245  -7.356  1.00 57.22 ? 83  ALA A O   1 
ATOM   198  C CB  . ALA A 1 26  ? -4.417  10.449  -10.225 1.00 57.75 ? 83  ALA A CB  1 
ATOM   199  N N   . PHE A 1 27  ? -4.836  8.901   -7.452  1.00 57.28 ? 84  PHE A N   1 
ATOM   200  C CA  . PHE A 1 27  ? -4.356  7.881   -6.521  1.00 57.12 ? 84  PHE A CA  1 
ATOM   201  C C   . PHE A 1 27  ? -3.000  7.331   -6.995  1.00 57.42 ? 84  PHE A C   1 
ATOM   202  O O   . PHE A 1 27  ? -2.058  7.208   -6.203  1.00 57.00 ? 84  PHE A O   1 
ATOM   203  C CB  . PHE A 1 27  ? -5.422  6.778   -6.422  1.00 56.70 ? 84  PHE A CB  1 
ATOM   204  C CG  . PHE A 1 27  ? -5.213  5.781   -5.294  1.00 57.13 ? 84  PHE A CG  1 
ATOM   205  C CD1 . PHE A 1 27  ? -4.761  6.168   -4.045  1.00 57.11 ? 84  PHE A CD1 1 
ATOM   206  C CD2 . PHE A 1 27  ? -5.540  4.449   -5.477  1.00 57.07 ? 84  PHE A CD2 1 
ATOM   207  C CE1 . PHE A 1 27  ? -4.585  5.246   -3.024  1.00 55.59 ? 84  PHE A CE1 1 
ATOM   208  C CE2 . PHE A 1 27  ? -5.373  3.525   -4.438  1.00 57.13 ? 84  PHE A CE2 1 
ATOM   209  C CZ  . PHE A 1 27  ? -4.901  3.937   -3.221  1.00 55.23 ? 84  PHE A CZ  1 
ATOM   210  N N   . ASP A 1 28  ? -2.896  7.048   -8.298  1.00 57.84 ? 85  ASP A N   1 
ATOM   211  C CA  . ASP A 1 28  ? -1.675  6.492   -8.891  1.00 58.19 ? 85  ASP A CA  1 
ATOM   212  C C   . ASP A 1 28  ? -0.488  7.390   -8.594  1.00 57.71 ? 85  ASP A C   1 
ATOM   213  O O   . ASP A 1 28  ? 0.622   6.909   -8.473  1.00 57.32 ? 85  ASP A O   1 
ATOM   214  C CB  . ASP A 1 28  ? -1.765  6.341   -10.413 1.00 58.72 ? 85  ASP A CB  1 
ATOM   215  C CG  . ASP A 1 28  ? -3.152  5.993   -10.903 1.00 61.49 ? 85  ASP A CG  1 
ATOM   216  O OD1 . ASP A 1 28  ? -3.708  6.792   -11.699 1.00 64.73 ? 85  ASP A OD1 1 
ATOM   217  O OD2 . ASP A 1 28  ? -3.682  4.935   -10.498 1.00 64.59 ? 85  ASP A OD2 1 
ATOM   218  N N   . GLU A 1 29  ? -0.745  8.693   -8.487  1.00 57.80 ? 86  GLU A N   1 
ATOM   219  C CA  . GLU A 1 29  ? 0.304   9.695   -8.257  1.00 58.27 ? 86  GLU A CA  1 
ATOM   220  C C   . GLU A 1 29  ? 0.796   9.696   -6.824  1.00 57.49 ? 86  GLU A C   1 
ATOM   221  O O   . GLU A 1 29  ? 1.986   9.819   -6.593  1.00 57.70 ? 86  GLU A O   1 
ATOM   222  C CB  . GLU A 1 29  ? -0.174  11.109  -8.632  1.00 58.85 ? 86  GLU A CB  1 
ATOM   223  C CG  . GLU A 1 29  ? -0.542  11.288  -10.100 1.00 60.84 ? 86  GLU A CG  1 
ATOM   224  C CD  . GLU A 1 29  ? 0.492   10.691  -11.064 1.00 63.74 ? 86  GLU A CD  1 
ATOM   225  O OE1 . GLU A 1 29  ? 1.714   10.949  -10.903 1.00 64.42 ? 86  GLU A OE1 1 
ATOM   226  O OE2 . GLU A 1 29  ? 0.064   9.959   -11.986 1.00 65.57 ? 86  GLU A OE2 1 
ATOM   227  N N   . LEU A 1 30  ? -0.127  9.581   -5.874  1.00 57.42 ? 87  LEU A N   1 
ATOM   228  C CA  . LEU A 1 30  ? 0.202   9.336   -4.473  1.00 57.14 ? 87  LEU A CA  1 
ATOM   229  C C   . LEU A 1 30  ? 1.108   8.109   -4.338  1.00 57.07 ? 87  LEU A C   1 
ATOM   230  O O   . LEU A 1 30  ? 2.145   8.156   -3.700  1.00 56.64 ? 87  LEU A O   1 
ATOM   231  C CB  . LEU A 1 30  ? -1.088  9.111   -3.690  1.00 56.96 ? 87  LEU A CB  1 
ATOM   232  C CG  . LEU A 1 30  ? -1.009  8.840   -2.184  1.00 56.94 ? 87  LEU A CG  1 
ATOM   233  C CD1 . LEU A 1 30  ? -0.256  9.933   -1.475  1.00 57.77 ? 87  LEU A CD1 1 
ATOM   234  C CD2 . LEU A 1 30  ? -2.412  8.721   -1.567  1.00 57.13 ? 87  LEU A CD2 1 
ATOM   235  N N   . LEU A 1 31  ? 0.698   7.022   -4.982  1.00 57.97 ? 88  LEU A N   1 
ATOM   236  C CA  . LEU A 1 31  ? 1.407   5.715   -4.943  1.00 58.25 ? 88  LEU A CA  1 
ATOM   237  C C   . LEU A 1 31  ? 2.752   5.692   -5.652  1.00 57.57 ? 88  LEU A C   1 
ATOM   238  O O   . LEU A 1 31  ? 3.636   4.958   -5.238  1.00 58.27 ? 88  LEU A O   1 
ATOM   239  C CB  . LEU A 1 31  ? 0.533   4.610   -5.575  1.00 58.57 ? 88  LEU A CB  1 
ATOM   240  C CG  . LEU A 1 31  ? -0.874  4.412   -4.987  1.00 59.84 ? 88  LEU A CG  1 
ATOM   241  C CD1 . LEU A 1 31  ? -1.529  3.171   -5.569  1.00 60.93 ? 88  LEU A CD1 1 
ATOM   242  C CD2 . LEU A 1 31  ? -0.831  4.333   -3.477  1.00 61.43 ? 88  LEU A CD2 1 
ATOM   243  N N   . ALA A 1 32  ? 2.894   6.449   -6.737  1.00 56.64 ? 89  ALA A N   1 
ATOM   244  C CA  . ALA A 1 32  ? 4.158   6.492   -7.470  1.00 56.04 ? 89  ALA A CA  1 
ATOM   245  C C   . ALA A 1 32  ? 5.245   7.305   -6.752  1.00 55.77 ? 89  ALA A C   1 
ATOM   246  O O   . ALA A 1 32  ? 6.397   7.247   -7.139  1.00 55.26 ? 89  ALA A O   1 
ATOM   247  C CB  . ALA A 1 32  ? 3.932   7.030   -8.877  1.00 55.88 ? 89  ALA A CB  1 
ATOM   248  N N   . SER A 1 33  ? 4.858   8.073   -5.729  1.00 55.77 ? 90  SER A N   1 
ATOM   249  C CA  . SER A 1 33  ? 5.773   8.899   -4.933  1.00 55.84 ? 90  SER A CA  1 
ATOM   250  C C   . SER A 1 33  ? 6.169   8.144   -3.694  1.00 56.15 ? 90  SER A C   1 
ATOM   251  O O   . SER A 1 33  ? 5.318   7.604   -3.011  1.00 56.50 ? 90  SER A O   1 
ATOM   252  C CB  . SER A 1 33  ? 5.092   10.219  -4.485  1.00 56.33 ? 90  SER A CB  1 
ATOM   253  O OG  . SER A 1 33  ? 5.817   10.891  -3.462  1.00 53.29 ? 90  SER A OG  1 
ATOM   254  N N   . LYS A 1 34  ? 7.452   8.141   -3.385  1.00 56.38 ? 91  LYS A N   1 
ATOM   255  C CA  . LYS A 1 34  ? 7.927   7.443   -2.212  1.00 57.01 ? 91  LYS A CA  1 
ATOM   256  C C   . LYS A 1 34  ? 7.383   8.090   -0.932  1.00 56.83 ? 91  LYS A C   1 
ATOM   257  O O   . LYS A 1 34  ? 6.977   7.396   0.006   1.00 56.38 ? 91  LYS A O   1 
ATOM   258  C CB  . LYS A 1 34  ? 9.474   7.333   -2.207  1.00 57.05 ? 91  LYS A CB  1 
ATOM   259  C CG  . LYS A 1 34  ? 10.235  8.640   -2.169  1.00 57.96 ? 91  LYS A CG  1 
ATOM   260  N N   . TYR A 1 35  ? 7.376   9.415   -0.914  1.00 57.13 ? 92  TYR A N   1 
ATOM   261  C CA  . TYR A 1 35  ? 6.846   10.185  0.215   1.00 57.30 ? 92  TYR A CA  1 
ATOM   262  C C   . TYR A 1 35  ? 5.345   10.006  0.382   1.00 56.47 ? 92  TYR A C   1 
ATOM   263  O O   . TYR A 1 35  ? 4.874   9.786   1.496   1.00 55.87 ? 92  TYR A O   1 
ATOM   264  C CB  . TYR A 1 35  ? 7.191   11.675  0.079   1.00 58.00 ? 92  TYR A CB  1 
ATOM   265  C CG  . TYR A 1 35  ? 8.668   11.963  0.224   1.00 58.92 ? 92  TYR A CG  1 
ATOM   266  C CD1 . TYR A 1 35  ? 9.405   11.424  1.273   1.00 58.85 ? 92  TYR A CD1 1 
ATOM   267  C CD2 . TYR A 1 35  ? 9.326   12.782  -0.678  1.00 60.14 ? 92  TYR A CD2 1 
ATOM   268  C CE1 . TYR A 1 35  ? 10.722  11.682  1.415   1.00 58.07 ? 92  TYR A CE1 1 
ATOM   269  C CE2 . TYR A 1 35  ? 10.664  13.055  -0.537  1.00 59.77 ? 92  TYR A CE2 1 
ATOM   270  C CZ  . TYR A 1 35  ? 11.360  12.498  0.517   1.00 59.97 ? 92  TYR A CZ  1 
ATOM   271  O OH  . TYR A 1 35  ? 12.717  12.743  0.668   1.00 61.24 ? 92  TYR A OH  1 
ATOM   272  N N   . GLY A 1 36  ? 4.618   10.094  -0.733  1.00 56.34 ? 93  GLY A N   1 
ATOM   273  C CA  . GLY A 1 36  ? 3.169   9.861   -0.784  1.00 55.68 ? 93  GLY A CA  1 
ATOM   274  C C   . GLY A 1 36  ? 2.763   8.478   -0.320  1.00 55.74 ? 93  GLY A C   1 
ATOM   275  O O   . GLY A 1 36  ? 1.721   8.303   0.339   1.00 55.66 ? 93  GLY A O   1 
ATOM   276  N N   . LEU A 1 37  ? 3.584   7.489   -0.677  1.00 55.26 ? 94  LEU A N   1 
ATOM   277  C CA  . LEU A 1 37  ? 3.384   6.121   -0.222  1.00 54.77 ? 94  LEU A CA  1 
ATOM   278  C C   . LEU A 1 37  ? 3.595   5.987   1.285   1.00 53.71 ? 94  LEU A C   1 
ATOM   279  O O   . LEU A 1 37  ? 2.783   5.366   1.966   1.00 53.19 ? 94  LEU A O   1 
ATOM   280  C CB  . LEU A 1 37  ? 4.332   5.179   -0.957  1.00 54.72 ? 94  LEU A CB  1 
ATOM   281  C CG  . LEU A 1 37  ? 4.140   3.702   -0.648  1.00 55.26 ? 94  LEU A CG  1 
ATOM   282  C CD1 . LEU A 1 37  ? 2.730   3.290   -0.947  1.00 55.89 ? 94  LEU A CD1 1 
ATOM   283  C CD2 . LEU A 1 37  ? 5.143   2.880   -1.489  1.00 56.23 ? 94  LEU A CD2 1 
ATOM   284  N N   . ALA A 1 38  ? 4.704   6.536   1.788   1.00 52.50 ? 95  ALA A N   1 
ATOM   285  C CA  . ALA A 1 38  ? 4.984   6.535   3.219   1.00 51.68 ? 95  ALA A CA  1 
ATOM   286  C C   . ALA A 1 38  ? 3.904   7.289   4.023   1.00 51.55 ? 95  ALA A C   1 
ATOM   287  O O   . ALA A 1 38  ? 3.504   6.843   5.082   1.00 51.95 ? 95  ALA A O   1 
ATOM   288  C CB  . ALA A 1 38  ? 6.365   7.143   3.470   1.00 51.56 ? 95  ALA A CB  1 
ATOM   289  N N   . ALA A 1 39  ? 3.438   8.420   3.494   1.00 51.23 ? 96  ALA A N   1 
ATOM   290  C CA  . ALA A 1 39  ? 2.363   9.220   4.103   1.00 51.50 ? 96  ALA A CA  1 
ATOM   291  C C   . ALA A 1 39  ? 1.058   8.438   4.216   1.00 51.55 ? 96  ALA A C   1 
ATOM   292  O O   . ALA A 1 39  ? 0.468   8.353   5.277   1.00 52.18 ? 96  ALA A O   1 
ATOM   293  C CB  . ALA A 1 39  ? 2.148   10.490  3.295   1.00 51.16 ? 96  ALA A CB  1 
ATOM   294  N N   . PHE A 1 40  ? 0.644   7.852   3.104   1.00 51.97 ? 97  PHE A N   1 
ATOM   295  C CA  . PHE A 1 40  ? -0.540  7.001   3.005   1.00 52.05 ? 97  PHE A CA  1 
ATOM   296  C C   . PHE A 1 40  ? -0.449  5.809   3.940   1.00 51.58 ? 97  PHE A C   1 
ATOM   297  O O   . PHE A 1 40  ? -1.347  5.564   4.708   1.00 52.62 ? 97  PHE A O   1 
ATOM   298  C CB  . PHE A 1 40  ? -0.683  6.503   1.555   1.00 52.20 ? 97  PHE A CB  1 
ATOM   299  C CG  . PHE A 1 40  ? -2.024  5.870   1.234   1.00 51.94 ? 97  PHE A CG  1 
ATOM   300  C CD1 . PHE A 1 40  ? -2.087  4.651   0.565   1.00 52.04 ? 97  PHE A CD1 1 
ATOM   301  C CD2 . PHE A 1 40  ? -3.203  6.497   1.566   1.00 52.50 ? 97  PHE A CD2 1 
ATOM   302  C CE1 . PHE A 1 40  ? -3.297  4.068   0.244   1.00 52.11 ? 97  PHE A CE1 1 
ATOM   303  C CE2 . PHE A 1 40  ? -4.413  5.921   1.252   1.00 52.91 ? 97  PHE A CE2 1 
ATOM   304  C CZ  . PHE A 1 40  ? -4.452  4.691   0.584   1.00 53.10 ? 97  PHE A CZ  1 
ATOM   305  N N   . ARG A 1 41  ? 0.660   5.096   3.924   1.00 51.13 ? 98  ARG A N   1 
ATOM   306  C CA  . ARG A 1 41  ? 0.825   4.008   4.870   1.00 50.81 ? 98  ARG A CA  1 
ATOM   307  C C   . ARG A 1 41  ? 0.694   4.403   6.342   1.00 49.73 ? 98  ARG A C   1 
ATOM   308  O O   . ARG A 1 41  ? 0.238   3.599   7.137   1.00 49.04 ? 98  ARG A O   1 
ATOM   309  C CB  . ARG A 1 41  ? 2.159   3.321   4.658   1.00 51.09 ? 98  ARG A CB  1 
ATOM   310  C CG  . ARG A 1 41  ? 2.236   2.580   3.342   1.00 55.68 ? 98  ARG A CG  1 
ATOM   311  C CD  . ARG A 1 41  ? 3.517   1.817   3.231   1.00 58.85 ? 98  ARG A CD  1 
ATOM   312  N NE  . ARG A 1 41  ? 3.573   0.769   4.253   1.00 61.23 ? 98  ARG A NE  1 
ATOM   313  C CZ  . ARG A 1 41  ? 4.555   -0.122  4.334   1.00 62.44 ? 98  ARG A CZ  1 
ATOM   314  N NH1 . ARG A 1 41  ? 4.539   -1.039  5.288   1.00 62.38 ? 98  ARG A NH1 1 
ATOM   315  N NH2 . ARG A 1 41  ? 5.549   -0.105  3.452   1.00 64.61 ? 98  ARG A NH2 1 
ATOM   316  N N   . ALA A 1 42  ? 1.161   5.594   6.705   1.00 49.90 ? 99  ALA A N   1 
ATOM   317  C CA  . ALA A 1 42  ? 1.138   6.052   8.093   1.00 50.72 ? 99  ALA A CA  1 
ATOM   318  C C   . ALA A 1 42  ? -0.266  6.441   8.507   1.00 50.72 ? 99  ALA A C   1 
ATOM   319  O O   . ALA A 1 42  ? -0.675  6.154   9.607   1.00 50.24 ? 99  ALA A O   1 
ATOM   320  C CB  . ALA A 1 42  ? 2.095   7.226   8.303   1.00 50.98 ? 99  ALA A CB  1 
ATOM   321  N N   . PHE A 1 43  ? -0.991  7.089   7.597   1.00 51.37 ? 100 PHE A N   1 
ATOM   322  C CA  . PHE A 1 43  ? -2.421  7.373   7.777   1.00 51.21 ? 100 PHE A CA  1 
ATOM   323  C C   . PHE A 1 43  ? -3.178  6.093   8.044   1.00 51.72 ? 100 PHE A C   1 
ATOM   324  O O   . PHE A 1 43  ? -3.896  6.000   9.032   1.00 51.81 ? 100 PHE A O   1 
ATOM   325  C CB  . PHE A 1 43  ? -2.995  8.027   6.535   1.00 50.70 ? 100 PHE A CB  1 
ATOM   326  C CG  . PHE A 1 43  ? -4.490  8.210   6.586   1.00 51.82 ? 100 PHE A CG  1 
ATOM   327  C CD1 . PHE A 1 43  ? -5.329  7.483   5.746   1.00 51.55 ? 100 PHE A CD1 1 
ATOM   328  C CD2 . PHE A 1 43  ? -5.061  9.124   7.488   1.00 51.92 ? 100 PHE A CD2 1 
ATOM   329  C CE1 . PHE A 1 43  ? -6.682  7.673   5.769   1.00 51.07 ? 100 PHE A CE1 1 
ATOM   330  C CE2 . PHE A 1 43  ? -6.423  9.324   7.527   1.00 50.59 ? 100 PHE A CE2 1 
ATOM   331  C CZ  . PHE A 1 43  ? -7.242  8.600   6.674   1.00 51.49 ? 100 PHE A CZ  1 
ATOM   332  N N   . LEU A 1 44  ? -2.971  5.093   7.175   1.00 52.08 ? 101 LEU A N   1 
ATOM   333  C CA  . LEU A 1 44  ? -3.648  3.807   7.288   1.00 52.15 ? 101 LEU A CA  1 
ATOM   334  C C   . LEU A 1 44  ? -3.241  3.019   8.530   1.00 51.92 ? 101 LEU A C   1 
ATOM   335  O O   . LEU A 1 44  ? -4.051  2.336   9.124   1.00 51.80 ? 101 LEU A O   1 
ATOM   336  C CB  . LEU A 1 44  ? -3.373  2.945   6.048   1.00 52.08 ? 101 LEU A CB  1 
ATOM   337  C CG  . LEU A 1 44  ? -3.893  3.478   4.719   1.00 54.13 ? 101 LEU A CG  1 
ATOM   338  C CD1 . LEU A 1 44  ? -3.484  2.528   3.591   1.00 55.45 ? 101 LEU A CD1 1 
ATOM   339  C CD2 . LEU A 1 44  ? -5.369  3.691   4.739   1.00 54.39 ? 101 LEU A CD2 1 
ATOM   340  N N   . LYS A 1 45  ? -1.975  3.087   8.901   1.00 52.33 ? 102 LYS A N   1 
ATOM   341  C CA  . LYS A 1 45  ? -1.505  2.417   10.118  1.00 52.90 ? 102 LYS A CA  1 
ATOM   342  C C   . LYS A 1 45  ? -2.131  3.065   11.352  1.00 53.48 ? 102 LYS A C   1 
ATOM   343  O O   . LYS A 1 45  ? -2.423  2.372   12.326  1.00 53.44 ? 102 LYS A O   1 
ATOM   344  C CB  . LYS A 1 45  ? 0.018   2.493   10.204  1.00 52.35 ? 102 LYS A CB  1 
ATOM   345  C CG  . LYS A 1 45  ? 0.641   1.669   11.300  1.00 53.31 ? 102 LYS A CG  1 
ATOM   346  C CD  . LYS A 1 45  ? 2.129   1.448   10.999  1.00 56.33 ? 102 LYS A CD  1 
ATOM   347  C CE  . LYS A 1 45  ? 2.695   0.185   11.647  1.00 58.80 ? 102 LYS A CE  1 
ATOM   348  N NZ  . LYS A 1 45  ? 3.247   0.491   13.025  1.00 59.51 ? 102 LYS A NZ  1 
ATOM   349  N N   . SER A 1 46  ? -2.332  4.388   11.311  1.00 54.73 ? 103 SER A N   1 
ATOM   350  C CA  . SER A 1 46  ? -2.967  5.111   12.442  1.00 56.26 ? 103 SER A CA  1 
ATOM   351  C C   . SER A 1 46  ? -4.400  4.684   12.591  1.00 56.87 ? 103 SER A C   1 
ATOM   352  O O   . SER A 1 46  ? -4.935  4.771   13.658  1.00 58.15 ? 103 SER A O   1 
ATOM   353  C CB  . SER A 1 46  ? -2.912  6.627   12.273  1.00 56.26 ? 103 SER A CB  1 
ATOM   354  O OG  . SER A 1 46  ? -3.895  7.102   11.360  1.00 57.58 ? 103 SER A OG  1 
ATOM   355  N N   . GLU A 1 47  ? -4.999  4.183   11.516  1.00 58.53 ? 104 GLU A N   1 
ATOM   356  C CA  . GLU A 1 47  ? -6.352  3.651   11.537  1.00 59.29 ? 104 GLU A CA  1 
ATOM   357  C C   . GLU A 1 47  ? -6.392  2.134   11.486  1.00 59.55 ? 104 GLU A C   1 
ATOM   358  O O   . GLU A 1 47  ? -7.445  1.551   11.209  1.00 59.33 ? 104 GLU A O   1 
ATOM   359  C CB  . GLU A 1 47  ? -7.122  4.193   10.349  1.00 59.84 ? 104 GLU A CB  1 
ATOM   360  C CG  . GLU A 1 47  ? -7.166  5.693   10.315  1.00 62.11 ? 104 GLU A CG  1 
ATOM   361  C CD  . GLU A 1 47  ? -8.191  6.166   9.343   1.00 64.97 ? 104 GLU A CD  1 
ATOM   362  O OE1 . GLU A 1 47  ? -8.297  5.524   8.262   1.00 67.00 ? 104 GLU A OE1 1 
ATOM   363  O OE2 . GLU A 1 47  ? -8.905  7.139   9.672   1.00 64.04 ? 104 GLU A OE2 1 
ATOM   364  N N   . PHE A 1 48  ? -5.253  1.499   11.752  1.00 59.86 ? 105 PHE A N   1 
ATOM   365  C CA  . PHE A 1 48  ? -5.183  0.056   11.848  1.00 60.38 ? 105 PHE A CA  1 
ATOM   366  C C   . PHE A 1 48  ? -5.780  -0.641  10.634  1.00 60.87 ? 105 PHE A C   1 
ATOM   367  O O   . PHE A 1 48  ? -6.500  -1.635  10.786  1.00 61.26 ? 105 PHE A O   1 
ATOM   368  C CB  . PHE A 1 48  ? -5.901  -0.420  13.127  1.00 60.38 ? 105 PHE A CB  1 
ATOM   369  C CG  . PHE A 1 48  ? -5.587  0.409   14.325  1.00 60.02 ? 105 PHE A CG  1 
ATOM   370  C CD1 . PHE A 1 48  ? -6.388  1.496   14.667  1.00 60.04 ? 105 PHE A CD1 1 
ATOM   371  C CD2 . PHE A 1 48  ? -4.470  0.131   15.096  1.00 59.63 ? 105 PHE A CD2 1 
ATOM   372  C CE1 . PHE A 1 48  ? -6.085  2.291   15.776  1.00 59.58 ? 105 PHE A CE1 1 
ATOM   373  C CE2 . PHE A 1 48  ? -4.169  0.924   16.220  1.00 60.53 ? 105 PHE A CE2 1 
ATOM   374  C CZ  . PHE A 1 48  ? -4.977  2.001   16.549  1.00 59.14 ? 105 PHE A CZ  1 
ATOM   375  N N   . CYS A 1 49  ? -5.488  -0.145  9.436   1.00 61.31 ? 106 CYS A N   1 
ATOM   376  C CA  . CYS A 1 49  ? -5.875  -0.878  8.213   1.00 62.25 ? 106 CYS A CA  1 
ATOM   377  C C   . CYS A 1 49  ? -4.816  -0.774  7.107   1.00 61.77 ? 106 CYS A C   1 
ATOM   378  O O   . CYS A 1 49  ? -5.129  -0.705  5.907   1.00 62.29 ? 106 CYS A O   1 
ATOM   379  C CB  . CYS A 1 49  ? -7.264  -0.435  7.738   1.00 62.62 ? 106 CYS A CB  1 
ATOM   380  S SG  . CYS A 1 49  ? -7.310  1.257   7.161   1.00 65.58 ? 106 CYS A SG  1 
ATOM   381  N N   . GLU A 1 50  ? -3.558  -0.818  7.542   1.00 61.17 ? 107 GLU A N   1 
ATOM   382  C CA  . GLU A 1 50  ? -2.384  -0.755  6.674   1.00 60.88 ? 107 GLU A CA  1 
ATOM   383  C C   . GLU A 1 50  ? -2.211  -2.029  5.806   1.00 60.99 ? 107 GLU A C   1 
ATOM   384  O O   . GLU A 1 50  ? -1.431  -2.061  4.864   1.00 60.89 ? 107 GLU A O   1 
ATOM   385  C CB  A GLU A 1 50  ? -1.137  -0.531  7.543   0.65 60.79 ? 107 GLU A CB  1 
ATOM   386  C CB  B GLU A 1 50  ? -1.114  -0.515  7.513   0.35 60.92 ? 107 GLU A CB  1 
ATOM   387  C CG  A GLU A 1 50  ? -0.733  -1.728  8.440   0.65 60.65 ? 107 GLU A CG  1 
ATOM   388  C CG  B GLU A 1 50  ? 0.092   0.057   6.737   0.35 60.97 ? 107 GLU A CG  1 
ATOM   389  C CD  A GLU A 1 50  ? -1.393  -1.748  9.825   0.65 60.44 ? 107 GLU A CD  1 
ATOM   390  C CD  B GLU A 1 50  ? 1.399   0.021   7.539   0.35 61.01 ? 107 GLU A CD  1 
ATOM   391  O OE1 A GLU A 1 50  ? -0.650  -1.936  10.800  0.65 60.85 ? 107 GLU A OE1 1 
ATOM   392  O OE1 B GLU A 1 50  ? 2.375   0.693   7.132   0.35 60.61 ? 107 GLU A OE1 1 
ATOM   393  O OE2 A GLU A 1 50  ? -2.629  -1.595  9.955   0.65 59.49 ? 107 GLU A OE2 1 
ATOM   394  O OE2 B GLU A 1 50  ? 1.452   -0.673  8.580   0.35 61.36 ? 107 GLU A OE2 1 
ATOM   395  N N   . GLU A 1 51  ? -2.908  -3.097  6.162   1.00 61.15 ? 108 GLU A N   1 
ATOM   396  C CA  . GLU A 1 51  ? -2.744  -4.388  5.496   1.00 60.78 ? 108 GLU A CA  1 
ATOM   397  C C   . GLU A 1 51  ? -3.133  -4.371  4.022   1.00 59.63 ? 108 GLU A C   1 
ATOM   398  O O   . GLU A 1 51  ? -2.514  -5.053  3.208   1.00 58.55 ? 108 GLU A O   1 
ATOM   399  C CB  . GLU A 1 51  ? -3.541  -5.468  6.237   1.00 61.79 ? 108 GLU A CB  1 
ATOM   400  C CG  . GLU A 1 51  ? -5.079  -5.281  6.273   1.00 63.46 ? 108 GLU A CG  1 
ATOM   401  C CD  . GLU A 1 51  ? -5.589  -4.629  7.560   1.00 66.38 ? 108 GLU A CD  1 
ATOM   402  O OE1 . GLU A 1 51  ? -4.783  -4.390  8.484   1.00 65.89 ? 108 GLU A OE1 1 
ATOM   403  O OE2 . GLU A 1 51  ? -6.815  -4.374  7.631   1.00 68.97 ? 108 GLU A OE2 1 
ATOM   404  N N   . ASN A 1 52  ? -4.142  -3.571  3.680   1.00 58.70 ? 109 ASN A N   1 
ATOM   405  C CA  . ASN A 1 52  ? -4.555  -3.399  2.279   1.00 57.87 ? 109 ASN A CA  1 
ATOM   406  C C   . ASN A 1 52  ? -3.462  -2.824  1.405   1.00 56.84 ? 109 ASN A C   1 
ATOM   407  O O   . ASN A 1 52  ? -3.222  -3.314  0.296   1.00 54.90 ? 109 ASN A O   1 
ATOM   408  C CB  . ASN A 1 52  ? -5.760  -2.464  2.169   1.00 58.31 ? 109 ASN A CB  1 
ATOM   409  C CG  . ASN A 1 52  ? -7.003  -3.052  2.750   1.00 58.53 ? 109 ASN A CG  1 
ATOM   410  O OD1 . ASN A 1 52  ? -7.774  -2.343  3.399   1.00 59.55 ? 109 ASN A OD1 1 
ATOM   411  N ND2 . ASN A 1 52  ? -7.212  -4.356  2.538   1.00 56.82 ? 109 ASN A ND2 1 
ATOM   412  N N   . ILE A 1 53  ? -2.819  -1.762  1.895   1.00 56.13 ? 110 ILE A N   1 
ATOM   413  C CA  . ILE A 1 53  ? -1.724  -1.150  1.137   1.00 56.43 ? 110 ILE A CA  1 
ATOM   414  C C   . ILE A 1 53  ? -0.484  -2.068  1.135   1.00 55.43 ? 110 ILE A C   1 
ATOM   415  O O   . ILE A 1 53  ? 0.125   -2.230  0.100   1.00 55.45 ? 110 ILE A O   1 
ATOM   416  C CB  . ILE A 1 53  ? -1.406  0.313   1.579   1.00 56.51 ? 110 ILE A CB  1 
ATOM   417  C CG1 . ILE A 1 53  ? -0.410  0.987   0.632   1.00 56.80 ? 110 ILE A CG1 1 
ATOM   418  C CG2 . ILE A 1 53  ? -0.837  0.352   2.975   1.00 57.34 ? 110 ILE A CG2 1 
ATOM   419  C CD1 . ILE A 1 53  ? -0.899  1.216   -0.808  1.00 56.95 ? 110 ILE A CD1 1 
ATOM   420  N N   . GLU A 1 54  ? -0.156  -2.697  2.260   1.00 54.83 ? 111 GLU A N   1 
ATOM   421  C CA  . GLU A 1 54  ? 0.933   -3.698  2.299   1.00 55.10 ? 111 GLU A CA  1 
ATOM   422  C C   . GLU A 1 54  ? 0.648   -4.885  1.372   1.00 53.83 ? 111 GLU A C   1 
ATOM   423  O O   . GLU A 1 54  ? 1.533   -5.380  0.725   1.00 53.26 ? 111 GLU A O   1 
ATOM   424  C CB  . GLU A 1 54  ? 1.153   -4.220  3.704   1.00 54.83 ? 111 GLU A CB  1 
ATOM   425  C CG  . GLU A 1 54  ? 1.699   -3.181  4.669   1.00 58.73 ? 111 GLU A CG  1 
ATOM   426  C CD  . GLU A 1 54  ? 1.856   -3.733  6.078   1.00 61.71 ? 111 GLU A CD  1 
ATOM   427  O OE1 . GLU A 1 54  ? 1.578   -4.927  6.285   1.00 67.49 ? 111 GLU A OE1 1 
ATOM   428  O OE2 . GLU A 1 54  ? 2.250   -2.992  6.984   1.00 65.58 ? 111 GLU A OE2 1 
ATOM   429  N N   . PHE A 1 55  ? -0.601  -5.332  1.349   1.00 53.93 ? 112 PHE A N   1 
ATOM   430  C CA  . PHE A 1 55  ? -1.044  -6.355  0.415   1.00 53.52 ? 112 PHE A CA  1 
ATOM   431  C C   . PHE A 1 55  ? -0.775  -5.929  -1.018  1.00 53.54 ? 112 PHE A C   1 
ATOM   432  O O   . PHE A 1 55  ? -0.165  -6.673  -1.808  1.00 53.77 ? 112 PHE A O   1 
ATOM   433  C CB  . PHE A 1 55  ? -2.531  -6.671  0.581   1.00 52.62 ? 112 PHE A CB  1 
ATOM   434  C CG  . PHE A 1 55  ? -3.005  -7.708  -0.383  1.00 53.11 ? 112 PHE A CG  1 
ATOM   435  C CD1 . PHE A 1 55  ? -2.461  -8.983  -0.348  1.00 51.97 ? 112 PHE A CD1 1 
ATOM   436  C CD2 . PHE A 1 55  ? -3.912  -7.393  -1.388  1.00 52.91 ? 112 PHE A CD2 1 
ATOM   437  C CE1 . PHE A 1 55  ? -2.846  -9.921  -1.246  1.00 53.54 ? 112 PHE A CE1 1 
ATOM   438  C CE2 . PHE A 1 55  ? -4.294  -8.332  -2.301  1.00 53.21 ? 112 PHE A CE2 1 
ATOM   439  C CZ  . PHE A 1 55  ? -3.771  -9.606  -2.230  1.00 53.14 ? 112 PHE A CZ  1 
ATOM   440  N N   . TRP A 1 56  ? -1.192  -4.708  -1.325  1.00 53.70 ? 113 TRP A N   1 
ATOM   441  C CA  . TRP A 1 56  ? -1.148  -4.192  -2.653  1.00 53.94 ? 113 TRP A CA  1 
ATOM   442  C C   . TRP A 1 56  ? 0.309   -4.110  -3.123  1.00 54.68 ? 113 TRP A C   1 
ATOM   443  O O   . TRP A 1 56  ? 0.638   -4.493  -4.265  1.00 54.44 ? 113 TRP A O   1 
ATOM   444  C CB  . TRP A 1 56  ? -1.823  -2.823  -2.693  1.00 54.31 ? 113 TRP A CB  1 
ATOM   445  C CG  . TRP A 1 56  ? -1.892  -2.232  -4.072  1.00 53.76 ? 113 TRP A CG  1 
ATOM   446  C CD1 . TRP A 1 56  ? -2.867  -2.428  -4.985  1.00 54.15 ? 113 TRP A CD1 1 
ATOM   447  C CD2 . TRP A 1 56  ? -0.918  -1.384  -4.693  1.00 54.69 ? 113 TRP A CD2 1 
ATOM   448  N NE1 . TRP A 1 56  ? -2.577  -1.752  -6.143  1.00 55.57 ? 113 TRP A NE1 1 
ATOM   449  C CE2 . TRP A 1 56  ? -1.382  -1.099  -5.992  1.00 55.12 ? 113 TRP A CE2 1 
ATOM   450  C CE3 . TRP A 1 56  ? 0.297   -0.834  -4.276  1.00 54.61 ? 113 TRP A CE3 1 
ATOM   451  C CZ2 . TRP A 1 56  ? -0.685  -0.283  -6.873  1.00 54.39 ? 113 TRP A CZ2 1 
ATOM   452  C CZ3 . TRP A 1 56  ? 0.991   -0.031  -5.154  1.00 54.32 ? 113 TRP A CZ3 1 
ATOM   453  C CH2 . TRP A 1 56  ? 0.505   0.233   -6.443  1.00 54.39 ? 113 TRP A CH2 1 
ATOM   454  N N   . LEU A 1 57  ? 1.184   -3.641  -2.235  1.00 54.70 ? 114 LEU A N   1 
ATOM   455  C CA  . LEU A 1 57  ? 2.607   -3.538  -2.569  1.00 54.56 ? 114 LEU A CA  1 
ATOM   456  C C   . LEU A 1 57  ? 3.277   -4.879  -2.829  1.00 54.21 ? 114 LEU A C   1 
ATOM   457  O O   . LEU A 1 57  ? 4.156   -4.998  -3.688  1.00 54.16 ? 114 LEU A O   1 
ATOM   458  C CB  . LEU A 1 57  ? 3.361   -2.811  -1.457  1.00 54.24 ? 114 LEU A CB  1 
ATOM   459  C CG  . LEU A 1 57  ? 3.126   -1.308  -1.346  1.00 53.45 ? 114 LEU A CG  1 
ATOM   460  C CD1 . LEU A 1 57  ? 3.741   -0.782  -0.049  1.00 51.78 ? 114 LEU A CD1 1 
ATOM   461  C CD2 . LEU A 1 57  ? 3.681   -0.566  -2.553  1.00 53.50 ? 114 LEU A CD2 1 
ATOM   462  N N   . ALA A 1 58  ? 2.894   -5.886  -2.061  1.00 54.07 ? 115 ALA A N   1 
ATOM   463  C CA  . ALA A 1 58  ? 3.458   -7.225  -2.261  1.00 53.78 ? 115 ALA A CA  1 
ATOM   464  C C   . ALA A 1 58  ? 2.995   -7.827  -3.598  1.00 53.58 ? 115 ALA A C   1 
ATOM   465  O O   . ALA A 1 58  ? 3.782   -8.454  -4.288  1.00 53.14 ? 115 ALA A O   1 
ATOM   466  C CB  . ALA A 1 58  ? 3.077   -8.124  -1.099  1.00 53.65 ? 115 ALA A CB  1 
ATOM   467  N N   . CYS A 1 59  ? 1.725   -7.622  -3.972  1.00 54.32 ? 116 CYS A N   1 
ATOM   468  C CA  . CYS A 1 59  ? 1.224   -7.988  -5.340  1.00 54.85 ? 116 CYS A CA  1 
ATOM   469  C C   . CYS A 1 59  ? 1.927   -7.257  -6.513  1.00 55.12 ? 116 CYS A C   1 
ATOM   470  O O   . CYS A 1 59  ? 2.142   -7.821  -7.587  1.00 55.24 ? 116 CYS A O   1 
ATOM   471  C CB  . CYS A 1 59  ? -0.277  -7.723  -5.440  1.00 55.26 ? 116 CYS A CB  1 
ATOM   472  S SG  . CYS A 1 59  ? -1.280  -8.710  -4.326  1.00 55.25 ? 116 CYS A SG  1 
ATOM   473  N N   . GLU A 1 60  ? 2.240   -5.981  -6.325  1.00 55.84 ? 117 GLU A N   1 
ATOM   474  C CA  . GLU A 1 60  ? 3.086   -5.261  -7.275  1.00 56.02 ? 117 GLU A CA  1 
ATOM   475  C C   . GLU A 1 60  ? 4.469   -5.923  -7.385  1.00 55.96 ? 117 GLU A C   1 
ATOM   476  O O   . GLU A 1 60  ? 4.962   -6.134  -8.500  1.00 55.87 ? 117 GLU A O   1 
ATOM   477  C CB  . GLU A 1 60  ? 3.236   -3.793  -6.875  1.00 56.26 ? 117 GLU A CB  1 
ATOM   478  C CG  . GLU A 1 60  ? 1.955   -2.990  -7.036  1.00 57.25 ? 117 GLU A CG  1 
ATOM   479  C CD  . GLU A 1 60  ? 1.553   -2.843  -8.503  1.00 57.80 ? 117 GLU A CD  1 
ATOM   480  O OE1 . GLU A 1 60  ? 0.598   -3.503  -8.931  1.00 57.62 ? 117 GLU A OE1 1 
ATOM   481  O OE2 . GLU A 1 60  ? 2.198   -2.065  -9.231  1.00 59.99 ? 117 GLU A OE2 1 
ATOM   482  N N   . ASP A 1 61  ? 5.098   -6.254  -6.252  1.00 55.52 ? 118 ASP A N   1 
ATOM   483  C CA  . ASP A 1 61  ? 6.414   -6.933  -6.315  1.00 55.67 ? 118 ASP A CA  1 
ATOM   484  C C   . ASP A 1 61  ? 6.242   -8.304  -7.008  1.00 55.28 ? 118 ASP A C   1 
ATOM   485  O O   . ASP A 1 61  ? 7.083   -8.745  -7.787  1.00 54.67 ? 118 ASP A O   1 
ATOM   486  C CB  . ASP A 1 61  ? 7.070   -7.081  -4.920  1.00 55.36 ? 118 ASP A CB  1 
ATOM   487  C CG  . ASP A 1 61  ? 8.267   -8.049  -4.928  1.00 56.75 ? 118 ASP A CG  1 
ATOM   488  O OD1 . ASP A 1 61  ? 8.084   -9.281  -4.841  1.00 54.36 ? 118 ASP A OD1 1 
ATOM   489  O OD2 . ASP A 1 61  ? 9.411   -7.581  -5.043  1.00 59.53 ? 118 ASP A OD2 1 
ATOM   490  N N   . PHE A 1 62  ? 5.123   -8.959  -6.711  1.00 55.83 ? 119 PHE A N   1 
ATOM   491  C CA  . PHE A 1 62  ? 4.812   -10.277 -7.257  1.00 55.65 ? 119 PHE A CA  1 
ATOM   492  C C   . PHE A 1 62  ? 4.608   -10.253 -8.790  1.00 56.00 ? 119 PHE A C   1 
ATOM   493  O O   . PHE A 1 62  ? 5.085   -11.140 -9.524  1.00 55.60 ? 119 PHE A O   1 
ATOM   494  C CB  . PHE A 1 62  ? 3.573   -10.828 -6.550  1.00 55.25 ? 119 PHE A CB  1 
ATOM   495  C CG  . PHE A 1 62  ? 3.158   -12.197 -7.031  1.00 55.87 ? 119 PHE A CG  1 
ATOM   496  C CD1 . PHE A 1 62  ? 3.842   -13.327 -6.614  1.00 53.80 ? 119 PHE A CD1 1 
ATOM   497  C CD2 . PHE A 1 62  ? 2.077   -12.346 -7.904  1.00 55.93 ? 119 PHE A CD2 1 
ATOM   498  C CE1 . PHE A 1 62  ? 3.466   -14.575 -7.042  1.00 54.81 ? 119 PHE A CE1 1 
ATOM   499  C CE2 . PHE A 1 62  ? 1.695   -13.602 -8.350  1.00 56.56 ? 119 PHE A CE2 1 
ATOM   500  C CZ  . PHE A 1 62  ? 2.396   -14.727 -7.921  1.00 55.57 ? 119 PHE A CZ  1 
ATOM   501  N N   . LYS A 1 63  ? 3.878   -9.241  -9.260  1.00 56.24 ? 120 LYS A N   1 
ATOM   502  C CA  . LYS A 1 63  ? 3.612   -9.060  -10.698 1.00 56.38 ? 120 LYS A CA  1 
ATOM   503  C C   . LYS A 1 63  ? 4.888   -8.934  -11.517 1.00 55.92 ? 120 LYS A C   1 
ATOM   504  O O   . LYS A 1 63  ? 4.915   -9.301  -12.675 1.00 55.16 ? 120 LYS A O   1 
ATOM   505  C CB  . LYS A 1 63  ? 2.742   -7.800  -10.941 1.00 56.53 ? 120 LYS A CB  1 
ATOM   506  C CG  . LYS A 1 63  ? 1.223   -8.066  -10.953 1.00 56.89 ? 120 LYS A CG  1 
ATOM   507  C CD  . LYS A 1 63  ? 0.432   -6.924  -11.598 1.00 56.90 ? 120 LYS A CD  1 
ATOM   508  C CE  . LYS A 1 63  ? 0.316   -5.726  -10.680 1.00 56.71 ? 120 LYS A CE  1 
ATOM   509  N NZ  . LYS A 1 63  ? -0.730  -4.745  -11.080 1.00 55.17 ? 120 LYS A NZ  1 
ATOM   510  N N   . LYS A 1 64  ? 5.925   -8.368  -10.904 1.00 55.95 ? 121 LYS A N   1 
ATOM   511  C CA  . LYS A 1 64  ? 7.185   -8.071  -11.583 1.00 55.63 ? 121 LYS A CA  1 
ATOM   512  C C   . LYS A 1 64  ? 8.100   -9.276  -11.601 1.00 55.39 ? 121 LYS A C   1 
ATOM   513  O O   . LYS A 1 64  ? 9.207   -9.193  -12.094 1.00 55.54 ? 121 LYS A O   1 
ATOM   514  C CB  . LYS A 1 64  ? 7.894   -6.902  -10.875 1.00 55.45 ? 121 LYS A CB  1 
ATOM   515  N N   . THR A 1 65  ? 7.648   -10.392 -11.048 1.00 55.35 ? 122 THR A N   1 
ATOM   516  C CA  . THR A 1 65  ? 8.461   -11.596 -10.939 1.00 55.36 ? 122 THR A CA  1 
ATOM   517  C C   . THR A 1 65  ? 8.483   -12.404 -12.258 1.00 55.36 ? 122 THR A C   1 
ATOM   518  O O   . THR A 1 65  ? 7.441   -12.723 -12.829 1.00 54.56 ? 122 THR A O   1 
ATOM   519  C CB  . THR A 1 65  ? 7.985   -12.437 -9.736  1.00 55.28 ? 122 THR A CB  1 
ATOM   520  O OG1 . THR A 1 65  ? 8.121   -11.638 -8.548  1.00 56.20 ? 122 THR A OG1 1 
ATOM   521  C CG2 . THR A 1 65  ? 8.792   -13.730 -9.590  1.00 55.82 ? 122 THR A CG2 1 
ATOM   522  N N   . LYS A 1 66  ? 9.693   -12.717 -12.718 1.00 55.62 ? 123 LYS A N   1 
ATOM   523  C CA  . LYS A 1 66  ? 9.913   -13.358 -14.009 1.00 56.16 ? 123 LYS A CA  1 
ATOM   524  C C   . LYS A 1 66  ? 10.321  -14.834 -13.885 1.00 56.48 ? 123 LYS A C   1 
ATOM   525  O O   . LYS A 1 66  ? 10.476  -15.528 -14.903 1.00 56.95 ? 123 LYS A O   1 
ATOM   526  C CB  . LYS A 1 66  ? 10.983  -12.580 -14.789 1.00 56.15 ? 123 LYS A CB  1 
ATOM   527  N N   . SER A 1 67  ? 10.489  -15.320 -12.653 1.00 56.75 ? 124 SER A N   1 
ATOM   528  C CA  . SER A 1 67  ? 10.868  -16.712 -12.416 1.00 57.00 ? 124 SER A CA  1 
ATOM   529  C C   . SER A 1 67  ? 9.702   -17.535 -11.855 1.00 57.65 ? 124 SER A C   1 
ATOM   530  O O   . SER A 1 67  ? 9.110   -17.149 -10.850 1.00 57.45 ? 124 SER A O   1 
ATOM   531  C CB  . SER A 1 67  ? 12.041  -16.776 -11.441 1.00 56.96 ? 124 SER A CB  1 
ATOM   532  O OG  . SER A 1 67  ? 12.326  -18.120 -11.061 1.00 56.37 ? 124 SER A OG  1 
ATOM   533  N N   . PRO A 1 68  ? 9.377   -18.681 -12.486 1.00 58.27 ? 125 PRO A N   1 
ATOM   534  C CA  . PRO A 1 68  ? 8.315   -19.547 -11.935 1.00 58.83 ? 125 PRO A CA  1 
ATOM   535  C C   . PRO A 1 68  ? 8.599   -20.111 -10.527 1.00 59.27 ? 125 PRO A C   1 
ATOM   536  O O   . PRO A 1 68  ? 7.662   -20.291 -9.741  1.00 59.40 ? 125 PRO A O   1 
ATOM   537  C CB  . PRO A 1 68  ? 8.221   -20.697 -12.948 1.00 58.74 ? 125 PRO A CB  1 
ATOM   538  C CG  . PRO A 1 68  ? 8.917   -20.214 -14.179 1.00 58.75 ? 125 PRO A CG  1 
ATOM   539  C CD  . PRO A 1 68  ? 9.951   -19.233 -13.726 1.00 58.49 ? 125 PRO A CD  1 
ATOM   540  N N   . GLN A 1 69  ? 9.873   -20.396 -10.235 1.00 59.53 ? 126 GLN A N   1 
ATOM   541  C CA  . GLN A 1 69  ? 10.312  -20.892 -8.920  1.00 59.43 ? 126 GLN A CA  1 
ATOM   542  C C   . GLN A 1 69  ? 9.976   -19.911 -7.781  1.00 59.27 ? 126 GLN A C   1 
ATOM   543  O O   . GLN A 1 69  ? 9.195   -20.235 -6.881  1.00 59.03 ? 126 GLN A O   1 
ATOM   544  C CB  . GLN A 1 69  ? 11.824  -21.182 -8.941  1.00 59.29 ? 126 GLN A CB  1 
ATOM   545  N N   . LYS A 1 70  ? 10.560  -18.719 -7.828  1.00 59.27 ? 127 LYS A N   1 
ATOM   546  C CA  . LYS A 1 70  ? 10.299  -17.703 -6.791  1.00 59.84 ? 127 LYS A CA  1 
ATOM   547  C C   . LYS A 1 70  ? 8.868   -17.115 -6.851  1.00 59.47 ? 127 LYS A C   1 
ATOM   548  O O   . LYS A 1 70  ? 8.408   -16.543 -5.871  1.00 59.61 ? 127 LYS A O   1 
ATOM   549  C CB  . LYS A 1 70  ? 11.378  -16.589 -6.768  1.00 60.05 ? 127 LYS A CB  1 
ATOM   550  C CG  . LYS A 1 70  ? 11.851  -16.072 -8.138  1.00 60.55 ? 127 LYS A CG  1 
ATOM   551  C CD  . LYS A 1 70  ? 12.636  -14.737 -8.070  1.00 60.29 ? 127 LYS A CD  1 
ATOM   552  C CE  . LYS A 1 70  ? 12.719  -14.055 -9.452  1.00 60.20 ? 127 LYS A CE  1 
ATOM   553  N NZ  . LYS A 1 70  ? 12.814  -12.574 -9.376  1.00 60.47 ? 127 LYS A NZ  1 
ATOM   554  N N   . LEU A 1 71  ? 8.173   -17.289 -7.978  1.00 59.21 ? 128 LEU A N   1 
ATOM   555  C CA  . LEU A 1 71  ? 6.762   -16.887 -8.138  1.00 59.05 ? 128 LEU A CA  1 
ATOM   556  C C   . LEU A 1 71  ? 5.803   -17.805 -7.346  1.00 59.01 ? 128 LEU A C   1 
ATOM   557  O O   . LEU A 1 71  ? 4.785   -17.351 -6.808  1.00 58.55 ? 128 LEU A O   1 
ATOM   558  C CB  . LEU A 1 71  ? 6.400   -16.856 -9.637  1.00 58.97 ? 128 LEU A CB  1 
ATOM   559  C CG  . LEU A 1 71  ? 5.043   -16.426 -10.214 1.00 58.86 ? 128 LEU A CG  1 
ATOM   560  C CD1 . LEU A 1 71  ? 4.841   -14.915 -10.218 1.00 58.48 ? 128 LEU A CD1 1 
ATOM   561  C CD2 . LEU A 1 71  ? 4.935   -16.937 -11.642 1.00 59.39 ? 128 LEU A CD2 1 
ATOM   562  N N   . SER A 1 72  ? 6.124   -19.093 -7.263  1.00 58.87 ? 129 SER A N   1 
ATOM   563  C CA  . SER A 1 72  ? 5.340   -20.006 -6.425  1.00 58.70 ? 129 SER A CA  1 
ATOM   564  C C   . SER A 1 72  ? 5.576   -19.697 -4.920  1.00 58.32 ? 129 SER A C   1 
ATOM   565  O O   . SER A 1 72  ? 4.626   -19.660 -4.119  1.00 58.28 ? 129 SER A O   1 
ATOM   566  C CB  . SER A 1 72  ? 5.690   -21.458 -6.763  1.00 58.97 ? 129 SER A CB  1 
ATOM   567  O OG  . SER A 1 72  ? 4.677   -22.348 -6.324  1.00 59.79 ? 129 SER A OG  1 
ATOM   568  N N   . SER A 1 73  ? 6.836   -19.438 -4.559  1.00 57.55 ? 130 SER A N   1 
ATOM   569  C CA  . SER A 1 73  ? 7.214   -19.172 -3.175  1.00 56.91 ? 130 SER A CA  1 
ATOM   570  C C   . SER A 1 73  ? 6.720   -17.816 -2.681  1.00 56.68 ? 130 SER A C   1 
ATOM   571  O O   . SER A 1 73  ? 6.283   -17.696 -1.527  1.00 56.07 ? 130 SER A O   1 
ATOM   572  C CB  . SER A 1 73  ? 8.734   -19.268 -3.003  1.00 56.93 ? 130 SER A CB  1 
ATOM   573  O OG  . SER A 1 73  ? 9.405   -18.129 -3.523  1.00 57.14 ? 130 SER A OG  1 
ATOM   574  N N   . LYS A 1 74  ? 6.796   -16.794 -3.539  1.00 56.54 ? 131 LYS A N   1 
ATOM   575  C CA  . LYS A 1 74  ? 6.207   -15.480 -3.219  1.00 56.44 ? 131 LYS A CA  1 
ATOM   576  C C   . LYS A 1 74  ? 4.706   -15.602 -3.028  1.00 55.96 ? 131 LYS A C   1 
ATOM   577  O O   . LYS A 1 74  ? 4.122   -14.918 -2.194  1.00 55.52 ? 131 LYS A O   1 
ATOM   578  C CB  . LYS A 1 74  ? 6.487   -14.428 -4.309  1.00 56.53 ? 131 LYS A CB  1 
ATOM   579  C CG  . LYS A 1 74  ? 7.940   -13.873 -4.343  1.00 57.17 ? 131 LYS A CG  1 
ATOM   580  C CD  . LYS A 1 74  ? 8.037   -12.470 -4.968  1.00 57.11 ? 131 LYS A CD  1 
ATOM   581  C CE  . LYS A 1 74  ? 9.215   -12.310 -5.934  1.00 58.66 ? 131 LYS A CE  1 
ATOM   582  N NZ  . LYS A 1 74  ? 10.531  -12.908 -5.503  1.00 60.35 ? 131 LYS A NZ  1 
ATOM   583  N N   . ALA A 1 75  ? 4.072   -16.458 -3.817  1.00 55.95 ? 132 ALA A N   1 
ATOM   584  C CA  . ALA A 1 75  ? 2.636   -16.647 -3.685  1.00 56.11 ? 132 ALA A CA  1 
ATOM   585  C C   . ALA A 1 75  ? 2.285   -17.281 -2.343  1.00 56.22 ? 132 ALA A C   1 
ATOM   586  O O   . ALA A 1 75  ? 1.360   -16.842 -1.675  1.00 55.23 ? 132 ALA A O   1 
ATOM   587  C CB  . ALA A 1 75  ? 2.090   -17.457 -4.825  1.00 56.36 ? 132 ALA A CB  1 
ATOM   588  N N   . ARG A 1 76  ? 3.033   -18.303 -1.945  1.00 56.93 ? 133 ARG A N   1 
ATOM   589  C CA  . ARG A 1 76  ? 2.861   -18.908 -0.609  1.00 57.53 ? 133 ARG A CA  1 
ATOM   590  C C   . ARG A 1 76  ? 3.060   -17.884 0.548   1.00 57.13 ? 133 ARG A C   1 
ATOM   591  O O   . ARG A 1 76  ? 2.320   -17.907 1.529   1.00 57.01 ? 133 ARG A O   1 
ATOM   592  C CB  . ARG A 1 76  ? 3.793   -20.119 -0.465  1.00 57.72 ? 133 ARG A CB  1 
ATOM   593  C CG  . ARG A 1 76  ? 3.919   -20.716 0.955   1.00 58.65 ? 133 ARG A CG  1 
ATOM   594  C CD  . ARG A 1 76  ? 4.365   -22.178 0.936   1.00 59.14 ? 133 ARG A CD  1 
ATOM   595  N NE  . ARG A 1 76  ? 3.411   -23.084 0.256   1.00 61.01 ? 133 ARG A NE  1 
ATOM   596  C CZ  . ARG A 1 76  ? 3.529   -23.544 -0.998  1.00 61.52 ? 133 ARG A CZ  1 
ATOM   597  N NH1 . ARG A 1 76  ? 4.572   -23.204 -1.771  1.00 61.51 ? 133 ARG A NH1 1 
ATOM   598  N NH2 . ARG A 1 76  ? 2.584   -24.363 -1.492  1.00 60.61 ? 133 ARG A NH2 1 
ATOM   599  N N   . LYS A 1 77  ? 4.037   -16.990 0.415   1.00 57.03 ? 134 LYS A N   1 
ATOM   600  C CA  . LYS A 1 77  ? 4.334   -15.990 1.447   1.00 57.63 ? 134 LYS A CA  1 
ATOM   601  C C   . LYS A 1 77  ? 3.214   -14.952 1.537   1.00 57.06 ? 134 LYS A C   1 
ATOM   602  O O   . LYS A 1 77  ? 2.724   -14.667 2.612   1.00 56.22 ? 134 LYS A O   1 
ATOM   603  C CB  . LYS A 1 77  ? 5.674   -15.291 1.170   1.00 58.21 ? 134 LYS A CB  1 
ATOM   604  C CG  . LYS A 1 77  ? 6.009   -14.099 2.105   1.00 60.03 ? 134 LYS A CG  1 
ATOM   605  C CD  . LYS A 1 77  ? 6.624   -14.537 3.468   1.00 62.85 ? 134 LYS A CD  1 
ATOM   606  C CE  . LYS A 1 77  ? 5.555   -14.809 4.577   1.00 64.22 ? 134 LYS A CE  1 
ATOM   607  N NZ  . LYS A 1 77  ? 5.957   -15.863 5.543   1.00 63.58 ? 134 LYS A NZ  1 
ATOM   608  N N   . ILE A 1 78  ? 2.809   -14.411 0.393   1.00 57.15 ? 135 ILE A N   1 
ATOM   609  C CA  . ILE A 1 78  ? 1.678   -13.456 0.328   1.00 57.12 ? 135 ILE A CA  1 
ATOM   610  C C   . ILE A 1 78  ? 0.428   -14.072 0.966   1.00 57.27 ? 135 ILE A C   1 
ATOM   611  O O   . ILE A 1 78  ? -0.268  -13.429 1.747   1.00 56.59 ? 135 ILE A O   1 
ATOM   612  C CB  . ILE A 1 78  ? 1.399   -13.035 -1.131  1.00 56.57 ? 135 ILE A CB  1 
ATOM   613  C CG1 . ILE A 1 78  ? 2.513   -12.097 -1.612  1.00 57.15 ? 135 ILE A CG1 1 
ATOM   614  C CG2 . ILE A 1 78  ? 0.058   -12.370 -1.255  1.00 56.91 ? 135 ILE A CG2 1 
ATOM   615  C CD1 . ILE A 1 78  ? 2.621   -11.927 -3.119  1.00 58.05 ? 135 ILE A CD1 1 
ATOM   616  N N   . TYR A 1 79  ? 0.168   -15.330 0.611   1.00 57.36 ? 136 TYR A N   1 
ATOM   617  C CA  . TYR A 1 79  ? -0.912  -16.114 1.199   1.00 57.63 ? 136 TYR A CA  1 
ATOM   618  C C   . TYR A 1 79  ? -0.805  -16.159 2.724   1.00 57.07 ? 136 TYR A C   1 
ATOM   619  O O   . TYR A 1 79  ? -1.757  -15.872 3.433   1.00 56.43 ? 136 TYR A O   1 
ATOM   620  C CB  . TYR A 1 79  ? -0.896  -17.551 0.672   1.00 58.19 ? 136 TYR A CB  1 
ATOM   621  C CG  . TYR A 1 79  ? -2.186  -18.269 0.958   1.00 59.25 ? 136 TYR A CG  1 
ATOM   622  C CD1 . TYR A 1 79  ? -2.379  -18.964 2.133   1.00 58.76 ? 136 TYR A CD1 1 
ATOM   623  C CD2 . TYR A 1 79  ? -3.240  -18.190 0.060   1.00 59.49 ? 136 TYR A CD2 1 
ATOM   624  C CE1 . TYR A 1 79  ? -3.587  -19.601 2.389   1.00 59.60 ? 136 TYR A CE1 1 
ATOM   625  C CE2 . TYR A 1 79  ? -4.427  -18.807 0.312   1.00 60.30 ? 136 TYR A CE2 1 
ATOM   626  C CZ  . TYR A 1 79  ? -4.601  -19.509 1.471   1.00 59.36 ? 136 TYR A CZ  1 
ATOM   627  O OH  . TYR A 1 79  ? -5.804  -20.114 1.682   1.00 59.06 ? 136 TYR A OH  1 
ATOM   628  N N   . THR A 1 80  ? 0.366   -16.524 3.210   1.00 56.62 ? 137 THR A N   1 
ATOM   629  C CA  . THR A 1 80  ? 0.571   -16.664 4.642   1.00 56.91 ? 137 THR A CA  1 
ATOM   630  C C   . THR A 1 80  ? 0.331   -15.351 5.366   1.00 56.55 ? 137 THR A C   1 
ATOM   631  O O   . THR A 1 80  ? -0.248  -15.335 6.440   1.00 56.14 ? 137 THR A O   1 
ATOM   632  C CB  . THR A 1 80  ? 2.023   -17.131 4.968   1.00 56.82 ? 137 THR A CB  1 
ATOM   633  O OG1 . THR A 1 80  ? 2.303   -18.362 4.270   1.00 58.07 ? 137 THR A OG1 1 
ATOM   634  C CG2 . THR A 1 80  ? 2.200   -17.315 6.459   1.00 55.29 ? 137 THR A CG2 1 
ATOM   635  N N   . ASP A 1 81  ? 0.796   -14.262 4.769   1.00 56.67 ? 138 ASP A N   1 
ATOM   636  C CA  . ASP A 1 81  ? 0.745   -12.947 5.411   1.00 56.87 ? 138 ASP A CA  1 
ATOM   637  C C   . ASP A 1 81  ? -0.617  -12.280 5.352   1.00 56.27 ? 138 ASP A C   1 
ATOM   638  O O   . ASP A 1 81  ? -1.042  -11.671 6.316   1.00 57.01 ? 138 ASP A O   1 
ATOM   639  C CB  . ASP A 1 81  ? 1.744   -12.015 4.753   1.00 57.02 ? 138 ASP A CB  1 
ATOM   640  C CG  . ASP A 1 81  ? 3.146   -12.313 5.137   1.00 58.89 ? 138 ASP A CG  1 
ATOM   641  O OD1 . ASP A 1 81  ? 3.384   -12.613 6.327   1.00 63.32 ? 138 ASP A OD1 1 
ATOM   642  O OD2 . ASP A 1 81  ? 4.021   -12.219 4.251   1.00 62.08 ? 138 ASP A OD2 1 
ATOM   643  N N   . PHE A 1 82  ? -1.291  -12.387 4.226   1.00 55.90 ? 139 PHE A N   1 
ATOM   644  C CA  . PHE A 1 82  ? -2.487  -11.585 3.947   1.00 56.16 ? 139 PHE A CA  1 
ATOM   645  C C   . PHE A 1 82  ? -3.805  -12.340 3.697   1.00 56.91 ? 139 PHE A C   1 
ATOM   646  O O   . PHE A 1 82  ? -4.890  -11.766 3.837   1.00 56.88 ? 139 PHE A O   1 
ATOM   647  C CB  . PHE A 1 82  ? -2.204  -10.719 2.722   1.00 55.37 ? 139 PHE A CB  1 
ATOM   648  C CG  . PHE A 1 82  ? -1.031  -9.819  2.892   1.00 54.83 ? 139 PHE A CG  1 
ATOM   649  C CD1 . PHE A 1 82  ? -1.145  -8.645  3.615   1.00 55.19 ? 139 PHE A CD1 1 
ATOM   650  C CD2 . PHE A 1 82  ? 0.190   -10.133 2.327   1.00 52.68 ? 139 PHE A CD2 1 
ATOM   651  C CE1 . PHE A 1 82  ? -0.035  -7.805  3.801   1.00 54.39 ? 139 PHE A CE1 1 
ATOM   652  C CE2 . PHE A 1 82  ? 1.281   -9.314  2.495   1.00 52.45 ? 139 PHE A CE2 1 
ATOM   653  C CZ  . PHE A 1 82  ? 1.169   -8.144  3.239   1.00 54.34 ? 139 PHE A CZ  1 
ATOM   654  N N   . ILE A 1 83  ? -3.720  -13.606 3.305   1.00 57.98 ? 140 ILE A N   1 
ATOM   655  C CA  . ILE A 1 83  ? -4.895  -14.321 2.818   1.00 58.57 ? 140 ILE A CA  1 
ATOM   656  C C   . ILE A 1 83  ? -5.434  -15.409 3.765   1.00 58.84 ? 140 ILE A C   1 
ATOM   657  O O   . ILE A 1 83  ? -6.662  -15.507 3.932   1.00 58.59 ? 140 ILE A O   1 
ATOM   658  C CB  . ILE A 1 83  ? -4.659  -14.904 1.400   1.00 58.56 ? 140 ILE A CB  1 
ATOM   659  C CG1 . ILE A 1 83  ? -4.982  -13.869 0.310   1.00 60.71 ? 140 ILE A CG1 1 
ATOM   660  C CG2 . ILE A 1 83  ? -5.615  -16.021 1.142   1.00 58.39 ? 140 ILE A CG2 1 
ATOM   661  C CD1 . ILE A 1 83  ? -3.987  -12.842 0.071   1.00 61.99 ? 140 ILE A CD1 1 
ATOM   662  N N   . GLU A 1 84  ? -4.568  -16.212 4.383   1.00 59.34 ? 141 GLU A N   1 
ATOM   663  C CA  . GLU A 1 84  ? -5.063  -17.331 5.195   1.00 60.47 ? 141 GLU A CA  1 
ATOM   664  C C   . GLU A 1 84  ? -5.793  -16.921 6.464   1.00 60.87 ? 141 GLU A C   1 
ATOM   665  O O   . GLU A 1 84  ? -5.655  -15.795 6.939   1.00 60.98 ? 141 GLU A O   1 
ATOM   666  C CB  . GLU A 1 84  ? -3.981  -18.403 5.461   1.00 60.76 ? 141 GLU A CB  1 
ATOM   667  C CG  . GLU A 1 84  ? -2.834  -18.091 6.351   1.00 62.00 ? 141 GLU A CG  1 
ATOM   668  C CD  . GLU A 1 84  ? -1.957  -19.338 6.616   1.00 62.62 ? 141 GLU A CD  1 
ATOM   669  O OE1 . GLU A 1 84  ? -1.572  -20.070 5.677   1.00 66.14 ? 141 GLU A OE1 1 
ATOM   670  O OE2 . GLU A 1 84  ? -1.644  -19.585 7.782   1.00 66.47 ? 141 GLU A OE2 1 
ATOM   671  N N   . LYS A 1 85  ? -6.604  -17.839 6.989   1.00 61.94 ? 142 LYS A N   1 
ATOM   672  C CA  . LYS A 1 85  ? -7.318  -17.635 8.261   1.00 62.50 ? 142 LYS A CA  1 
ATOM   673  C C   . LYS A 1 85  ? -6.365  -17.173 9.345   1.00 63.08 ? 142 LYS A C   1 
ATOM   674  O O   . LYS A 1 85  ? -5.334  -17.814 9.581   1.00 63.23 ? 142 LYS A O   1 
ATOM   675  C CB  . LYS A 1 85  ? -8.018  -18.917 8.735   1.00 62.26 ? 142 LYS A CB  1 
ATOM   676  N N   . GLU A 1 86  ? -6.720  -16.048 9.974   1.00 63.79 ? 143 GLU A N   1 
ATOM   677  C CA  . GLU A 1 86  ? -5.999  -15.478 11.123  1.00 64.57 ? 143 GLU A CA  1 
ATOM   678  C C   . GLU A 1 86  ? -4.600  -14.961 10.771  1.00 65.07 ? 143 GLU A C   1 
ATOM   679  O O   . GLU A 1 86  ? -3.762  -14.749 11.668  1.00 65.41 ? 143 GLU A O   1 
ATOM   680  C CB  . GLU A 1 86  ? -5.953  -16.464 12.321  1.00 64.90 ? 143 GLU A CB  1 
ATOM   681  N N   . ALA A 1 87  ? -4.371  -14.699 9.480   1.00 65.26 ? 144 ALA A N   1 
ATOM   682  C CA  . ALA A 1 87  ? -3.127  -14.085 9.025   1.00 65.27 ? 144 ALA A CA  1 
ATOM   683  C C   . ALA A 1 87  ? -2.908  -12.765 9.756   1.00 65.64 ? 144 ALA A C   1 
ATOM   684  O O   . ALA A 1 87  ? -3.872  -12.044 10.046  1.00 65.45 ? 144 ALA A O   1 
ATOM   685  C CB  . ALA A 1 87  ? -3.154  -13.843 7.529   1.00 65.34 ? 144 ALA A CB  1 
ATOM   686  N N   . PRO A 1 88  ? -1.634  -12.435 10.049  1.00 65.83 ? 145 PRO A N   1 
ATOM   687  C CA  . PRO A 1 88  ? -1.394  -11.202 10.792  1.00 65.64 ? 145 PRO A CA  1 
ATOM   688  C C   . PRO A 1 88  ? -1.919  -9.994  10.060  1.00 65.44 ? 145 PRO A C   1 
ATOM   689  O O   . PRO A 1 88  ? -2.484  -9.123  10.702  1.00 65.35 ? 145 PRO A O   1 
ATOM   690  C CB  . PRO A 1 88  ? 0.129   -11.146 10.925  1.00 65.89 ? 145 PRO A CB  1 
ATOM   691  C CG  . PRO A 1 88  ? 0.591   -12.571 10.666  1.00 66.55 ? 145 PRO A CG  1 
ATOM   692  C CD  . PRO A 1 88  ? -0.385  -13.149 9.714   1.00 65.63 ? 145 PRO A CD  1 
ATOM   693  N N   . LYS A 1 89  ? -1.748  -9.952  8.734   1.00 65.26 ? 146 LYS A N   1 
ATOM   694  C CA  . LYS A 1 89  ? -2.198  -8.817  7.910   1.00 65.32 ? 146 LYS A CA  1 
ATOM   695  C C   . LYS A 1 89  ? -3.433  -9.188  7.079   1.00 65.03 ? 146 LYS A C   1 
ATOM   696  O O   . LYS A 1 89  ? -3.571  -8.775  5.928   1.00 64.66 ? 146 LYS A O   1 
ATOM   697  C CB  . LYS A 1 89  ? -1.070  -8.346  6.976   1.00 65.99 ? 146 LYS A CB  1 
ATOM   698  C CG  . LYS A 1 89  ? 0.249   -7.905  7.656   1.00 66.55 ? 146 LYS A CG  1 
ATOM   699  C CD  . LYS A 1 89  ? 0.048   -6.690  8.573   1.00 68.60 ? 146 LYS A CD  1 
ATOM   700  C CE  . LYS A 1 89  ? 1.392   -6.112  9.075   1.00 69.08 ? 146 LYS A CE  1 
ATOM   701  N NZ  . LYS A 1 89  ? 1.472   -6.025  10.552  1.00 70.00 ? 146 LYS A NZ  1 
ATOM   702  N N   . GLU A 1 90  ? -4.335  -9.967  7.668   1.00 64.94 ? 147 GLU A N   1 
ATOM   703  C CA  . GLU A 1 90  ? -5.436  -10.558 6.921   1.00 64.99 ? 147 GLU A CA  1 
ATOM   704  C C   . GLU A 1 90  ? -6.252  -9.490  6.216   1.00 64.93 ? 147 GLU A C   1 
ATOM   705  O O   . GLU A 1 90  ? -6.627  -8.504  6.809   1.00 64.86 ? 147 GLU A O   1 
ATOM   706  C CB  . GLU A 1 90  ? -6.343  -11.390 7.830   1.00 64.50 ? 147 GLU A CB  1 
ATOM   707  C CG  . GLU A 1 90  ? -7.171  -12.420 7.054   1.00 65.50 ? 147 GLU A CG  1 
ATOM   708  C CD  . GLU A 1 90  ? -8.093  -13.274 7.921   1.00 65.88 ? 147 GLU A CD  1 
ATOM   709  O OE1 . GLU A 1 90  ? -8.026  -13.192 9.177   1.00 69.29 ? 147 GLU A OE1 1 
ATOM   710  O OE2 . GLU A 1 90  ? -8.883  -14.048 7.332   1.00 66.10 ? 147 GLU A OE2 1 
ATOM   711  N N   . ILE A 1 91  ? -6.511  -9.691  4.940   1.00 65.77 ? 148 ILE A N   1 
ATOM   712  C CA  . ILE A 1 91  ? -7.414  -8.821  4.200   1.00 66.12 ? 148 ILE A CA  1 
ATOM   713  C C   . ILE A 1 91  ? -8.807  -9.454  4.102   1.00 67.32 ? 148 ILE A C   1 
ATOM   714  O O   . ILE A 1 91  ? -9.001  -10.652 4.374   1.00 67.07 ? 148 ILE A O   1 
ATOM   715  C CB  . ILE A 1 91  ? -6.893  -8.522  2.787   1.00 65.73 ? 148 ILE A CB  1 
ATOM   716  C CG1 . ILE A 1 91  ? -6.798  -9.815  1.969   1.00 65.60 ? 148 ILE A CG1 1 
ATOM   717  C CG2 . ILE A 1 91  ? -5.553  -7.795  2.877   1.00 65.60 ? 148 ILE A CG2 1 
ATOM   718  C CD1 . ILE A 1 91  ? -6.481  -9.615  0.497   1.00 65.99 ? 148 ILE A CD1 1 
ATOM   719  N N   . ASN A 1 92  ? -9.780  -8.638  3.713   1.00 68.26 ? 149 ASN A N   1 
ATOM   720  C CA  . ASN A 1 92  ? -11.133 -9.108  3.597   1.00 68.92 ? 149 ASN A CA  1 
ATOM   721  C C   . ASN A 1 92  ? -11.371 -9.441  2.137   1.00 69.50 ? 149 ASN A C   1 
ATOM   722  O O   . ASN A 1 92  ? -11.600 -8.566  1.324   1.00 70.19 ? 149 ASN A O   1 
ATOM   723  C CB  . ASN A 1 92  ? -12.126 -8.061  4.121   1.00 68.83 ? 149 ASN A CB  1 
ATOM   724  C CG  . ASN A 1 92  ? -13.400 -8.693  4.643   1.00 68.90 ? 149 ASN A CG  1 
ATOM   725  N N   . ILE A 1 93  ? -11.239 -10.707 1.787   1.00 69.98 ? 150 ILE A N   1 
ATOM   726  C CA  . ILE A 1 93  ? -11.724 -11.157 0.498   1.00 70.11 ? 150 ILE A CA  1 
ATOM   727  C C   . ILE A 1 93  ? -12.666 -12.279 0.757   1.00 70.13 ? 150 ILE A C   1 
ATOM   728  O O   . ILE A 1 93  ? -12.723 -12.817 1.866   1.00 69.98 ? 150 ILE A O   1 
ATOM   729  C CB  . ILE A 1 93  ? -10.619 -11.629 -0.464  1.00 70.22 ? 150 ILE A CB  1 
ATOM   730  C CG1 . ILE A 1 93  ? -9.610  -12.534 0.256   1.00 69.96 ? 150 ILE A CG1 1 
ATOM   731  C CG2 . ILE A 1 93  ? -9.962  -10.423 -1.098  1.00 70.53 ? 150 ILE A CG2 1 
ATOM   732  C CD1 . ILE A 1 93  ? -8.843  -13.437 -0.686  1.00 68.96 ? 150 ILE A CD1 1 
ATOM   733  N N   . ASP A 1 94  ? -13.424 -12.611 -0.275  1.00 70.41 ? 151 ASP A N   1 
ATOM   734  C CA  . ASP A 1 94  ? -14.411 -13.674 -0.183  1.00 70.54 ? 151 ASP A CA  1 
ATOM   735  C C   . ASP A 1 94  ? -13.723 -15.038 -0.135  1.00 69.80 ? 151 ASP A C   1 
ATOM   736  O O   . ASP A 1 94  ? -12.623 -15.225 -0.658  1.00 69.15 ? 151 ASP A O   1 
ATOM   737  C CB  . ASP A 1 94  ? -15.415 -13.589 -1.336  1.00 71.16 ? 151 ASP A CB  1 
ATOM   738  C CG  . ASP A 1 94  ? -14.800 -13.049 -2.616  1.00 73.29 ? 151 ASP A CG  1 
ATOM   739  O OD1 . ASP A 1 94  ? -14.233 -11.913 -2.585  1.00 77.52 ? 151 ASP A OD1 1 
ATOM   740  O OD2 . ASP A 1 94  ? -14.892 -13.759 -3.648  1.00 75.99 ? 151 ASP A OD2 1 
ATOM   741  N N   . PHE A 1 95  ? -14.391 -15.985 0.506   1.00 69.41 ? 152 PHE A N   1 
ATOM   742  C CA  . PHE A 1 95  ? -13.861 -17.331 0.667   1.00 69.29 ? 152 PHE A CA  1 
ATOM   743  C C   . PHE A 1 95  ? -13.546 -18.030 -0.673  1.00 68.59 ? 152 PHE A C   1 
ATOM   744  O O   . PHE A 1 95  ? -12.775 -18.985 -0.711  1.00 67.91 ? 152 PHE A O   1 
ATOM   745  C CB  . PHE A 1 95  ? -14.834 -18.178 1.499   1.00 69.49 ? 152 PHE A CB  1 
ATOM   746  C CG  . PHE A 1 95  ? -14.304 -19.537 1.835   1.00 69.40 ? 152 PHE A CG  1 
ATOM   747  C CD1 . PHE A 1 95  ? -14.648 -20.648 1.060   1.00 69.68 ? 152 PHE A CD1 1 
ATOM   748  C CD2 . PHE A 1 95  ? -13.441 -19.703 2.906   1.00 69.38 ? 152 PHE A CD2 1 
ATOM   749  C CE1 . PHE A 1 95  ? -14.140 -21.903 1.359   1.00 69.77 ? 152 PHE A CE1 1 
ATOM   750  C CE2 . PHE A 1 95  ? -12.930 -20.944 3.219   1.00 69.70 ? 152 PHE A CE2 1 
ATOM   751  C CZ  . PHE A 1 95  ? -13.275 -22.053 2.446   1.00 69.72 ? 152 PHE A CZ  1 
ATOM   752  N N   . GLN A 1 96  ? -14.126 -17.536 -1.765  1.00 67.86 ? 153 GLN A N   1 
ATOM   753  C CA  . GLN A 1 96  ? -14.014 -18.195 -3.058  1.00 67.41 ? 153 GLN A CA  1 
ATOM   754  C C   . GLN A 1 96  ? -12.846 -17.634 -3.888  1.00 66.25 ? 153 GLN A C   1 
ATOM   755  O O   . GLN A 1 96  ? -12.220 -18.368 -4.654  1.00 65.48 ? 153 GLN A O   1 
ATOM   756  C CB  . GLN A 1 96  ? -15.342 -18.087 -3.812  1.00 68.08 ? 153 GLN A CB  1 
ATOM   757  C CG  . GLN A 1 96  ? -16.623 -18.245 -2.934  1.00 69.75 ? 153 GLN A CG  1 
ATOM   758  C CD  . GLN A 1 96  ? -17.123 -16.915 -2.299  1.00 71.16 ? 153 GLN A CD  1 
ATOM   759  O OE1 . GLN A 1 96  ? -17.373 -15.929 -3.000  1.00 73.03 ? 153 GLN A OE1 1 
ATOM   760  N NE2 . GLN A 1 96  ? -17.281 -16.908 -0.973  1.00 70.61 ? 153 GLN A NE2 1 
ATOM   761  N N   . THR A 1 97  ? -12.565 -16.337 -3.741  1.00 65.28 ? 154 THR A N   1 
ATOM   762  C CA  . THR A 1 97  ? -11.288 -15.760 -4.186  1.00 64.69 ? 154 THR A CA  1 
ATOM   763  C C   . THR A 1 97  ? -10.087 -16.403 -3.471  1.00 64.44 ? 154 THR A C   1 
ATOM   764  O O   . THR A 1 97  ? -9.076  -16.713 -4.101  1.00 64.15 ? 154 THR A O   1 
ATOM   765  C CB  . THR A 1 97  ? -11.216 -14.279 -3.877  1.00 64.68 ? 154 THR A CB  1 
ATOM   766  O OG1 . THR A 1 97  ? -12.221 -13.607 -4.621  1.00 65.26 ? 154 THR A OG1 1 
ATOM   767  N N   . LYS A 1 98  ? -10.201 -16.585 -2.158  1.00 63.92 ? 155 LYS A N   1 
ATOM   768  C CA  . LYS A 1 98  ? -9.146  -17.234 -1.384  1.00 64.39 ? 155 LYS A CA  1 
ATOM   769  C C   . LYS A 1 98  ? -8.902  -18.648 -1.879  1.00 63.81 ? 155 LYS A C   1 
ATOM   770  O O   . LYS A 1 98  ? -7.765  -19.058 -2.047  1.00 64.17 ? 155 LYS A O   1 
ATOM   771  C CB  . LYS A 1 98  ? -9.515  -17.284 0.098   1.00 64.63 ? 155 LYS A CB  1 
ATOM   772  C CG  . LYS A 1 98  ? -8.597  -18.153 0.975   1.00 65.04 ? 155 LYS A CG  1 
ATOM   773  C CD  . LYS A 1 98  ? -9.233  -18.465 2.321   1.00 65.73 ? 155 LYS A CD  1 
ATOM   774  C CE  . LYS A 1 98  ? -9.847  -17.263 2.996   1.00 66.95 ? 155 LYS A CE  1 
ATOM   775  N NZ  . LYS A 1 98  ? -10.330 -17.659 4.349   1.00 69.07 ? 155 LYS A NZ  1 
ATOM   776  N N   . THR A 1 99  ? -9.979  -19.393 -2.075  1.00 63.39 ? 156 THR A N   1 
ATOM   777  C CA  . THR A 1 99  ? -9.912  -20.740 -2.618  1.00 63.13 ? 156 THR A CA  1 
ATOM   778  C C   . THR A 1 99  ? -9.112  -20.759 -3.914  1.00 63.04 ? 156 THR A C   1 
ATOM   779  O O   . THR A 1 99  ? -8.219  -21.579 -4.055  1.00 63.27 ? 156 THR A O   1 
ATOM   780  C CB  . THR A 1 99  ? -11.328 -21.348 -2.829  1.00 63.22 ? 156 THR A CB  1 
ATOM   781  O OG1 . THR A 1 99  ? -11.967 -21.532 -1.560  1.00 63.87 ? 156 THR A OG1 1 
ATOM   782  C CG2 . THR A 1 99  ? -11.270 -22.705 -3.531  1.00 62.92 ? 156 THR A CG2 1 
ATOM   783  N N   . LEU A 1 100 ? -9.410  -19.854 -4.846  1.00 62.95 ? 157 LEU A N   1 
ATOM   784  C CA  . LEU A 1 100 ? -8.765  -19.886 -6.161  1.00 62.90 ? 157 LEU A CA  1 
ATOM   785  C C   . LEU A 1 100 ? -7.271  -19.617 -6.054  1.00 61.97 ? 157 LEU A C   1 
ATOM   786  O O   . LEU A 1 100 ? -6.461  -20.242 -6.724  1.00 62.02 ? 157 LEU A O   1 
ATOM   787  C CB  . LEU A 1 100 ? -9.414  -18.886 -7.122  1.00 62.80 ? 157 LEU A CB  1 
ATOM   788  C CG  . LEU A 1 100 ? -10.745 -19.345 -7.687  1.00 64.72 ? 157 LEU A CG  1 
ATOM   789  C CD1 . LEU A 1 100 ? -11.505 -18.205 -8.424  1.00 64.24 ? 157 LEU A CD1 1 
ATOM   790  C CD2 . LEU A 1 100 ? -10.539 -20.562 -8.624  1.00 65.79 ? 157 LEU A CD2 1 
ATOM   791  N N   . ILE A 1 101 ? -6.921  -18.676 -5.200  1.00 61.25 ? 158 ILE A N   1 
ATOM   792  C CA  . ILE A 1 101 ? -5.532  -18.389 -4.904  1.00 60.64 ? 158 ILE A CA  1 
ATOM   793  C C   . ILE A 1 101 ? -4.837  -19.651 -4.372  1.00 59.87 ? 158 ILE A C   1 
ATOM   794  O O   . ILE A 1 101 ? -3.836  -20.081 -4.918  1.00 58.95 ? 158 ILE A O   1 
ATOM   795  C CB  . ILE A 1 101 ? -5.430  -17.260 -3.845  1.00 60.65 ? 158 ILE A CB  1 
ATOM   796  C CG1 . ILE A 1 101 ? -5.853  -15.929 -4.450  1.00 60.44 ? 158 ILE A CG1 1 
ATOM   797  C CG2 . ILE A 1 101 ? -4.024  -17.174 -3.290  1.00 60.84 ? 158 ILE A CG2 1 
ATOM   798  C CD1 . ILE A 1 101 ? -6.064  -14.832 -3.426  1.00 61.00 ? 158 ILE A CD1 1 
ATOM   799  N N   . ALA A 1 102 ? -5.386  -20.207 -3.293  1.00 59.57 ? 159 ALA A N   1 
ATOM   800  C CA  . ALA A 1 102 ? -4.907  -21.456 -2.677  1.00 59.21 ? 159 ALA A CA  1 
ATOM   801  C C   . ALA A 1 102 ? -4.803  -22.601 -3.684  1.00 59.19 ? 159 ALA A C   1 
ATOM   802  O O   . ALA A 1 102 ? -3.867  -23.383 -3.620  1.00 58.64 ? 159 ALA A O   1 
ATOM   803  C CB  . ALA A 1 102 ? -5.823  -21.849 -1.542  1.00 58.94 ? 159 ALA A CB  1 
ATOM   804  N N   . GLN A 1 103 ? -5.775  -22.684 -4.603  1.00 59.38 ? 160 GLN A N   1 
ATOM   805  C CA  . GLN A 1 103 ? -5.737  -23.612 -5.748  1.00 59.73 ? 160 GLN A CA  1 
ATOM   806  C C   . GLN A 1 103 ? -4.615  -23.301 -6.738  1.00 59.53 ? 160 GLN A C   1 
ATOM   807  O O   . GLN A 1 103 ? -4.099  -24.210 -7.381  1.00 59.26 ? 160 GLN A O   1 
ATOM   808  C CB  . GLN A 1 103 ? -7.088  -23.623 -6.496  1.00 59.56 ? 160 GLN A CB  1 
ATOM   809  C CG  . GLN A 1 103 ? -8.177  -24.356 -5.718  1.00 60.64 ? 160 GLN A CG  1 
ATOM   810  C CD  . GLN A 1 103 ? -9.551  -24.356 -6.372  1.00 60.95 ? 160 GLN A CD  1 
ATOM   811  O OE1 . GLN A 1 103 ? -9.842  -23.583 -7.290  1.00 62.16 ? 160 GLN A OE1 1 
ATOM   812  N NE2 . GLN A 1 103 ? -10.407 -25.257 -5.895  1.00 63.39 ? 160 GLN A NE2 1 
ATOM   813  N N   . ASN A 1 104 ? -4.236  -22.029 -6.847  1.00 59.55 ? 161 ASN A N   1 
ATOM   814  C CA  . ASN A 1 104 ? -3.246  -21.589 -7.829  1.00 60.25 ? 161 ASN A CA  1 
ATOM   815  C C   . ASN A 1 104 ? -1.797  -21.472 -7.341  1.00 60.19 ? 161 ASN A C   1 
ATOM   816  O O   . ASN A 1 104 ? -0.888  -21.399 -8.153  1.00 60.04 ? 161 ASN A O   1 
ATOM   817  C CB  . ASN A 1 104 ? -3.696  -20.262 -8.473  1.00 60.35 ? 161 ASN A CB  1 
ATOM   818  C CG  . ASN A 1 104 ? -4.793  -20.463 -9.531  1.00 61.33 ? 161 ASN A CG  1 
ATOM   819  O OD1 . ASN A 1 104 ? -4.880  -21.513 -10.172 1.00 61.34 ? 161 ASN A OD1 1 
ATOM   820  N ND2 . ASN A 1 104 ? -5.635  -19.449 -9.707  1.00 64.01 ? 161 ASN A ND2 1 
ATOM   821  N N   . ILE A 1 105 ? -1.580  -21.477 -6.032  1.00 60.85 ? 162 ILE A N   1 
ATOM   822  C CA  . ILE A 1 105 ? -0.236  -21.289 -5.457  1.00 61.27 ? 162 ILE A CA  1 
ATOM   823  C C   . ILE A 1 105 ? 0.830   -22.207 -6.052  1.00 61.70 ? 162 ILE A C   1 
ATOM   824  O O   . ILE A 1 105 ? 1.980   -21.791 -6.247  1.00 61.61 ? 162 ILE A O   1 
ATOM   825  C CB  . ILE A 1 105 ? -0.253  -21.488 -3.931  1.00 61.26 ? 162 ILE A CB  1 
ATOM   826  C CG1 . ILE A 1 105 ? -0.876  -20.281 -3.259  1.00 62.05 ? 162 ILE A CG1 1 
ATOM   827  C CG2 . ILE A 1 105 ? 1.157   -21.661 -3.360  1.00 61.53 ? 162 ILE A CG2 1 
ATOM   828  C CD1 . ILE A 1 105 ? -1.150  -20.509 -1.805  1.00 64.03 ? 162 ILE A CD1 1 
ATOM   829  N N   . GLN A 1 106 ? 0.452   -23.450 -6.311  1.00 62.14 ? 163 GLN A N   1 
ATOM   830  C CA  . GLN A 1 106 ? 1.396   -24.440 -6.791  1.00 63.16 ? 163 GLN A CA  1 
ATOM   831  C C   . GLN A 1 106 ? 1.918   -24.067 -8.189  1.00 63.62 ? 163 GLN A C   1 
ATOM   832  O O   . GLN A 1 106 ? 3.116   -24.161 -8.458  1.00 63.59 ? 163 GLN A O   1 
ATOM   833  C CB  . GLN A 1 106 ? 0.762   -25.841 -6.791  1.00 63.14 ? 163 GLN A CB  1 
ATOM   834  N N   . GLU A 1 107 ? 1.016   -23.630 -9.062  1.00 64.29 ? 164 GLU A N   1 
ATOM   835  C CA  . GLU A 1 107 ? 1.377   -23.298 -10.447 1.00 64.94 ? 164 GLU A CA  1 
ATOM   836  C C   . GLU A 1 107 ? 1.142   -21.821 -10.695 1.00 65.19 ? 164 GLU A C   1 
ATOM   837  O O   . GLU A 1 107 ? 0.657   -21.438 -11.767 1.00 65.56 ? 164 GLU A O   1 
ATOM   838  C CB  . GLU A 1 107 ? 0.558   -24.137 -11.442 1.00 64.99 ? 164 GLU A CB  1 
ATOM   839  N N   . ALA A 1 108 ? 1.509   -21.002 -9.703  1.00 65.45 ? 165 ALA A N   1 
ATOM   840  C CA  . ALA A 1 108 ? 1.187   -19.566 -9.672  1.00 65.14 ? 165 ALA A CA  1 
ATOM   841  C C   . ALA A 1 108 ? 1.612   -18.853 -10.952 1.00 65.40 ? 165 ALA A C   1 
ATOM   842  O O   . ALA A 1 108 ? 2.640   -19.194 -11.573 1.00 65.22 ? 165 ALA A O   1 
ATOM   843  C CB  . ALA A 1 108 ? 1.835   -18.894 -8.458  1.00 64.76 ? 165 ALA A CB  1 
ATOM   844  N N   . THR A 1 109 ? 0.794   -17.878 -11.349 1.00 65.40 ? 166 THR A N   1 
ATOM   845  C CA  . THR A 1 109 ? 1.153   -16.952 -12.411 1.00 65.30 ? 166 THR A CA  1 
ATOM   846  C C   . THR A 1 109 ? 1.129   -15.525 -11.871 1.00 65.18 ? 166 THR A C   1 
ATOM   847  O O   . THR A 1 109 ? 0.779   -15.275 -10.716 1.00 65.10 ? 166 THR A O   1 
ATOM   848  C CB  . THR A 1 109 ? 0.224   -17.075 -13.691 1.00 65.24 ? 166 THR A CB  1 
ATOM   849  O OG1 . THR A 1 109 ? -0.981  -16.312 -13.529 1.00 64.57 ? 166 THR A OG1 1 
ATOM   850  C CG2 . THR A 1 109 ? -0.116  -18.515 -13.996 1.00 64.91 ? 166 THR A CG2 1 
ATOM   851  N N   . SER A 1 110 ? 1.506   -14.598 -12.742 1.00 65.30 ? 167 SER A N   1 
ATOM   852  C CA  . SER A 1 110 ? 1.498   -13.161 -12.451 1.00 65.57 ? 167 SER A CA  1 
ATOM   853  C C   . SER A 1 110 ? 0.110   -12.649 -12.013 1.00 64.71 ? 167 SER A C   1 
ATOM   854  O O   . SER A 1 110 ? 0.020   -11.678 -11.284 1.00 65.18 ? 167 SER A O   1 
ATOM   855  C CB  . SER A 1 110 ? 1.999   -12.390 -13.694 1.00 65.60 ? 167 SER A CB  1 
ATOM   856  O OG  . SER A 1 110 ? 1.885   -10.981 -13.534 1.00 67.96 ? 167 SER A OG  1 
ATOM   857  N N   . GLY A 1 111 ? -0.958  -13.309 -12.462 1.00 64.26 ? 168 GLY A N   1 
ATOM   858  C CA  . GLY A 1 111 ? -2.332  -12.921 -12.116 1.00 63.26 ? 168 GLY A CA  1 
ATOM   859  C C   . GLY A 1 111 ? -2.996  -13.774 -11.048 1.00 62.35 ? 168 GLY A C   1 
ATOM   860  O O   . GLY A 1 111 ? -4.223  -13.844 -10.962 1.00 61.57 ? 168 GLY A O   1 
ATOM   861  N N   . CYS A 1 112 ? -2.175  -14.418 -10.230 1.00 61.38 ? 169 CYS A N   1 
ATOM   862  C CA  . CYS A 1 112 ? -2.654  -15.147 -9.068  1.00 61.29 ? 169 CYS A CA  1 
ATOM   863  C C   . CYS A 1 112 ? -3.499  -14.293 -8.119  1.00 60.89 ? 169 CYS A C   1 
ATOM   864  O O   . CYS A 1 112 ? -4.485  -14.767 -7.575  1.00 60.13 ? 169 CYS A O   1 
ATOM   865  C CB  . CYS A 1 112 ? -1.466  -15.704 -8.281  1.00 61.05 ? 169 CYS A CB  1 
ATOM   866  S SG  . CYS A 1 112 ? -1.950  -16.952 -7.074  1.00 61.50 ? 169 CYS A SG  1 
ATOM   867  N N   . PHE A 1 113 ? -3.101  -13.036 -7.928  1.00 61.27 ? 170 PHE A N   1 
ATOM   868  C CA  . PHE A 1 113 ? -3.745  -12.145 -6.958  1.00 61.01 ? 170 PHE A CA  1 
ATOM   869  C C   . PHE A 1 113 ? -4.451  -10.971 -7.625  1.00 60.72 ? 170 PHE A C   1 
ATOM   870  O O   . PHE A 1 113 ? -4.798  -10.002 -6.960  1.00 60.23 ? 170 PHE A O   1 
ATOM   871  C CB  . PHE A 1 113 ? -2.704  -11.592 -5.991  1.00 60.86 ? 170 PHE A CB  1 
ATOM   872  C CG  . PHE A 1 113 ? -1.937  -12.644 -5.219  1.00 61.34 ? 170 PHE A CG  1 
ATOM   873  C CD1 . PHE A 1 113 ? -2.444  -13.164 -4.029  1.00 61.17 ? 170 PHE A CD1 1 
ATOM   874  C CD2 . PHE A 1 113 ? -0.685  -13.063 -5.643  1.00 61.01 ? 170 PHE A CD2 1 
ATOM   875  C CE1 . PHE A 1 113 ? -1.742  -14.106 -3.308  1.00 61.20 ? 170 PHE A CE1 1 
ATOM   876  C CE2 . PHE A 1 113 ? 0.027   -14.016 -4.917  1.00 60.96 ? 170 PHE A CE2 1 
ATOM   877  C CZ  . PHE A 1 113 ? -0.498  -14.533 -3.752  1.00 60.64 ? 170 PHE A CZ  1 
ATOM   878  N N   . THR A 1 114 ? -4.682  -11.034 -8.927  1.00 60.91 ? 171 THR A N   1 
ATOM   879  C CA  . THR A 1 114 ? -5.334  -9.908  -9.597  1.00 61.43 ? 171 THR A CA  1 
ATOM   880  C C   . THR A 1 114 ? -6.755  -9.639  -9.059  1.00 61.02 ? 171 THR A C   1 
ATOM   881  O O   . THR A 1 114 ? -7.090  -8.524  -8.691  1.00 60.90 ? 171 THR A O   1 
ATOM   882  C CB  . THR A 1 114 ? -5.372  -10.087 -11.124 1.00 61.86 ? 171 THR A CB  1 
ATOM   883  O OG1 . THR A 1 114 ? -6.022  -11.319 -11.423 1.00 64.13 ? 171 THR A OG1 1 
ATOM   884  C CG2 . THR A 1 114 ? -3.953  -10.076 -11.721 1.00 61.31 ? 171 THR A CG2 1 
ATOM   885  N N   . THR A 1 115 ? -7.593  -10.652 -8.993  1.00 61.39 ? 172 THR A N   1 
ATOM   886  C CA  . THR A 1 115 ? -8.937  -10.455 -8.445  1.00 61.56 ? 172 THR A CA  1 
ATOM   887  C C   . THR A 1 115 ? -8.869  -9.797  -7.064  1.00 61.37 ? 172 THR A C   1 
ATOM   888  O O   . THR A 1 115 ? -9.545  -8.807  -6.808  1.00 60.93 ? 172 THR A O   1 
ATOM   889  C CB  . THR A 1 115 ? -9.705  -11.785 -8.370  1.00 61.61 ? 172 THR A CB  1 
ATOM   890  O OG1 . THR A 1 115 ? -9.724  -12.384 -9.665  1.00 61.64 ? 172 THR A OG1 1 
ATOM   891  C CG2 . THR A 1 115 ? -11.165 -11.587 -7.874  1.00 62.65 ? 172 THR A CG2 1 
ATOM   892  N N   . ALA A 1 116 ? -8.032  -10.345 -6.189  1.00 61.41 ? 173 ALA A N   1 
ATOM   893  C CA  . ALA A 1 116 ? -7.911  -9.824  -4.837  1.00 61.47 ? 173 ALA A CA  1 
ATOM   894  C C   . ALA A 1 116 ? -7.283  -8.439  -4.826  1.00 61.25 ? 173 ALA A C   1 
ATOM   895  O O   . ALA A 1 116 ? -7.667  -7.588  -4.026  1.00 61.26 ? 173 ALA A O   1 
ATOM   896  C CB  . ALA A 1 116 ? -7.105  -10.790 -3.958  1.00 61.61 ? 173 ALA A CB  1 
ATOM   897  N N   . GLN A 1 117 ? -6.315  -8.213  -5.702  1.00 61.07 ? 174 GLN A N   1 
ATOM   898  C CA  . GLN A 1 117 ? -5.616  -6.925  -5.734  1.00 61.66 ? 174 GLN A CA  1 
ATOM   899  C C   . GLN A 1 117 ? -6.541  -5.786  -6.168  1.00 61.39 ? 174 GLN A C   1 
ATOM   900  O O   . GLN A 1 117 ? -6.505  -4.678  -5.606  1.00 60.74 ? 174 GLN A O   1 
ATOM   901  C CB  . GLN A 1 117 ? -4.402  -6.967  -6.678  1.00 61.70 ? 174 GLN A CB  1 
ATOM   902  C CG  . GLN A 1 117 ? -3.705  -5.625  -6.778  1.00 63.09 ? 174 GLN A CG  1 
ATOM   903  C CD  . GLN A 1 117 ? -2.335  -5.683  -7.404  1.00 64.59 ? 174 GLN A CD  1 
ATOM   904  O OE1 . GLN A 1 117 ? -2.101  -6.456  -8.322  1.00 66.61 ? 174 GLN A OE1 1 
ATOM   905  N NE2 . GLN A 1 117 ? -1.432  -4.833  -6.931  1.00 65.82 ? 174 GLN A NE2 1 
ATOM   906  N N   . LYS A 1 118 ? -7.347  -6.074  -7.189  1.00 61.13 ? 175 LYS A N   1 
ATOM   907  C CA  . LYS A 1 118 ? -8.184  -5.078  -7.810  1.00 61.23 ? 175 LYS A CA  1 
ATOM   908  C C   . LYS A 1 118 ? -9.260  -4.679  -6.809  1.00 61.19 ? 175 LYS A C   1 
ATOM   909  O O   . LYS A 1 118 ? -9.608  -3.503  -6.709  1.00 60.98 ? 175 LYS A O   1 
ATOM   910  C CB  . LYS A 1 118 ? -8.789  -5.643  -9.098  1.00 61.43 ? 175 LYS A CB  1 
ATOM   911  C CG  . LYS A 1 118 ? -9.553  -4.640  -9.944  1.00 62.65 ? 175 LYS A CG  1 
ATOM   912  N N   . ARG A 1 119 ? -9.779  -5.661  -6.070  1.00 60.77 ? 176 ARG A N   1 
ATOM   913  C CA  . ARG A 1 119 ? -10.743 -5.400  -5.005  1.00 61.08 ? 176 ARG A CA  1 
ATOM   914  C C   . ARG A 1 119 ? -10.094 -4.444  -4.000  1.00 60.95 ? 176 ARG A C   1 
ATOM   915  O O   . ARG A 1 119 ? -10.660 -3.402  -3.663  1.00 60.49 ? 176 ARG A O   1 
ATOM   916  C CB  . ARG A 1 119 ? -11.155 -6.719  -4.332  1.00 61.43 ? 176 ARG A CB  1 
ATOM   917  C CG  . ARG A 1 119 ? -12.422 -6.689  -3.466  1.00 63.50 ? 176 ARG A CG  1 
ATOM   918  C CD  . ARG A 1 119 ? -12.133 -6.333  -1.986  1.00 66.68 ? 176 ARG A CD  1 
ATOM   919  N NE  . ARG A 1 119 ? -13.327 -6.412  -1.114  1.00 68.30 ? 176 ARG A NE  1 
ATOM   920  C CZ  . ARG A 1 119 ? -13.384 -5.946  0.144   1.00 68.65 ? 176 ARG A CZ  1 
ATOM   921  N NH1 . ARG A 1 119 ? -14.495 -6.059  0.850   1.00 68.05 ? 176 ARG A NH1 1 
ATOM   922  N NH2 . ARG A 1 119 ? -12.327 -5.369  0.710   1.00 69.55 ? 176 ARG A NH2 1 
ATOM   923  N N   . VAL A 1 120 ? -8.881  -4.791  -3.567  1.00 60.82 ? 177 VAL A N   1 
ATOM   924  C CA  . VAL A 1 120 ? -8.146  -4.016  -2.576  1.00 60.83 ? 177 VAL A CA  1 
ATOM   925  C C   . VAL A 1 120 ? -7.766  -2.635  -3.115  1.00 60.81 ? 177 VAL A C   1 
ATOM   926  O O   . VAL A 1 120 ? -7.893  -1.646  -2.409  1.00 61.01 ? 177 VAL A O   1 
ATOM   927  C CB  . VAL A 1 120 ? -6.887  -4.792  -2.084  1.00 60.90 ? 177 VAL A CB  1 
ATOM   928  C CG1 . VAL A 1 120 ? -5.883  -3.869  -1.443  1.00 60.70 ? 177 VAL A CG1 1 
ATOM   929  C CG2 . VAL A 1 120 ? -7.291  -5.892  -1.114  1.00 60.50 ? 177 VAL A CG2 1 
ATOM   930  N N   . TYR A 1 121 ? -7.301  -2.572  -4.355  1.00 60.74 ? 178 TYR A N   1 
ATOM   931  C CA  . TYR A 1 121 ? -7.034  -1.289  -4.998  1.00 60.89 ? 178 TYR A CA  1 
ATOM   932  C C   . TYR A 1 121 ? -8.260  -0.390  -4.987  1.00 60.63 ? 178 TYR A C   1 
ATOM   933  O O   . TYR A 1 121 ? -8.194  0.761   -4.538  1.00 60.40 ? 178 TYR A O   1 
ATOM   934  C CB  . TYR A 1 121 ? -6.616  -1.466  -6.449  1.00 61.29 ? 178 TYR A CB  1 
ATOM   935  C CG  . TYR A 1 121 ? -6.237  -0.166  -7.092  1.00 62.06 ? 178 TYR A CG  1 
ATOM   936  C CD1 . TYR A 1 121 ? -7.156  0.578   -7.818  1.00 63.38 ? 178 TYR A CD1 1 
ATOM   937  C CD2 . TYR A 1 121 ? -4.948  0.338   -6.961  1.00 63.91 ? 178 TYR A CD2 1 
ATOM   938  C CE1 . TYR A 1 121 ? -6.791  1.790   -8.396  1.00 63.65 ? 178 TYR A CE1 1 
ATOM   939  C CE2 . TYR A 1 121 ? -4.567  1.532   -7.545  1.00 63.44 ? 178 TYR A CE2 1 
ATOM   940  C CZ  . TYR A 1 121 ? -5.486  2.253   -8.258  1.00 63.22 ? 178 TYR A CZ  1 
ATOM   941  O OH  . TYR A 1 121 ? -5.094  3.457   -8.813  1.00 64.57 ? 178 TYR A OH  1 
ATOM   942  N N   . SER A 1 122 ? -9.372  -0.913  -5.502  1.00 60.14 ? 179 SER A N   1 
ATOM   943  C CA  . SER A 1 122 ? -10.564 -0.115  -5.660  1.00 60.04 ? 179 SER A CA  1 
ATOM   944  C C   . SER A 1 122 ? -11.097 0.258   -4.294  1.00 59.90 ? 179 SER A C   1 
ATOM   945  O O   . SER A 1 122 ? -11.679 1.321   -4.136  1.00 60.06 ? 179 SER A O   1 
ATOM   946  C CB  . SER A 1 122 ? -11.608 -0.849  -6.491  1.00 60.31 ? 179 SER A CB  1 
ATOM   947  O OG  . SER A 1 122 ? -11.128 -1.043  -7.814  1.00 60.75 ? 179 SER A OG  1 
ATOM   948  N N   . LEU A 1 123 ? -10.853 -0.598  -3.301  1.00 59.84 ? 180 LEU A N   1 
ATOM   949  C CA  . LEU A 1 123 ? -11.215 -0.296  -1.915  1.00 59.46 ? 180 LEU A CA  1 
ATOM   950  C C   . LEU A 1 123 ? -10.511 0.982   -1.485  1.00 58.67 ? 180 LEU A C   1 
ATOM   951  O O   . LEU A 1 123 ? -11.143 1.943   -1.069  1.00 57.92 ? 180 LEU A O   1 
ATOM   952  C CB  . LEU A 1 123 ? -10.825 -1.453  -0.969  1.00 59.67 ? 180 LEU A CB  1 
ATOM   953  C CG  . LEU A 1 123 ? -11.296 -1.371  0.502   1.00 60.47 ? 180 LEU A CG  1 
ATOM   954  C CD1 . LEU A 1 123 ? -10.628 -0.241  1.305   1.00 61.13 ? 180 LEU A CD1 1 
ATOM   955  C CD2 . LEU A 1 123 ? -12.833 -1.231  0.563   1.00 61.84 ? 180 LEU A CD2 1 
ATOM   956  N N   . MET A 1 124 ? -9.192  0.979   -1.612  1.00 58.07 ? 181 MET A N   1 
ATOM   957  C CA  . MET A 1 124 ? -8.381  2.118   -1.217  1.00 57.63 ? 181 MET A CA  1 
ATOM   958  C C   . MET A 1 124 ? -8.703  3.352   -2.051  1.00 57.05 ? 181 MET A C   1 
ATOM   959  O O   . MET A 1 124 ? -8.868  4.438   -1.506  1.00 56.59 ? 181 MET A O   1 
ATOM   960  C CB  . MET A 1 124 ? -6.901  1.786   -1.332  1.00 57.42 ? 181 MET A CB  1 
ATOM   961  C CG  . MET A 1 124 ? -6.440  0.712   -0.383  1.00 57.81 ? 181 MET A CG  1 
ATOM   962  S SD  . MET A 1 124 ? -4.671  0.363   -0.475  1.00 58.20 ? 181 MET A SD  1 
ATOM   963  C CE  . MET A 1 124 ? -4.400  -0.175  -2.137  1.00 57.74 ? 181 MET A CE  1 
ATOM   964  N N   . GLU A 1 125 ? -8.812  3.168   -3.363  1.00 57.00 ? 182 GLU A N   1 
ATOM   965  C CA  . GLU A 1 125 ? -9.037  4.282   -4.287  1.00 57.35 ? 182 GLU A CA  1 
ATOM   966  C C   . GLU A 1 125 ? -10.318 5.039   -3.994  1.00 57.06 ? 182 GLU A C   1 
ATOM   967  O O   . GLU A 1 125 ? -10.321 6.258   -3.986  1.00 56.82 ? 182 GLU A O   1 
ATOM   968  C CB  . GLU A 1 125 ? -9.068  3.810   -5.744  1.00 57.02 ? 182 GLU A CB  1 
ATOM   969  C CG  . GLU A 1 125 ? -9.251  4.966   -6.727  1.00 58.24 ? 182 GLU A CG  1 
ATOM   970  C CD  . GLU A 1 125 ? -9.327  4.544   -8.188  1.00 58.76 ? 182 GLU A CD  1 
ATOM   971  O OE1 . GLU A 1 125 ? -8.816  5.321   -9.029  1.00 59.29 ? 182 GLU A OE1 1 
ATOM   972  O OE2 . GLU A 1 125 ? -9.908  3.463   -8.498  1.00 60.44 ? 182 GLU A OE2 1 
ATOM   973  N N   . ASN A 1 126 ? -11.403 4.307   -3.778  1.00 57.60 ? 183 ASN A N   1 
ATOM   974  C CA  . ASN A 1 126 ? -12.716 4.920   -3.561  1.00 57.90 ? 183 ASN A CA  1 
ATOM   975  C C   . ASN A 1 126 ? -12.991 5.220   -2.094  1.00 58.13 ? 183 ASN A C   1 
ATOM   976  O O   . ASN A 1 126 ? -13.945 5.921   -1.776  1.00 58.42 ? 183 ASN A O   1 
ATOM   977  C CB  . ASN A 1 126 ? -13.813 4.019   -4.115  1.00 57.75 ? 183 ASN A CB  1 
ATOM   978  C CG  . ASN A 1 126 ? -13.654 3.761   -5.605  1.00 58.12 ? 183 ASN A CG  1 
ATOM   979  O OD1 . ASN A 1 126 ? -12.890 2.883   -6.015  1.00 59.28 ? 183 ASN A OD1 1 
ATOM   980  N ND2 . ASN A 1 126 ? -14.368 4.529   -6.422  1.00 56.06 ? 183 ASN A ND2 1 
ATOM   981  N N   . ASN A 1 127 ? -12.135 4.719   -1.202  1.00 58.33 ? 184 ASN A N   1 
ATOM   982  C CA  . ASN A 1 127 ? -12.402 4.806   0.225   1.00 58.22 ? 184 ASN A CA  1 
ATOM   983  C C   . ASN A 1 127 ? -11.316 5.497   1.042   1.00 58.12 ? 184 ASN A C   1 
ATOM   984  O O   . ASN A 1 127 ? -11.498 6.644   1.452   1.00 57.62 ? 184 ASN A O   1 
ATOM   985  C CB  . ASN A 1 127 ? -12.685 3.414   0.760   1.00 58.53 ? 184 ASN A CB  1 
ATOM   986  C CG  . ASN A 1 127 ? -13.382 3.439   2.083   1.00 59.57 ? 184 ASN A CG  1 
ATOM   987  O OD1 . ASN A 1 127 ? -14.595 3.193   2.173   1.00 56.86 ? 184 ASN A OD1 1 
ATOM   988  N ND2 . ASN A 1 127 ? -12.615 3.736   3.140   1.00 61.85 ? 184 ASN A ND2 1 
ATOM   989  N N   . SER A 1 128 ? -10.186 4.824   1.280   1.00 58.29 ? 185 SER A N   1 
ATOM   990  C CA  . SER A 1 128 ? -9.190  5.358   2.222   1.00 58.14 ? 185 SER A CA  1 
ATOM   991  C C   . SER A 1 128 ? -8.449  6.562   1.673   1.00 57.60 ? 185 SER A C   1 
ATOM   992  O O   . SER A 1 128 ? -8.080  7.448   2.433   1.00 57.59 ? 185 SER A O   1 
ATOM   993  C CB  . SER A 1 128 ? -8.211  4.281   2.686   1.00 58.32 ? 185 SER A CB  1 
ATOM   994  O OG  . SER A 1 128 ? -7.878  3.422   1.627   1.00 59.75 ? 185 SER A OG  1 
ATOM   995  N N   . TYR A 1 129 ? -8.274  6.602   0.354   1.00 57.44 ? 186 TYR A N   1 
ATOM   996  C CA  . TYR A 1 129 ? -7.615  7.711   -0.326  1.00 57.41 ? 186 TYR A CA  1 
ATOM   997  C C   . TYR A 1 129 ? -8.341  9.058   -0.148  1.00 57.91 ? 186 TYR A C   1 
ATOM   998  O O   . TYR A 1 129 ? -7.723  10.013  0.335   1.00 58.15 ? 186 TYR A O   1 
ATOM   999  C CB  . TYR A 1 129 ? -7.394  7.345   -1.798  1.00 57.42 ? 186 TYR A CB  1 
ATOM   1000 C CG  . TYR A 1 129 ? -6.933  8.468   -2.711  1.00 57.28 ? 186 TYR A CG  1 
ATOM   1001 C CD1 . TYR A 1 129 ? -5.686  9.067   -2.526  1.00 57.29 ? 186 TYR A CD1 1 
ATOM   1002 C CD2 . TYR A 1 129 ? -7.718  8.891   -3.796  1.00 55.82 ? 186 TYR A CD2 1 
ATOM   1003 C CE1 . TYR A 1 129 ? -5.234  10.074  -3.355  1.00 56.07 ? 186 TYR A CE1 1 
ATOM   1004 C CE2 . TYR A 1 129 ? -7.278  9.908   -4.644  1.00 56.79 ? 186 TYR A CE2 1 
ATOM   1005 C CZ  . TYR A 1 129 ? -6.023  10.498  -4.411  1.00 58.02 ? 186 TYR A CZ  1 
ATOM   1006 O OH  . TYR A 1 129 ? -5.557  11.502  -5.226  1.00 57.14 ? 186 TYR A OH  1 
ATOM   1007 N N   . PRO A 1 130 ? -9.637  9.159   -0.538  1.00 58.14 ? 187 PRO A N   1 
ATOM   1008 C CA  . PRO A 1 130 ? -10.405 10.357  -0.191  1.00 58.45 ? 187 PRO A CA  1 
ATOM   1009 C C   . PRO A 1 130 ? -10.331 10.785  1.276   1.00 58.74 ? 187 PRO A C   1 
ATOM   1010 O O   . PRO A 1 130 ? -10.367 11.987  1.556   1.00 58.87 ? 187 PRO A O   1 
ATOM   1011 C CB  . PRO A 1 130 ? -11.843 9.959   -0.538  1.00 58.17 ? 187 PRO A CB  1 
ATOM   1012 C CG  . PRO A 1 130 ? -11.699 9.010   -1.633  1.00 58.46 ? 187 PRO A CG  1 
ATOM   1013 C CD  . PRO A 1 130 ? -10.443 8.241   -1.369  1.00 58.08 ? 187 PRO A CD  1 
ATOM   1014 N N   . ARG A 1 131 ? -10.248 9.815   2.193   1.00 59.11 ? 188 ARG A N   1 
ATOM   1015 C CA  . ARG A 1 131 ? -10.195 10.115  3.626   1.00 59.68 ? 188 ARG A CA  1 
ATOM   1016 C C   . ARG A 1 131 ? -8.807  10.617  3.948   1.00 59.02 ? 188 ARG A C   1 
ATOM   1017 O O   . ARG A 1 131 ? -8.656  11.522  4.776   1.00 59.39 ? 188 ARG A O   1 
ATOM   1018 C CB  . ARG A 1 131 ? -10.515 8.885   4.492   1.00 59.92 ? 188 ARG A CB  1 
ATOM   1019 C CG  . ARG A 1 131 ? -11.431 9.207   5.686   1.00 61.28 ? 188 ARG A CG  1 
ATOM   1020 C CD  . ARG A 1 131 ? -11.342 8.217   6.887   1.00 61.63 ? 188 ARG A CD  1 
ATOM   1021 N NE  . ARG A 1 131 ? -10.573 6.982   6.661   1.00 61.82 ? 188 ARG A NE  1 
ATOM   1022 C CZ  . ARG A 1 131 ? -10.972 5.961   5.905   1.00 64.08 ? 188 ARG A CZ  1 
ATOM   1023 N NH1 . ARG A 1 131 ? -10.215 4.871   5.790   1.00 62.85 ? 188 ARG A NH1 1 
ATOM   1024 N NH2 . ARG A 1 131 ? -12.125 6.029   5.244   1.00 66.10 ? 188 ARG A NH2 1 
ATOM   1025 N N   . PHE A 1 132 ? -7.801  10.015  3.302   1.00 58.03 ? 189 PHE A N   1 
ATOM   1026 C CA  . PHE A 1 132 ? -6.430  10.505  3.375   1.00 57.06 ? 189 PHE A CA  1 
ATOM   1027 C C   . PHE A 1 132 ? -6.364  11.981  3.028   1.00 56.76 ? 189 PHE A C   1 
ATOM   1028 O O   . PHE A 1 132 ? -5.797  12.765  3.773   1.00 56.38 ? 189 PHE A O   1 
ATOM   1029 C CB  . PHE A 1 132 ? -5.496  9.714   2.460   1.00 56.44 ? 189 PHE A CB  1 
ATOM   1030 C CG  . PHE A 1 132 ? -4.103  10.268  2.398   1.00 55.05 ? 189 PHE A CG  1 
ATOM   1031 C CD1 . PHE A 1 132 ? -3.667  10.959  1.286   1.00 53.11 ? 189 PHE A CD1 1 
ATOM   1032 C CD2 . PHE A 1 132 ? -3.241  10.144  3.486   1.00 56.18 ? 189 PHE A CD2 1 
ATOM   1033 C CE1 . PHE A 1 132 ? -2.397  11.494  1.244   1.00 54.94 ? 189 PHE A CE1 1 
ATOM   1034 C CE2 . PHE A 1 132 ? -1.944  10.673  3.440   1.00 55.20 ? 189 PHE A CE2 1 
ATOM   1035 C CZ  . PHE A 1 132 ? -1.531  11.346  2.325   1.00 54.60 ? 189 PHE A CZ  1 
ATOM   1036 N N   . LEU A 1 133 ? -6.968  12.344  1.904   1.00 56.79 ? 190 LEU A N   1 
ATOM   1037 C CA  . LEU A 1 133 ? -6.912  13.713  1.402   1.00 56.60 ? 190 LEU A CA  1 
ATOM   1038 C C   . LEU A 1 133 ? -7.593  14.713  2.309   1.00 57.07 ? 190 LEU A C   1 
ATOM   1039 O O   . LEU A 1 133 ? -7.199  15.874  2.346   1.00 57.15 ? 190 LEU A O   1 
ATOM   1040 C CB  . LEU A 1 133 ? -7.513  13.788  0.003   1.00 56.37 ? 190 LEU A CB  1 
ATOM   1041 C CG  . LEU A 1 133 ? -6.733  12.986  -1.046  1.00 55.66 ? 190 LEU A CG  1 
ATOM   1042 C CD1 . LEU A 1 133 ? -7.382  13.118  -2.412  1.00 54.98 ? 190 LEU A CD1 1 
ATOM   1043 C CD2 . LEU A 1 133 ? -5.242  13.391  -1.097  1.00 55.56 ? 190 LEU A CD2 1 
ATOM   1044 N N   . GLU A 1 134 ? -8.603  14.269  3.049   1.00 57.55 ? 191 GLU A N   1 
ATOM   1045 C CA  . GLU A 1 134 ? -9.293  15.146  3.996   1.00 58.00 ? 191 GLU A CA  1 
ATOM   1046 C C   . GLU A 1 134 ? -8.645  15.203  5.385   1.00 57.58 ? 191 GLU A C   1 
ATOM   1047 O O   . GLU A 1 134 ? -9.050  15.996  6.207   1.00 57.81 ? 191 GLU A O   1 
ATOM   1048 C CB  . GLU A 1 134 ? -10.758 14.728  4.112   1.00 58.29 ? 191 GLU A CB  1 
ATOM   1049 C CG  . GLU A 1 134 ? -11.544 14.880  2.791   1.00 59.33 ? 191 GLU A CG  1 
ATOM   1050 C CD  . GLU A 1 134 ? -12.897 14.185  2.817   1.00 59.64 ? 191 GLU A CD  1 
ATOM   1051 O OE1 . GLU A 1 134 ? -13.898 14.820  3.241   1.00 63.19 ? 191 GLU A OE1 1 
ATOM   1052 O OE2 . GLU A 1 134 ? -12.969 13.010  2.394   1.00 61.33 ? 191 GLU A OE2 1 
ATOM   1053 N N   . SER A 1 135 ? -7.624  14.383  5.642   1.00 57.45 ? 192 SER A N   1 
ATOM   1054 C CA  . SER A 1 135 ? -7.035  14.268  6.989   1.00 56.63 ? 192 SER A CA  1 
ATOM   1055 C C   . SER A 1 135 ? -6.332  15.543  7.412   1.00 56.64 ? 192 SER A C   1 
ATOM   1056 O O   . SER A 1 135 ? -5.763  16.223  6.583   1.00 55.66 ? 192 SER A O   1 
ATOM   1057 C CB  . SER A 1 135 ? -6.016  13.124  7.013   1.00 56.55 ? 192 SER A CB  1 
ATOM   1058 O OG  . SER A 1 135 ? -4.911  13.410  6.162   1.00 54.53 ? 192 SER A OG  1 
ATOM   1059 N N   . GLU A 1 136 ? -6.326  15.843  8.705   1.00 57.27 ? 193 GLU A N   1 
ATOM   1060 C CA  . GLU A 1 136 ? -5.525  16.966  9.196   1.00 58.27 ? 193 GLU A CA  1 
ATOM   1061 C C   . GLU A 1 136 ? -4.030  16.749  8.841   1.00 57.93 ? 193 GLU A C   1 
ATOM   1062 O O   . GLU A 1 136 ? -3.325  17.674  8.486   1.00 57.75 ? 193 GLU A O   1 
ATOM   1063 C CB  . GLU A 1 136 ? -5.753  17.186  10.709  1.00 58.58 ? 193 GLU A CB  1 
ATOM   1064 C CG  . GLU A 1 136 ? -6.991  18.111  11.061  1.00 58.93 ? 193 GLU A CG  1 
ATOM   1065 C CD  . GLU A 1 136 ? -7.550  17.920  12.504  1.00 60.75 ? 193 GLU A CD  1 
ATOM   1066 O OE1 . GLU A 1 136 ? -7.116  16.953  13.194  1.00 64.88 ? 193 GLU A OE1 1 
ATOM   1067 O OE2 . GLU A 1 136 ? -8.435  18.726  12.963  1.00 61.53 ? 193 GLU A OE2 1 
ATOM   1068 N N   . PHE A 1 137 ? -3.577  15.502  8.903   1.00 58.25 ? 194 PHE A N   1 
ATOM   1069 C CA  . PHE A 1 137 ? -2.187  15.132  8.600   1.00 57.80 ? 194 PHE A CA  1 
ATOM   1070 C C   . PHE A 1 137 ? -1.750  15.518  7.184   1.00 57.59 ? 194 PHE A C   1 
ATOM   1071 O O   . PHE A 1 137 ? -0.704  16.109  7.003   1.00 57.33 ? 194 PHE A O   1 
ATOM   1072 C CB  . PHE A 1 137 ? -2.019  13.635  8.839   1.00 57.72 ? 194 PHE A CB  1 
ATOM   1073 C CG  . PHE A 1 137 ? -0.703  13.081  8.384   1.00 58.30 ? 194 PHE A CG  1 
ATOM   1074 C CD1 . PHE A 1 137 ? 0.470   13.389  9.072   1.00 56.25 ? 194 PHE A CD1 1 
ATOM   1075 C CD2 . PHE A 1 137 ? -0.640  12.213  7.278   1.00 58.32 ? 194 PHE A CD2 1 
ATOM   1076 C CE1 . PHE A 1 137 ? 1.687   12.866  8.660   1.00 55.73 ? 194 PHE A CE1 1 
ATOM   1077 C CE2 . PHE A 1 137 ? 0.590   11.680  6.860   1.00 58.19 ? 194 PHE A CE2 1 
ATOM   1078 C CZ  . PHE A 1 137 ? 1.748   12.014  7.545   1.00 57.24 ? 194 PHE A CZ  1 
ATOM   1079 N N   . TYR A 1 138 ? -2.566  15.198  6.195   1.00 57.78 ? 195 TYR A N   1 
ATOM   1080 C CA  . TYR A 1 138 ? -2.272  15.549  4.821   1.00 58.19 ? 195 TYR A CA  1 
ATOM   1081 C C   . TYR A 1 138 ? -2.366  17.047  4.558   1.00 58.98 ? 195 TYR A C   1 
ATOM   1082 O O   . TYR A 1 138 ? -1.615  17.572  3.724   1.00 58.94 ? 195 TYR A O   1 
ATOM   1083 C CB  . TYR A 1 138 ? -3.224  14.823  3.864   1.00 58.26 ? 195 TYR A CB  1 
ATOM   1084 C CG  . TYR A 1 138 ? -3.023  15.230  2.416   1.00 58.32 ? 195 TYR A CG  1 
ATOM   1085 C CD1 . TYR A 1 138 ? -3.991  15.944  1.736   1.00 59.30 ? 195 TYR A CD1 1 
ATOM   1086 C CD2 . TYR A 1 138 ? -1.844  14.945  1.749   1.00 57.82 ? 195 TYR A CD2 1 
ATOM   1087 C CE1 . TYR A 1 138 ? -3.807  16.326  0.415   1.00 59.29 ? 195 TYR A CE1 1 
ATOM   1088 C CE2 . TYR A 1 138 ? -1.651  15.337  0.445   1.00 58.11 ? 195 TYR A CE2 1 
ATOM   1089 C CZ  . TYR A 1 138 ? -2.639  16.016  -0.220  1.00 58.29 ? 195 TYR A CZ  1 
ATOM   1090 O OH  . TYR A 1 138 ? -2.458  16.419  -1.522  1.00 58.09 ? 195 TYR A OH  1 
ATOM   1091 N N   . GLN A 1 139 ? -3.289  17.732  5.239   1.00 59.70 ? 196 GLN A N   1 
ATOM   1092 C CA  . GLN A 1 139 ? -3.457  19.164  5.047   1.00 60.55 ? 196 GLN A CA  1 
ATOM   1093 C C   . GLN A 1 139 ? -2.190  19.865  5.470   1.00 60.78 ? 196 GLN A C   1 
ATOM   1094 O O   . GLN A 1 139 ? -1.681  20.708  4.743   1.00 60.89 ? 196 GLN A O   1 
ATOM   1095 C CB  . GLN A 1 139 ? -4.597  19.742  5.877   1.00 60.93 ? 196 GLN A CB  1 
ATOM   1096 C CG  . GLN A 1 139 ? -5.952  19.061  5.768   1.00 63.25 ? 196 GLN A CG  1 
ATOM   1097 C CD  . GLN A 1 139 ? -6.630  19.270  4.444   1.00 65.46 ? 196 GLN A CD  1 
ATOM   1098 O OE1 . GLN A 1 139 ? -6.174  18.745  3.416   1.00 66.76 ? 196 GLN A OE1 1 
ATOM   1099 N NE2 . GLN A 1 139 ? -7.748  20.026  4.453   1.00 64.57 ? 196 GLN A NE2 1 
ATOM   1100 N N   . ASP A 1 140 ? -1.693  19.523  6.659   1.00 61.22 ? 197 ASP A N   1 
ATOM   1101 C CA  . ASP A 1 140 ? -0.441  20.095  7.171   1.00 61.65 ? 197 ASP A CA  1 
ATOM   1102 C C   . ASP A 1 140 ? 0.754   19.799  6.261   1.00 62.06 ? 197 ASP A C   1 
ATOM   1103 O O   . ASP A 1 140 ? 1.666   20.606  6.198   1.00 62.11 ? 197 ASP A O   1 
ATOM   1104 C CB  . ASP A 1 140 ? -0.135  19.583  8.584   1.00 61.78 ? 197 ASP A CB  1 
ATOM   1105 N N   . LEU A 1 141 ? 0.764   18.647  5.584   1.00 62.28 ? 198 LEU A N   1 
ATOM   1106 C CA  . LEU A 1 141 ? 1.833   18.342  4.624   1.00 63.17 ? 198 LEU A CA  1 
ATOM   1107 C C   . LEU A 1 141 ? 1.774   19.279  3.424   1.00 63.49 ? 198 LEU A C   1 
ATOM   1108 O O   . LEU A 1 141 ? 2.798   19.640  2.881   1.00 63.23 ? 198 LEU A O   1 
ATOM   1109 C CB  . LEU A 1 141 ? 1.760   16.899  4.118   1.00 63.08 ? 198 LEU A CB  1 
ATOM   1110 C CG  . LEU A 1 141 ? 1.995   15.792  5.137   1.00 63.30 ? 198 LEU A CG  1 
ATOM   1111 C CD1 . LEU A 1 141 ? 1.839   14.473  4.443   1.00 63.90 ? 198 LEU A CD1 1 
ATOM   1112 C CD2 . LEU A 1 141 ? 3.363   15.893  5.785   1.00 64.07 ? 198 LEU A CD2 1 
ATOM   1113 N N   . CYS A 1 142 ? 0.565   19.652  3.025   1.00 64.12 ? 199 CYS A N   1 
ATOM   1114 C CA  . CYS A 1 142 ? 0.360   20.580  1.931   1.00 65.25 ? 199 CYS A CA  1 
ATOM   1115 C C   . CYS A 1 142 ? 0.585   22.054  2.255   1.00 66.16 ? 199 CYS A C   1 
ATOM   1116 O O   . CYS A 1 142 ? 0.813   22.836  1.349   1.00 65.93 ? 199 CYS A O   1 
ATOM   1117 C CB  . CYS A 1 142 ? -1.049  20.409  1.390   1.00 65.06 ? 199 CYS A CB  1 
ATOM   1118 S SG  . CYS A 1 142 ? -1.228  18.806  0.685   1.00 64.58 ? 199 CYS A SG  1 
ATOM   1119 N N   . LYS A 1 143 ? 0.508   22.423  3.530   1.00 68.18 ? 200 LYS A N   1 
ATOM   1120 C CA  . LYS A 1 143 ? 0.643   23.818  3.969   1.00 69.53 ? 200 LYS A CA  1 
ATOM   1121 C C   . LYS A 1 143 ? 2.067   24.311  3.698   1.00 71.15 ? 200 LYS A C   1 
ATOM   1122 O O   . LYS A 1 143 ? 3.044   23.653  4.091   1.00 71.31 ? 200 LYS A O   1 
ATOM   1123 C CB  . LYS A 1 143 ? 0.311   23.940  5.457   1.00 69.47 ? 200 LYS A CB  1 
ATOM   1124 C CG  . LYS A 1 143 ? 0.037   25.352  5.954   1.00 70.42 ? 200 LYS A CG  1 
ATOM   1125 N N   . LYS A 1 144 ? 2.163   25.438  2.979   1.00 72.85 ? 201 LYS A N   1 
ATOM   1126 C CA  . LYS A 1 144 ? 3.427   26.143  2.733   1.00 74.20 ? 201 LYS A CA  1 
ATOM   1127 C C   . LYS A 1 144 ? 3.749   26.999  3.969   1.00 75.54 ? 201 LYS A C   1 
ATOM   1128 O O   . LYS A 1 144 ? 2.851   27.683  4.497   1.00 75.88 ? 201 LYS A O   1 
ATOM   1129 C CB  . LYS A 1 144 ? 3.296   27.066  1.508   1.00 74.26 ? 201 LYS A CB  1 
ATOM   1130 C CG  . LYS A 1 144 ? 2.838   26.391  0.202   1.00 74.19 ? 201 LYS A CG  1 
ATOM   1131 C CD  . LYS A 1 144 ? 3.885   26.444  -0.910  1.00 74.55 ? 201 LYS A CD  1 
ATOM   1132 C CE  . LYS A 1 144 ? 3.728   27.662  -1.833  1.00 75.06 ? 201 LYS A CE  1 
ATOM   1133 N NZ  . LYS A 1 144 ? 3.056   27.352  -3.138  1.00 74.46 ? 201 LYS A NZ  1 
ATOM   1134 N N   . PRO A 1 145 ? 5.024   27.021  4.413   1.00 76.92 ? 202 PRO A N   1 
ATOM   1135 C CA  . PRO A 1 145 ? 5.293   27.668  5.720   1.00 77.64 ? 202 PRO A CA  1 
ATOM   1136 C C   . PRO A 1 145 ? 5.263   29.199  5.680   1.00 78.01 ? 202 PRO A C   1 
ATOM   1137 O O   . PRO A 1 145 ? 5.007   29.778  4.619   1.00 78.18 ? 202 PRO A O   1 
ATOM   1138 C CB  . PRO A 1 145 ? 6.704   27.167  6.085   1.00 77.76 ? 202 PRO A CB  1 
ATOM   1139 C CG  . PRO A 1 145 ? 7.066   26.127  5.005   1.00 77.87 ? 202 PRO A CG  1 
ATOM   1140 C CD  . PRO A 1 145 ? 6.263   26.514  3.802   1.00 77.12 ? 202 PRO A CD  1 
ATOM   1141 N N   . GLN A 1 146 ? 5.527   29.822  6.834   1.00 78.31 ? 203 GLN A N   1 
ATOM   1142 C CA  . GLN A 1 146 ? 5.597   31.294  7.009   1.00 78.66 ? 203 GLN A CA  1 
ATOM   1143 C C   . GLN A 1 146 ? 4.226   31.872  7.355   1.00 78.36 ? 203 GLN A C   1 
ATOM   1144 O O   . GLN A 1 146 ? 4.060   32.518  8.377   1.00 77.37 ? 203 GLN A O   1 
ATOM   1145 C CB  . GLN A 1 146 ? 6.167   32.030  5.775   1.00 79.07 ? 203 GLN A CB  1 
ATOM   1146 C CG  . GLN A 1 146 ? 7.557   31.568  5.298   1.00 80.21 ? 203 GLN A CG  1 
ATOM   1147 C CD  . GLN A 1 146 ? 8.716   32.209  6.059   1.00 81.81 ? 203 GLN A CD  1 
ATOM   1148 O OE1 . GLN A 1 146 ? 9.870   32.134  5.619   1.00 82.07 ? 203 GLN A OE1 1 
ATOM   1149 N NE2 . GLN A 1 146 ? 8.416   32.845  7.195   1.00 81.98 ? 203 GLN A NE2 1 
HETATM 1150 O O   . HOH B 2 .   ? -2.337  -18.152 -11.022 1.00 30.14 ? 1   HOH A O   1 
HETATM 1151 O O   . HOH B 2 .   ? 9.064   9.677   -5.982  1.00 47.38 ? 2   HOH A O   1 
HETATM 1152 O O   . HOH B 2 .   ? -7.620  0.729   3.357   1.00 59.23 ? 3   HOH A O   1 
HETATM 1153 O O   . HOH B 2 .   ? 5.600   18.667  3.724   1.00 51.03 ? 4   HOH A O   1 
HETATM 1154 O O   . HOH B 2 .   ? 1.130   4.499   -9.476  1.00 68.33 ? 5   HOH A O   1 
HETATM 1155 O O   . HOH B 2 .   ? 2.958   -13.757 8.401   1.00 49.30 ? 6   HOH A O   1 
HETATM 1156 O O   . HOH B 2 .   ? -11.205 13.571  -0.646  1.00 43.01 ? 7   HOH A O   1 
HETATM 1157 O O   . HOH B 2 .   ? 4.543   -20.888 -10.584 1.00 54.81 ? 8   HOH A O   1 
HETATM 1158 O O   . HOH B 2 .   ? -7.156  -13.039 -6.722  1.00 52.99 ? 9   HOH A O   1 
HETATM 1159 O O   . HOH B 2 .   ? -11.682 -2.761  -10.688 1.00 58.72 ? 10  HOH A O   1 
HETATM 1160 O O   . HOH B 2 .   ? 18.732  12.974  5.152   1.00 32.18 ? 11  HOH A O   1 
HETATM 1161 O O   . HOH B 2 .   ? -8.430  -15.710 -6.773  1.00 52.12 ? 12  HOH A O   1 
HETATM 1162 O O   . HOH B 2 .   ? 5.833   13.261  -4.916  1.00 64.08 ? 13  HOH A O   1 
HETATM 1163 O O   . HOH B 2 .   ? 12.623  16.125  1.516   1.00 63.00 ? 14  HOH A O   1 
HETATM 1164 O O   . HOH B 2 .   ? -0.927  -11.346 -9.174  1.00 51.72 ? 15  HOH A O   1 
HETATM 1165 O O   . HOH B 2 .   ? -5.075  13.579  10.775  1.00 59.57 ? 16  HOH A O   1 
HETATM 1166 O O   . HOH B 2 .   ? 7.683   5.013   0.670   1.00 57.48 ? 17  HOH A O   1 
# 
